data_6HRD
#
_entry.id   6HRD
#
_cell.length_a   90.220
_cell.length_b   90.220
_cell.length_c   284.670
_cell.angle_alpha   90.00
_cell.angle_beta   90.00
_cell.angle_gamma   90.00
#
_symmetry.space_group_name_H-M   'P 43'
#
loop_
_entity.id
_entity.type
_entity.pdbx_description
1 polymer '3-hydroxybutyryl-CoA dehydrogenase'
2 non-polymer GLYCEROL
3 water water
#
_entity_poly.entity_id   1
_entity_poly.type   'polypeptide(L)'
_entity_poly.pdbx_seq_one_letter_code
;MGSSHHHHHHSSGLVPRGSHMSDAIQRVGVVGAGQMGSGIAEVSARAGVEVTVFEPAEALITAGRNRIVKSLERAVSAGK
VTERERDRALGLLTFTTDLNDLSDRQLVIEAVVEDEAVKSEIFAELDRVVTDPDAVLASNTSSIPIMKVAAATKQPQRVL
GLHFFNPVPVLPLVELVRTLVTDEAAAARTEEFASTVLGKQVVRCSDRSGFVVNALLVPYLLSAIRMVEAGFATVEDVDK
AVVAGLSHPMGPLRLSDLVGLDTLKLIADKMFEEFKEPHYGPPPLLLRMVEAGQLGKKSGRGFYTYAAALEHHHHHH
;
_entity_poly.pdbx_strand_id   A,B,C,D,E,F
#
# COMPACT_ATOMS: atom_id res chain seq x y z
N ASP A 23 -11.39 33.74 36.54
CA ASP A 23 -10.69 32.57 37.17
C ASP A 23 -11.25 31.25 36.57
N ALA A 24 -12.41 30.81 37.08
CA ALA A 24 -13.07 29.54 36.71
C ALA A 24 -13.45 29.56 35.21
N ILE A 25 -13.60 28.38 34.61
CA ILE A 25 -13.76 28.22 33.17
C ILE A 25 -15.22 27.90 32.92
N GLN A 26 -15.88 28.72 32.11
CA GLN A 26 -17.26 28.52 31.75
C GLN A 26 -17.44 28.47 30.22
N ARG A 27 -16.45 28.94 29.43
CA ARG A 27 -16.53 29.03 27.95
C ARG A 27 -15.44 28.15 27.29
N VAL A 28 -15.88 27.04 26.68
CA VAL A 28 -14.95 26.01 26.13
C VAL A 28 -15.17 25.96 24.63
N GLY A 29 -14.05 25.81 23.89
CA GLY A 29 -14.08 25.57 22.47
C GLY A 29 -13.50 24.20 22.15
N VAL A 30 -14.03 23.52 21.13
CA VAL A 30 -13.45 22.26 20.63
C VAL A 30 -13.26 22.38 19.12
N VAL A 31 -12.04 22.10 18.66
CA VAL A 31 -11.72 22.02 17.20
C VAL A 31 -11.62 20.53 16.80
N GLY A 32 -12.49 20.05 15.91
CA GLY A 32 -12.49 18.69 15.48
C GLY A 32 -13.68 17.94 16.02
N ALA A 33 -14.33 17.13 15.18
CA ALA A 33 -15.57 16.49 15.60
C ALA A 33 -15.64 15.00 15.16
N GLY A 34 -14.48 14.33 15.12
CA GLY A 34 -14.38 12.88 15.20
C GLY A 34 -14.78 12.33 16.56
N GLN A 35 -14.42 11.07 16.80
CA GLN A 35 -14.80 10.34 18.01
C GLN A 35 -14.41 11.13 19.27
N MET A 36 -13.14 11.57 19.33
CA MET A 36 -12.56 12.19 20.50
C MET A 36 -13.14 13.62 20.66
N GLY A 37 -13.16 14.39 19.56
CA GLY A 37 -13.67 15.77 19.66
C GLY A 37 -15.12 15.80 20.13
N SER A 38 -15.92 14.87 19.58
CA SER A 38 -17.36 14.71 19.92
C SER A 38 -17.55 14.31 21.40
N GLY A 39 -16.74 13.37 21.92
CA GLY A 39 -16.77 12.95 23.35
C GLY A 39 -16.39 14.08 24.31
N ILE A 40 -15.37 14.88 23.94
CA ILE A 40 -14.88 16.01 24.71
C ILE A 40 -15.96 17.10 24.80
N ALA A 41 -16.63 17.38 23.67
CA ALA A 41 -17.70 18.36 23.68
C ALA A 41 -18.89 17.86 24.51
N GLU A 42 -19.27 16.59 24.33
CA GLU A 42 -20.37 15.95 25.09
C GLU A 42 -20.14 16.05 26.61
N VAL A 43 -18.97 15.61 27.10
CA VAL A 43 -18.70 15.63 28.55
C VAL A 43 -18.68 17.09 29.06
N SER A 44 -18.25 18.06 28.24
CA SER A 44 -18.23 19.47 28.69
C SER A 44 -19.65 20.04 28.79
N ALA A 45 -20.50 19.74 27.79
CA ALA A 45 -21.89 20.21 27.80
C ALA A 45 -22.73 19.51 28.91
N ARG A 46 -22.49 18.22 29.17
CA ARG A 46 -23.23 17.50 30.25
C ARG A 46 -22.83 18.04 31.63
N ALA A 47 -21.62 18.60 31.74
CA ALA A 47 -21.15 19.22 33.01
C ALA A 47 -21.66 20.65 33.17
N GLY A 48 -22.40 21.19 32.21
CA GLY A 48 -23.01 22.52 32.36
C GLY A 48 -22.20 23.71 31.82
N VAL A 49 -21.18 23.47 31.00
CA VAL A 49 -20.35 24.52 30.35
C VAL A 49 -20.92 24.87 28.96
N GLU A 50 -20.85 26.14 28.56
CA GLU A 50 -21.09 26.59 27.16
C GLU A 50 -19.95 26.07 26.25
N VAL A 51 -20.31 25.34 25.19
CA VAL A 51 -19.36 24.74 24.27
C VAL A 51 -19.66 25.19 22.84
N THR A 52 -18.61 25.67 22.15
CA THR A 52 -18.62 25.98 20.71
C THR A 52 -17.67 25.01 19.98
N VAL A 53 -18.23 24.26 19.02
CA VAL A 53 -17.51 23.28 18.23
C VAL A 53 -17.25 23.87 16.85
N PHE A 54 -15.98 23.91 16.40
CA PHE A 54 -15.59 24.45 15.10
C PHE A 54 -15.07 23.34 14.19
N GLU A 55 -15.51 23.36 12.92
CA GLU A 55 -14.91 22.60 11.83
C GLU A 55 -14.94 23.50 10.60
N PRO A 56 -14.02 23.34 9.64
CA PRO A 56 -13.98 24.23 8.47
C PRO A 56 -15.12 24.08 7.46
N ALA A 57 -15.91 22.98 7.54
CA ALA A 57 -16.91 22.63 6.51
C ALA A 57 -18.19 22.07 7.19
N GLU A 58 -19.32 22.37 6.57
CA GLU A 58 -20.65 22.07 7.06
C GLU A 58 -20.85 20.55 7.19
N ALA A 59 -20.34 19.77 6.24
CA ALA A 59 -20.36 18.28 6.32
C ALA A 59 -19.78 17.79 7.66
N LEU A 60 -18.68 18.40 8.14
CA LEU A 60 -17.99 17.93 9.32
C LEU A 60 -18.76 18.33 10.59
N ILE A 61 -19.34 19.53 10.61
CA ILE A 61 -20.24 19.92 11.67
C ILE A 61 -21.36 18.89 11.83
N THR A 62 -22.03 18.55 10.72
CA THR A 62 -23.24 17.71 10.85
C THR A 62 -22.85 16.31 11.29
N ALA A 63 -21.71 15.78 10.83
CA ALA A 63 -21.31 14.48 11.28
C ALA A 63 -20.96 14.51 12.77
N GLY A 64 -20.41 15.63 13.26
CA GLY A 64 -20.07 15.77 14.69
C GLY A 64 -21.32 15.85 15.57
N ARG A 65 -22.27 16.72 15.20
CA ARG A 65 -23.57 16.86 15.89
C ARG A 65 -24.29 15.49 15.97
N ASN A 66 -24.25 14.69 14.89
CA ASN A 66 -24.97 13.41 14.79
C ASN A 66 -24.33 12.40 15.78
N ARG A 67 -23.00 12.40 15.88
CA ARG A 67 -22.29 11.57 16.85
C ARG A 67 -22.81 11.87 18.27
N ILE A 68 -22.87 13.16 18.65
CA ILE A 68 -23.29 13.58 20.00
C ILE A 68 -24.76 13.21 20.23
N VAL A 69 -25.64 13.55 19.28
CA VAL A 69 -27.06 13.19 19.36
C VAL A 69 -27.19 11.67 19.61
N LYS A 70 -26.53 10.82 18.84
CA LYS A 70 -26.64 9.36 18.97
C LYS A 70 -26.07 8.88 20.32
N SER A 71 -24.95 9.44 20.76
CA SER A 71 -24.38 9.11 22.04
C SER A 71 -25.37 9.41 23.16
N LEU A 72 -25.93 10.63 23.15
CA LEU A 72 -26.87 11.05 24.17
C LEU A 72 -28.17 10.22 24.10
N GLU A 73 -28.63 9.83 22.91
CA GLU A 73 -29.84 8.96 22.76
C GLU A 73 -29.57 7.61 23.40
N ARG A 74 -28.38 7.03 23.22
CA ARG A 74 -28.04 5.73 23.87
C ARG A 74 -28.06 5.88 25.40
N ALA A 75 -27.53 7.00 25.90
CA ALA A 75 -27.41 7.23 27.33
C ALA A 75 -28.82 7.30 27.93
N VAL A 76 -29.75 7.96 27.24
CA VAL A 76 -31.14 8.03 27.66
C VAL A 76 -31.81 6.64 27.64
N SER A 77 -31.59 5.84 26.57
CA SER A 77 -32.20 4.49 26.42
C SER A 77 -31.71 3.61 27.57
N ALA A 78 -30.52 3.85 28.11
CA ALA A 78 -29.91 3.06 29.23
C ALA A 78 -30.14 3.66 30.63
N GLY A 79 -30.94 4.71 30.75
CA GLY A 79 -31.29 5.29 32.04
C GLY A 79 -30.17 5.99 32.78
N LYS A 80 -29.10 6.43 32.09
CA LYS A 80 -27.98 7.19 32.72
C LYS A 80 -28.20 8.71 32.66
N VAL A 81 -29.04 9.21 31.74
CA VAL A 81 -29.32 10.65 31.67
C VAL A 81 -30.82 10.79 31.36
N THR A 82 -31.46 11.81 31.92
CA THR A 82 -32.89 12.09 31.67
C THR A 82 -33.05 12.77 30.31
N GLU A 83 -34.30 12.87 29.87
CA GLU A 83 -34.63 13.56 28.63
C GLU A 83 -34.31 15.06 28.77
N ARG A 84 -34.65 15.66 29.92
CA ARG A 84 -34.34 17.06 30.19
C ARG A 84 -32.81 17.29 30.22
N GLU A 85 -32.02 16.33 30.76
CA GLU A 85 -30.56 16.50 30.81
C GLU A 85 -29.98 16.54 29.38
N ARG A 86 -30.47 15.61 28.54
CA ARG A 86 -30.10 15.49 27.15
C ARG A 86 -30.40 16.83 26.45
N ASP A 87 -31.61 17.35 26.63
CA ASP A 87 -32.02 18.62 26.00
C ASP A 87 -31.14 19.78 26.51
N ARG A 88 -30.85 19.81 27.81
CA ARG A 88 -30.03 20.88 28.38
C ARG A 88 -28.61 20.86 27.76
N ALA A 89 -28.01 19.67 27.67
CA ALA A 89 -26.68 19.43 27.04
C ALA A 89 -26.69 19.96 25.59
N LEU A 90 -27.70 19.56 24.79
CA LEU A 90 -27.81 20.01 23.39
C LEU A 90 -27.99 21.54 23.35
N GLY A 91 -28.71 22.10 24.32
CA GLY A 91 -28.93 23.56 24.39
C GLY A 91 -27.64 24.33 24.63
N LEU A 92 -26.62 23.69 25.21
CA LEU A 92 -25.36 24.35 25.52
C LEU A 92 -24.30 24.14 24.41
N LEU A 93 -24.63 23.39 23.33
CA LEU A 93 -23.71 23.15 22.20
C LEU A 93 -24.04 24.09 21.03
N THR A 94 -23.02 24.83 20.56
CA THR A 94 -23.07 25.76 19.36
C THR A 94 -22.06 25.24 18.32
N PHE A 95 -22.51 24.98 17.09
CA PHE A 95 -21.65 24.51 16.01
C PHE A 95 -21.47 25.62 14.99
N THR A 96 -20.24 25.78 14.51
CA THR A 96 -19.88 26.92 13.65
C THR A 96 -18.78 26.51 12.66
N THR A 97 -18.75 27.15 11.50
CA THR A 97 -17.59 27.07 10.57
C THR A 97 -16.85 28.43 10.52
N ASP A 98 -17.11 29.35 11.45
CA ASP A 98 -16.34 30.62 11.51
C ASP A 98 -15.43 30.60 12.76
N LEU A 99 -14.11 30.58 12.53
CA LEU A 99 -13.12 30.48 13.62
C LEU A 99 -13.19 31.68 14.59
N ASN A 100 -13.69 32.82 14.11
CA ASN A 100 -13.83 33.99 14.93
C ASN A 100 -14.91 33.77 16.02
N ASP A 101 -15.82 32.81 15.86
CA ASP A 101 -16.76 32.51 16.94
C ASP A 101 -16.04 31.91 18.16
N LEU A 102 -14.73 31.61 18.09
CA LEU A 102 -13.97 31.08 19.20
C LEU A 102 -13.20 32.21 19.94
N SER A 103 -13.39 33.48 19.56
CA SER A 103 -12.57 34.58 20.10
C SER A 103 -12.78 34.80 21.60
N ASP A 104 -13.93 34.35 22.15
CA ASP A 104 -14.29 34.60 23.54
C ASP A 104 -14.06 33.36 24.45
N ARG A 105 -13.35 32.33 23.98
CA ARG A 105 -13.15 31.10 24.73
C ARG A 105 -12.06 31.29 25.83
N GLN A 106 -12.23 30.58 26.96
CA GLN A 106 -11.22 30.49 28.05
C GLN A 106 -10.34 29.24 27.91
N LEU A 107 -10.85 28.20 27.23
CA LEU A 107 -10.12 26.91 27.01
C LEU A 107 -10.57 26.37 25.66
N VAL A 108 -9.61 26.14 24.75
CA VAL A 108 -9.90 25.49 23.50
C VAL A 108 -9.13 24.16 23.48
N ILE A 109 -9.79 23.07 23.07
CA ILE A 109 -9.16 21.75 22.98
C ILE A 109 -9.20 21.32 21.52
N GLU A 110 -8.02 21.04 20.95
CA GLU A 110 -7.86 20.56 19.55
C GLU A 110 -7.79 19.03 19.55
N ALA A 111 -8.65 18.43 18.73
CA ALA A 111 -8.65 17.00 18.50
C ALA A 111 -8.90 16.64 17.03
N VAL A 112 -7.96 16.99 16.15
CA VAL A 112 -8.04 16.76 14.68
C VAL A 112 -7.04 15.67 14.34
N VAL A 113 -6.94 15.34 13.05
CA VAL A 113 -5.97 14.38 12.44
C VAL A 113 -4.55 14.59 13.02
N GLU A 114 -3.87 13.46 13.25
CA GLU A 114 -2.55 13.37 13.85
C GLU A 114 -1.48 13.76 12.82
N ASP A 115 -1.55 14.99 12.29
CA ASP A 115 -0.62 15.52 11.29
C ASP A 115 -0.02 16.85 11.76
N GLU A 116 1.31 16.88 11.93
CA GLU A 116 2.04 18.04 12.45
C GLU A 116 1.69 19.37 11.72
N ALA A 117 1.69 19.39 10.39
CA ALA A 117 1.48 20.66 9.67
C ALA A 117 0.04 21.17 9.81
N VAL A 118 -0.93 20.26 9.87
CA VAL A 118 -2.34 20.70 10.05
C VAL A 118 -2.53 21.27 11.46
N LYS A 119 -1.88 20.67 12.47
CA LYS A 119 -1.99 21.09 13.89
C LYS A 119 -1.33 22.47 14.10
N SER A 120 -0.13 22.68 13.54
CA SER A 120 0.63 23.99 13.58
C SER A 120 -0.17 25.16 13.01
N GLU A 121 -0.80 24.98 11.84
CA GLU A 121 -1.66 26.02 11.20
C GLU A 121 -2.85 26.38 12.11
N ILE A 122 -3.56 25.36 12.62
CA ILE A 122 -4.67 25.56 13.58
C ILE A 122 -4.20 26.31 14.85
N PHE A 123 -3.05 25.94 15.45
CA PHE A 123 -2.59 26.67 16.66
C PHE A 123 -2.18 28.10 16.32
N ALA A 124 -1.57 28.34 15.15
CA ALA A 124 -1.20 29.75 14.76
C ALA A 124 -2.47 30.62 14.70
N GLU A 125 -3.53 30.09 14.06
CA GLU A 125 -4.80 30.79 13.90
C GLU A 125 -5.56 30.90 15.23
N LEU A 126 -5.61 29.84 16.06
CA LEU A 126 -6.23 29.95 17.42
C LEU A 126 -5.52 31.05 18.25
N ASP A 127 -4.19 31.05 18.26
CA ASP A 127 -3.43 31.99 19.05
C ASP A 127 -3.78 33.43 18.64
N ARG A 128 -4.03 33.70 17.35
CA ARG A 128 -4.38 35.07 16.92
C ARG A 128 -5.80 35.42 17.39
N VAL A 129 -6.75 34.49 17.22
CA VAL A 129 -8.18 34.80 17.40
C VAL A 129 -8.62 34.83 18.88
N VAL A 130 -8.06 33.93 19.69
CA VAL A 130 -8.42 33.78 21.12
C VAL A 130 -7.58 34.76 21.97
N THR A 131 -8.14 35.95 22.25
CA THR A 131 -7.31 37.09 22.71
C THR A 131 -7.28 37.22 24.25
N ASP A 132 -8.13 36.53 25.00
CA ASP A 132 -8.02 36.57 26.50
C ASP A 132 -6.63 36.10 26.93
N PRO A 133 -5.83 36.95 27.58
CA PRO A 133 -4.51 36.55 28.03
C PRO A 133 -4.50 35.35 29.00
N ASP A 134 -5.62 35.14 29.71
CA ASP A 134 -5.79 33.99 30.66
C ASP A 134 -6.28 32.69 29.96
N ALA A 135 -6.53 32.73 28.65
CA ALA A 135 -7.02 31.55 27.95
C ALA A 135 -5.92 30.49 27.84
N VAL A 136 -6.36 29.22 27.73
CA VAL A 136 -5.49 28.06 27.53
C VAL A 136 -5.79 27.41 26.18
N LEU A 137 -4.75 27.14 25.37
CA LEU A 137 -4.86 26.34 24.14
C LEU A 137 -4.27 24.95 24.40
N ALA A 138 -5.11 23.90 24.32
CA ALA A 138 -4.72 22.52 24.64
C ALA A 138 -4.85 21.61 23.42
N SER A 139 -3.92 20.66 23.30
CA SER A 139 -3.96 19.62 22.26
C SER A 139 -4.22 18.27 22.92
N ASN A 140 -5.08 17.45 22.29
CA ASN A 140 -5.38 16.07 22.65
C ASN A 140 -4.44 15.08 21.94
N THR A 141 -3.39 15.54 21.27
CA THR A 141 -2.52 14.66 20.50
C THR A 141 -1.83 13.62 21.40
N SER A 142 -1.70 12.41 20.84
CA SER A 142 -0.93 11.23 21.35
C SER A 142 0.43 11.09 20.63
N SER A 143 0.69 11.83 19.54
CA SER A 143 1.78 11.43 18.71
C SER A 143 2.73 12.59 18.30
N ILE A 144 2.29 13.86 18.43
CA ILE A 144 3.10 15.04 18.05
C ILE A 144 3.60 15.63 19.38
N PRO A 145 4.88 15.99 19.53
CA PRO A 145 5.31 16.65 20.78
C PRO A 145 4.55 17.99 21.00
N ILE A 146 4.16 18.25 22.25
CA ILE A 146 3.40 19.47 22.59
C ILE A 146 4.23 20.72 22.28
N MET A 147 5.55 20.66 22.51
CA MET A 147 6.39 21.86 22.29
C MET A 147 6.31 22.32 20.80
N LYS A 148 6.16 21.39 19.87
CA LYS A 148 6.07 21.68 18.44
C LYS A 148 4.80 22.48 18.14
N VAL A 149 3.64 22.14 18.74
CA VAL A 149 2.45 22.96 18.51
C VAL A 149 2.53 24.28 19.31
N ALA A 150 3.13 24.28 20.51
CA ALA A 150 3.36 25.52 21.22
C ALA A 150 4.23 26.51 20.40
N ALA A 151 5.27 26.01 19.72
CA ALA A 151 6.20 26.89 18.99
C ALA A 151 5.50 27.50 17.76
N ALA A 152 4.33 27.00 17.34
CA ALA A 152 3.59 27.64 16.23
C ALA A 152 2.91 28.95 16.67
N THR A 153 2.91 29.29 17.96
CA THR A 153 2.12 30.43 18.46
C THR A 153 3.07 31.60 18.78
N LYS A 154 2.53 32.81 18.96
CA LYS A 154 3.33 33.95 19.46
C LYS A 154 3.39 33.98 21.00
N GLN A 155 2.51 33.23 21.69
CA GLN A 155 2.41 33.17 23.17
C GLN A 155 2.44 31.70 23.61
N PRO A 156 3.60 31.01 23.45
CA PRO A 156 3.70 29.59 23.75
C PRO A 156 3.40 29.17 25.21
N GLN A 157 3.50 30.10 26.16
CA GLN A 157 3.20 29.80 27.57
C GLN A 157 1.72 29.42 27.83
N ARG A 158 0.79 29.73 26.91
CA ARG A 158 -0.63 29.44 27.07
C ARG A 158 -0.95 27.99 26.62
N VAL A 159 0.03 27.26 26.06
CA VAL A 159 -0.22 25.95 25.34
C VAL A 159 0.19 24.75 26.23
N LEU A 160 -0.62 23.69 26.26
CA LEU A 160 -0.28 22.46 27.00
C LEU A 160 -0.98 21.28 26.34
N GLY A 161 -0.66 20.07 26.83
CA GLY A 161 -1.37 18.86 26.44
C GLY A 161 -2.52 18.56 27.42
N LEU A 162 -3.69 18.24 26.88
CA LEU A 162 -4.81 17.71 27.71
C LEU A 162 -5.34 16.47 26.99
N HIS A 163 -4.93 15.30 27.47
CA HIS A 163 -5.05 14.04 26.77
C HIS A 163 -6.17 13.20 27.41
N PHE A 164 -7.24 12.93 26.64
CA PHE A 164 -8.44 12.19 27.07
C PHE A 164 -8.41 10.74 26.53
N PHE A 165 -9.37 9.91 26.93
CA PHE A 165 -9.40 8.48 26.60
C PHE A 165 -10.83 8.05 26.27
N ASN A 166 -10.98 7.42 25.09
CA ASN A 166 -12.28 6.97 24.58
C ASN A 166 -12.75 5.81 25.47
N PRO A 167 -14.01 5.77 25.94
CA PRO A 167 -15.08 6.73 25.70
C PRO A 167 -15.01 7.87 26.71
N VAL A 168 -14.85 9.08 26.20
CA VAL A 168 -14.58 10.26 27.03
C VAL A 168 -15.68 10.47 28.06
N PRO A 169 -17.00 10.31 27.76
CA PRO A 169 -18.03 10.50 28.79
C PRO A 169 -17.95 9.46 29.93
N VAL A 170 -17.16 8.40 29.81
CA VAL A 170 -17.14 7.33 30.84
C VAL A 170 -15.78 7.26 31.59
N LEU A 171 -14.68 7.31 30.87
CA LEU A 171 -13.40 7.03 31.47
C LEU A 171 -12.90 8.23 32.28
N PRO A 172 -12.72 8.12 33.62
CA PRO A 172 -12.54 9.30 34.48
C PRO A 172 -11.07 9.75 34.64
N LEU A 173 -10.38 10.00 33.52
CA LEU A 173 -8.95 10.36 33.50
C LEU A 173 -8.67 11.38 32.39
N VAL A 174 -7.77 12.34 32.69
CA VAL A 174 -6.99 13.08 31.72
C VAL A 174 -5.54 13.11 32.17
N GLU A 175 -4.65 13.13 31.17
CA GLU A 175 -3.23 13.47 31.35
C GLU A 175 -3.02 14.95 31.00
N LEU A 176 -2.42 15.68 31.94
CA LEU A 176 -2.06 17.07 31.79
C LEU A 176 -0.54 17.18 31.58
N VAL A 177 -0.14 17.60 30.37
CA VAL A 177 1.26 17.65 29.93
C VAL A 177 1.72 19.12 29.80
N ARG A 178 2.61 19.54 30.70
CA ARG A 178 3.37 20.79 30.62
C ARG A 178 4.58 20.66 29.67
N THR A 179 4.76 21.66 28.80
CA THR A 179 6.00 21.82 28.05
C THR A 179 7.09 22.49 28.93
N LEU A 180 8.26 22.74 28.33
CA LEU A 180 9.32 23.57 28.91
C LEU A 180 8.85 24.98 29.30
N VAL A 181 7.84 25.57 28.60
CA VAL A 181 7.46 26.99 28.84
C VAL A 181 5.99 27.15 29.30
N THR A 182 5.21 26.07 29.43
CA THR A 182 3.82 26.22 29.90
C THR A 182 3.76 27.06 31.19
N ASP A 183 2.90 28.09 31.20
CA ASP A 183 2.68 28.97 32.38
C ASP A 183 2.03 28.12 33.51
N GLU A 184 2.55 28.25 34.73
CA GLU A 184 2.10 27.48 35.89
C GLU A 184 0.60 27.76 36.18
N ALA A 185 0.17 29.01 36.01
CA ALA A 185 -1.19 29.38 36.33
C ALA A 185 -2.16 28.82 35.27
N ALA A 186 -1.73 28.73 34.01
CA ALA A 186 -2.50 28.09 32.94
C ALA A 186 -2.74 26.61 33.27
N ALA A 187 -1.68 25.93 33.75
CA ALA A 187 -1.78 24.51 34.08
C ALA A 187 -2.74 24.31 35.27
N ALA A 188 -2.64 25.17 36.30
CA ALA A 188 -3.50 25.11 37.53
C ALA A 188 -4.98 25.35 37.17
N ARG A 189 -5.27 26.30 36.29
CA ARG A 189 -6.65 26.55 35.88
C ARG A 189 -7.23 25.32 35.17
N THR A 190 -6.45 24.68 34.29
CA THR A 190 -6.89 23.55 33.50
C THR A 190 -7.15 22.34 34.40
N GLU A 191 -6.24 22.07 35.33
CA GLU A 191 -6.35 21.00 36.30
C GLU A 191 -7.61 21.16 37.17
N GLU A 192 -7.86 22.38 37.65
CA GLU A 192 -9.05 22.66 38.40
C GLU A 192 -10.33 22.44 37.57
N PHE A 193 -10.33 22.85 36.28
CA PHE A 193 -11.44 22.56 35.35
C PHE A 193 -11.69 21.06 35.20
N ALA A 194 -10.67 20.28 34.91
CA ALA A 194 -10.81 18.85 34.64
C ALA A 194 -11.35 18.10 35.87
N SER A 195 -10.95 18.55 37.07
CA SER A 195 -11.24 17.90 38.35
C SER A 195 -12.64 18.27 38.86
N THR A 196 -12.86 19.56 39.04
CA THR A 196 -14.04 20.16 39.61
C THR A 196 -15.24 20.18 38.64
N VAL A 197 -15.00 20.37 37.33
CA VAL A 197 -16.11 20.49 36.39
C VAL A 197 -16.38 19.14 35.71
N LEU A 198 -15.36 18.53 35.12
CA LEU A 198 -15.52 17.31 34.37
C LEU A 198 -15.53 16.10 35.32
N GLY A 199 -15.08 16.26 36.55
CA GLY A 199 -15.11 15.16 37.49
C GLY A 199 -14.07 14.09 37.15
N LYS A 200 -12.97 14.45 36.47
CA LYS A 200 -11.93 13.48 36.13
C LYS A 200 -10.72 13.59 37.07
N GLN A 201 -10.03 12.48 37.21
CA GLN A 201 -8.67 12.36 37.79
C GLN A 201 -7.64 13.00 36.85
N VAL A 202 -6.67 13.71 37.42
CA VAL A 202 -5.66 14.43 36.65
C VAL A 202 -4.29 13.84 36.95
N VAL A 203 -3.59 13.44 35.90
CA VAL A 203 -2.27 12.89 36.01
C VAL A 203 -1.28 13.81 35.28
N ARG A 204 -0.21 14.20 35.96
CA ARG A 204 0.78 15.11 35.42
C ARG A 204 1.97 14.32 34.85
N CYS A 205 2.45 14.77 33.70
CA CYS A 205 3.77 14.30 33.26
C CYS A 205 4.44 15.26 32.26
N SER A 206 5.65 14.86 31.80
CA SER A 206 6.54 15.68 30.93
C SER A 206 6.20 15.34 29.49
N ASP A 207 6.67 16.19 28.58
CA ASP A 207 6.43 16.15 27.16
C ASP A 207 7.40 15.12 26.52
N ARG A 208 7.02 13.85 26.61
CA ARG A 208 7.77 12.68 26.11
C ARG A 208 6.78 11.77 25.37
N SER A 209 7.18 11.16 24.25
CA SER A 209 6.30 10.35 23.42
C SER A 209 5.56 9.29 24.26
N GLY A 210 4.23 9.24 24.11
CA GLY A 210 3.38 8.27 24.81
C GLY A 210 2.94 8.70 26.21
N PHE A 211 3.45 9.82 26.74
CA PHE A 211 3.13 10.28 28.13
C PHE A 211 3.24 9.11 29.14
N VAL A 212 2.21 8.87 29.98
CA VAL A 212 2.23 7.73 30.95
C VAL A 212 1.49 6.51 30.35
N VAL A 213 0.19 6.69 30.08
CA VAL A 213 -0.68 5.54 29.79
C VAL A 213 -0.26 4.80 28.52
N ASN A 214 -0.19 5.49 27.38
CA ASN A 214 0.21 4.85 26.11
C ASN A 214 1.63 4.30 26.20
N ALA A 215 2.50 4.98 26.93
CA ALA A 215 3.89 4.51 26.99
C ALA A 215 4.02 3.18 27.75
N LEU A 216 3.11 2.88 28.69
CA LEU A 216 3.09 1.54 29.39
C LEU A 216 2.30 0.51 28.58
N LEU A 217 1.14 0.91 28.02
CA LEU A 217 0.20 0.08 27.30
C LEU A 217 0.78 -0.47 25.99
N VAL A 218 1.30 0.40 25.12
CA VAL A 218 1.62 0.00 23.72
C VAL A 218 2.73 -1.05 23.69
N PRO A 219 3.87 -0.90 24.40
CA PRO A 219 4.90 -1.94 24.40
C PRO A 219 4.43 -3.30 24.94
N TYR A 220 3.52 -3.26 25.93
CA TYR A 220 2.87 -4.49 26.47
C TYR A 220 2.07 -5.14 25.33
N LEU A 221 1.23 -4.38 24.61
CA LEU A 221 0.42 -4.97 23.50
C LEU A 221 1.34 -5.55 22.40
N LEU A 222 2.38 -4.80 22.05
CA LEU A 222 3.37 -5.25 21.06
C LEU A 222 4.00 -6.59 21.50
N SER A 223 4.32 -6.76 22.79
CA SER A 223 4.98 -8.01 23.20
C SER A 223 4.02 -9.19 23.04
N ALA A 224 2.72 -8.97 23.31
CA ALA A 224 1.72 -10.01 23.08
C ALA A 224 1.67 -10.39 21.61
N ILE A 225 1.75 -9.40 20.72
CA ILE A 225 1.69 -9.65 19.27
C ILE A 225 2.90 -10.50 18.86
N ARG A 226 4.06 -10.24 19.48
CA ARG A 226 5.27 -11.01 19.18
C ARG A 226 5.12 -12.48 19.60
N MET A 227 4.50 -12.73 20.77
CA MET A 227 4.25 -14.10 21.19
C MET A 227 3.40 -14.84 20.16
N VAL A 228 2.33 -14.19 19.70
CA VAL A 228 1.43 -14.81 18.74
C VAL A 228 2.21 -15.08 17.44
N GLU A 229 2.98 -14.10 16.96
CA GLU A 229 3.67 -14.20 15.69
C GLU A 229 4.66 -15.37 15.72
N ALA A 230 5.34 -15.59 16.87
CA ALA A 230 6.35 -16.66 17.01
C ALA A 230 5.74 -18.03 17.31
N GLY A 231 4.41 -18.14 17.38
CA GLY A 231 3.73 -19.45 17.54
C GLY A 231 3.93 -20.00 18.94
N PHE A 232 4.27 -19.14 19.89
CA PHE A 232 4.55 -19.53 21.24
C PHE A 232 3.24 -19.78 22.03
N ALA A 233 2.18 -19.05 21.71
CA ALA A 233 0.84 -19.36 22.24
C ALA A 233 -0.18 -18.82 21.23
N THR A 234 -1.42 -19.35 21.28
CA THR A 234 -2.51 -18.85 20.40
C THR A 234 -3.03 -17.48 20.92
N VAL A 235 -3.74 -16.76 20.04
CA VAL A 235 -4.49 -15.56 20.36
C VAL A 235 -5.39 -15.83 21.59
N GLU A 236 -6.15 -16.92 21.56
CA GLU A 236 -7.17 -17.22 22.58
C GLU A 236 -6.49 -17.48 23.94
N ASP A 237 -5.37 -18.20 23.92
CA ASP A 237 -4.67 -18.57 25.18
C ASP A 237 -3.98 -17.33 25.81
N VAL A 238 -3.37 -16.47 25.00
CA VAL A 238 -2.79 -15.21 25.55
C VAL A 238 -3.89 -14.43 26.25
N ASP A 239 -5.02 -14.19 25.59
CA ASP A 239 -6.09 -13.35 26.15
C ASP A 239 -6.65 -13.99 27.42
N LYS A 240 -6.87 -15.31 27.38
CA LYS A 240 -7.36 -16.12 28.52
C LYS A 240 -6.43 -15.98 29.73
N ALA A 241 -5.14 -16.16 29.49
CA ALA A 241 -4.12 -16.06 30.52
C ALA A 241 -4.16 -14.67 31.21
N VAL A 242 -4.30 -13.59 30.42
CA VAL A 242 -4.30 -12.25 30.99
C VAL A 242 -5.59 -12.00 31.80
N VAL A 243 -6.77 -12.39 31.29
CA VAL A 243 -8.05 -12.07 32.00
C VAL A 243 -8.09 -12.84 33.34
N ALA A 244 -7.73 -14.13 33.31
CA ALA A 244 -7.86 -14.97 34.52
C ALA A 244 -6.71 -14.73 35.51
N GLY A 245 -5.49 -14.57 34.99
CA GLY A 245 -4.25 -14.46 35.83
C GLY A 245 -4.00 -13.05 36.35
N LEU A 246 -4.28 -12.02 35.53
CA LEU A 246 -4.08 -10.63 35.92
C LEU A 246 -5.39 -9.91 36.26
N SER A 247 -6.56 -10.53 36.00
CA SER A 247 -7.87 -9.85 36.25
C SER A 247 -8.03 -8.56 35.44
N HIS A 248 -7.43 -8.45 34.24
CA HIS A 248 -7.82 -7.36 33.33
C HIS A 248 -9.22 -7.63 32.74
N PRO A 249 -10.05 -6.61 32.41
CA PRO A 249 -11.34 -6.87 31.78
C PRO A 249 -11.18 -7.49 30.38
N MET A 250 -10.05 -7.26 29.71
CA MET A 250 -9.87 -7.66 28.35
C MET A 250 -8.38 -7.99 28.06
N GLY A 251 -8.13 -9.07 27.32
CA GLY A 251 -6.83 -9.50 26.99
C GLY A 251 -6.17 -8.59 25.95
N PRO A 252 -4.83 -8.66 25.75
CA PRO A 252 -4.15 -7.69 24.89
C PRO A 252 -4.47 -7.78 23.38
N LEU A 253 -4.86 -8.93 22.85
CA LEU A 253 -5.14 -8.99 21.43
C LEU A 253 -6.55 -8.42 21.12
N ARG A 254 -7.56 -8.83 21.91
CA ARG A 254 -8.85 -8.19 21.94
C ARG A 254 -8.72 -6.66 22.11
N LEU A 255 -7.89 -6.20 23.06
CA LEU A 255 -7.73 -4.77 23.31
C LEU A 255 -7.04 -4.08 22.11
N SER A 256 -6.04 -4.73 21.46
CA SER A 256 -5.42 -4.17 20.29
C SER A 256 -6.50 -3.92 19.21
N ASP A 257 -7.39 -4.90 19.01
CA ASP A 257 -8.49 -4.79 18.05
C ASP A 257 -9.40 -3.57 18.34
N LEU A 258 -9.65 -3.26 19.61
CA LEU A 258 -10.48 -2.12 20.01
C LEU A 258 -9.75 -0.79 19.81
N VAL A 259 -8.45 -0.74 20.18
CA VAL A 259 -7.64 0.43 19.93
C VAL A 259 -7.60 0.74 18.41
N GLY A 260 -7.54 -0.29 17.58
CA GLY A 260 -7.30 -0.11 16.19
C GLY A 260 -5.84 -0.37 15.85
N LEU A 261 -5.58 -1.29 14.90
CA LEU A 261 -4.23 -1.75 14.61
C LEU A 261 -3.40 -0.66 13.89
N ASP A 262 -4.05 0.17 13.06
CA ASP A 262 -3.44 1.37 12.45
C ASP A 262 -3.03 2.37 13.54
N THR A 263 -3.89 2.61 14.54
CA THR A 263 -3.59 3.56 15.64
C THR A 263 -2.37 3.05 16.45
N LEU A 264 -2.36 1.75 16.73
CA LEU A 264 -1.28 1.09 17.47
C LEU A 264 0.06 1.20 16.71
N LYS A 265 0.05 0.88 15.40
CA LYS A 265 1.21 1.06 14.56
C LYS A 265 1.74 2.51 14.62
N LEU A 266 0.85 3.52 14.53
CA LEU A 266 1.32 4.94 14.54
C LEU A 266 2.00 5.31 15.88
N ILE A 267 1.42 4.93 17.02
CA ILE A 267 2.04 5.23 18.33
C ILE A 267 3.39 4.51 18.46
N ALA A 268 3.45 3.26 18.00
CA ALA A 268 4.64 2.45 18.05
C ALA A 268 5.76 3.13 17.23
N ASP A 269 5.45 3.56 16.00
CA ASP A 269 6.41 4.24 15.11
C ASP A 269 6.96 5.51 15.80
N LYS A 270 6.10 6.29 16.48
CA LYS A 270 6.54 7.55 17.15
C LYS A 270 7.41 7.24 18.36
N MET A 271 7.06 6.17 19.09
CA MET A 271 7.84 5.80 20.26
C MET A 271 9.23 5.32 19.78
N PHE A 272 9.30 4.60 18.65
CA PHE A 272 10.62 4.11 18.22
C PHE A 272 11.49 5.32 17.83
N GLU A 273 10.86 6.27 17.13
CA GLU A 273 11.55 7.45 16.60
C GLU A 273 12.12 8.28 17.74
N GLU A 274 11.36 8.41 18.83
CA GLU A 274 11.82 9.15 19.98
C GLU A 274 12.92 8.38 20.72
N PHE A 275 12.71 7.10 21.02
CA PHE A 275 13.55 6.40 22.05
C PHE A 275 14.58 5.43 21.43
N LYS A 276 14.35 4.95 20.19
CA LYS A 276 15.31 4.13 19.43
C LYS A 276 15.49 2.70 19.96
N GLU A 277 14.68 2.25 20.90
CA GLU A 277 14.82 0.89 21.44
C GLU A 277 13.95 -0.05 20.61
N PRO A 278 14.47 -1.18 20.09
CA PRO A 278 13.73 -2.06 19.19
C PRO A 278 12.38 -2.60 19.68
N HIS A 279 12.20 -2.80 21.00
CA HIS A 279 10.96 -3.33 21.58
C HIS A 279 9.80 -2.29 21.46
N TYR A 280 10.10 -1.03 21.07
CA TYR A 280 9.04 -0.03 20.84
C TYR A 280 8.53 -0.12 19.39
N GLY A 281 9.29 -0.76 18.51
CA GLY A 281 8.98 -0.84 17.10
C GLY A 281 7.88 -1.85 16.79
N PRO A 282 7.04 -1.57 15.78
CA PRO A 282 5.97 -2.49 15.42
C PRO A 282 6.50 -3.82 14.90
N PRO A 283 5.99 -4.95 15.40
CA PRO A 283 6.36 -6.26 14.87
C PRO A 283 5.84 -6.53 13.46
N PRO A 284 6.55 -7.35 12.68
CA PRO A 284 6.14 -7.67 11.32
C PRO A 284 4.68 -8.13 11.11
N LEU A 285 4.13 -8.94 12.02
CA LEU A 285 2.72 -9.39 11.90
C LEU A 285 1.76 -8.17 11.94
N LEU A 286 2.02 -7.21 12.82
CA LEU A 286 1.21 -5.99 12.90
C LEU A 286 1.33 -5.22 11.59
N LEU A 287 2.54 -5.08 11.05
CA LEU A 287 2.72 -4.38 9.75
C LEU A 287 1.87 -5.06 8.66
N ARG A 288 1.93 -6.40 8.54
CA ARG A 288 1.27 -7.14 7.49
C ARG A 288 -0.25 -6.95 7.64
N MET A 289 -0.77 -6.97 8.87
CA MET A 289 -2.24 -6.81 9.12
C MET A 289 -2.69 -5.39 8.72
N VAL A 290 -1.93 -4.36 9.08
CA VAL A 290 -2.30 -2.97 8.67
C VAL A 290 -2.31 -2.87 7.13
N GLU A 291 -1.33 -3.48 6.47
CA GLU A 291 -1.20 -3.36 5.02
C GLU A 291 -2.38 -4.08 4.34
N ALA A 292 -2.89 -5.16 4.95
CA ALA A 292 -4.06 -5.91 4.42
C ALA A 292 -5.41 -5.23 4.74
N GLY A 293 -5.42 -4.14 5.50
CA GLY A 293 -6.70 -3.51 5.92
C GLY A 293 -7.38 -4.24 7.08
N GLN A 294 -6.66 -5.13 7.80
CA GLN A 294 -7.20 -5.85 8.95
C GLN A 294 -6.93 -5.01 10.20
N LEU A 295 -7.80 -4.04 10.50
CA LEU A 295 -7.51 -2.94 11.45
C LEU A 295 -8.15 -3.18 12.81
N GLY A 296 -8.84 -4.31 12.98
CA GLY A 296 -9.59 -4.63 14.20
C GLY A 296 -11.12 -4.51 14.05
N LYS A 297 -11.78 -4.07 15.14
CA LYS A 297 -13.27 -3.99 15.31
C LYS A 297 -13.81 -3.03 14.23
N LYS A 298 -13.10 -1.94 13.97
CA LYS A 298 -13.59 -0.91 13.04
C LYS A 298 -13.59 -1.36 11.57
N SER A 299 -12.86 -2.39 11.16
CA SER A 299 -12.89 -2.86 9.76
C SER A 299 -13.59 -4.22 9.64
N GLY A 300 -13.89 -4.89 10.75
CA GLY A 300 -14.52 -6.21 10.73
C GLY A 300 -13.55 -7.32 11.04
N ARG A 301 -12.23 -7.04 11.08
CA ARG A 301 -11.32 -8.05 11.52
C ARG A 301 -9.91 -7.54 11.80
N GLY A 302 -9.32 -8.19 12.81
CA GLY A 302 -7.94 -8.05 13.28
C GLY A 302 -7.48 -9.37 13.85
N PHE A 303 -7.24 -9.45 15.17
CA PHE A 303 -6.90 -10.75 15.77
C PHE A 303 -8.15 -11.66 15.87
N TYR A 304 -9.34 -11.05 15.87
CA TYR A 304 -10.63 -11.77 15.84
C TYR A 304 -11.50 -11.23 14.68
N THR A 305 -12.60 -11.97 14.35
CA THR A 305 -13.65 -11.59 13.40
C THR A 305 -14.80 -10.90 14.13
N TYR A 306 -15.28 -9.77 13.57
CA TYR A 306 -16.45 -9.00 14.07
C TYR A 306 -17.58 -8.97 13.01
N ALA A 307 -18.74 -9.55 13.32
CA ALA A 307 -19.93 -9.64 12.38
C ALA A 307 -20.87 -8.48 12.63
N ASP B 23 -7.36 -43.54 34.48
CA ASP B 23 -7.21 -42.24 33.68
C ASP B 23 -7.25 -41.00 34.61
N ALA B 24 -8.07 -41.08 35.68
CA ALA B 24 -8.62 -39.95 36.45
C ALA B 24 -7.94 -39.85 37.83
N ILE B 25 -7.53 -38.63 38.19
CA ILE B 25 -6.69 -38.39 39.35
C ILE B 25 -7.55 -38.19 40.62
N GLN B 26 -7.22 -38.95 41.65
CA GLN B 26 -7.85 -38.90 42.95
C GLN B 26 -6.79 -38.77 44.05
N ARG B 27 -5.49 -39.01 43.77
CA ARG B 27 -4.42 -39.03 44.82
C ARG B 27 -3.29 -38.07 44.42
N VAL B 28 -3.21 -36.93 45.13
CA VAL B 28 -2.27 -35.83 44.83
C VAL B 28 -1.26 -35.68 45.97
N GLY B 29 0.01 -35.47 45.61
CA GLY B 29 1.06 -35.07 46.55
C GLY B 29 1.47 -33.63 46.33
N VAL B 30 1.80 -32.93 47.43
CA VAL B 30 2.39 -31.55 47.34
C VAL B 30 3.71 -31.54 48.15
N VAL B 31 4.79 -31.08 47.49
CA VAL B 31 6.08 -30.96 48.15
C VAL B 31 6.31 -29.47 48.45
N GLY B 32 6.35 -29.13 49.75
CA GLY B 32 6.52 -27.77 50.24
C GLY B 32 5.21 -27.19 50.73
N ALA B 33 5.25 -26.38 51.81
CA ALA B 33 4.05 -25.85 52.47
C ALA B 33 4.21 -24.35 52.80
N GLY B 34 5.06 -23.65 52.06
CA GLY B 34 5.05 -22.20 52.01
C GLY B 34 3.70 -21.69 51.50
N GLN B 35 3.68 -20.46 51.00
CA GLN B 35 2.43 -19.82 50.59
C GLN B 35 1.82 -20.55 49.37
N MET B 36 2.63 -20.85 48.36
CA MET B 36 2.15 -21.49 47.14
C MET B 36 1.72 -22.94 47.40
N GLY B 37 2.56 -23.73 48.07
CA GLY B 37 2.25 -25.12 48.37
C GLY B 37 0.98 -25.29 49.20
N SER B 38 0.79 -24.42 50.20
CA SER B 38 -0.39 -24.47 51.08
C SER B 38 -1.63 -24.12 50.25
N GLY B 39 -1.47 -23.15 49.35
CA GLY B 39 -2.55 -22.76 48.38
C GLY B 39 -2.97 -23.91 47.44
N ILE B 40 -1.98 -24.65 46.93
CA ILE B 40 -2.20 -25.79 46.03
C ILE B 40 -2.86 -26.95 46.79
N ALA B 41 -2.40 -27.24 48.01
CA ALA B 41 -3.01 -28.29 48.84
C ALA B 41 -4.45 -27.93 49.20
N GLU B 42 -4.69 -26.66 49.56
CA GLU B 42 -6.06 -26.21 49.96
C GLU B 42 -7.07 -26.45 48.82
N VAL B 43 -6.74 -25.96 47.64
CA VAL B 43 -7.65 -25.99 46.53
C VAL B 43 -7.91 -27.46 46.08
N SER B 44 -6.89 -28.33 46.14
CA SER B 44 -7.05 -29.80 45.84
C SER B 44 -7.97 -30.48 46.87
N ALA B 45 -7.79 -30.17 48.16
CA ALA B 45 -8.63 -30.76 49.22
C ALA B 45 -10.08 -30.26 49.09
N ARG B 46 -10.26 -28.95 48.82
CA ARG B 46 -11.62 -28.42 48.63
C ARG B 46 -12.28 -29.01 47.38
N ALA B 47 -11.49 -29.39 46.37
CA ALA B 47 -12.03 -30.04 45.15
C ALA B 47 -12.42 -31.51 45.40
N GLY B 48 -12.11 -32.04 46.59
CA GLY B 48 -12.52 -33.39 47.05
C GLY B 48 -11.50 -34.48 46.69
N VAL B 49 -10.24 -34.09 46.42
CA VAL B 49 -9.16 -35.07 46.14
C VAL B 49 -8.38 -35.38 47.44
N GLU B 50 -7.82 -36.59 47.57
CA GLU B 50 -6.87 -36.89 48.71
C GLU B 50 -5.48 -36.28 48.46
N VAL B 51 -4.93 -35.61 49.48
CA VAL B 51 -3.70 -34.81 49.39
C VAL B 51 -2.72 -35.20 50.51
N THR B 52 -1.46 -35.60 50.19
CA THR B 52 -0.35 -35.66 51.19
C THR B 52 0.59 -34.47 50.95
N VAL B 53 0.82 -33.68 52.01
CA VAL B 53 1.79 -32.62 51.99
C VAL B 53 3.06 -33.13 52.69
N PHE B 54 4.20 -32.92 52.03
CA PHE B 54 5.52 -33.28 52.56
C PHE B 54 6.35 -32.01 52.77
N GLU B 55 6.95 -31.91 53.98
CA GLU B 55 8.13 -31.08 54.29
C GLU B 55 9.09 -31.96 55.10
N PRO B 56 10.43 -31.78 54.99
CA PRO B 56 11.37 -32.65 55.71
C PRO B 56 11.34 -32.45 57.25
N ALA B 57 11.17 -31.21 57.69
CA ALA B 57 11.24 -30.83 59.11
C ALA B 57 9.84 -30.58 59.68
N GLU B 58 9.57 -31.15 60.88
CA GLU B 58 8.24 -31.12 61.55
C GLU B 58 7.75 -29.67 61.82
N ALA B 59 8.69 -28.73 62.04
CA ALA B 59 8.40 -27.30 62.26
C ALA B 59 7.70 -26.67 61.03
N LEU B 60 8.16 -27.03 59.84
CA LEU B 60 7.61 -26.54 58.55
C LEU B 60 6.18 -27.07 58.35
N ILE B 61 5.93 -28.29 58.83
CA ILE B 61 4.62 -28.96 58.76
C ILE B 61 3.56 -28.15 59.53
N THR B 62 3.89 -27.70 60.74
CA THR B 62 2.92 -27.04 61.63
C THR B 62 2.59 -25.66 61.04
N ALA B 63 3.61 -24.96 60.54
CA ALA B 63 3.48 -23.71 59.76
C ALA B 63 2.44 -23.84 58.62
N GLY B 64 2.47 -24.98 57.93
CA GLY B 64 1.62 -25.24 56.75
C GLY B 64 0.16 -25.49 57.10
N ARG B 65 -0.09 -26.42 58.03
CA ARG B 65 -1.46 -26.71 58.49
C ARG B 65 -2.13 -25.40 58.91
N ASN B 66 -1.38 -24.56 59.63
CA ASN B 66 -1.90 -23.32 60.20
C ASN B 66 -2.21 -22.33 59.08
N ARG B 67 -1.32 -22.21 58.09
CA ARG B 67 -1.66 -21.43 56.87
C ARG B 67 -3.04 -21.86 56.37
N ILE B 68 -3.27 -23.17 56.26
CA ILE B 68 -4.45 -23.73 55.59
C ILE B 68 -5.70 -23.56 56.48
N VAL B 69 -5.57 -23.82 57.78
CA VAL B 69 -6.70 -23.61 58.69
C VAL B 69 -7.08 -22.12 58.76
N LYS B 70 -6.09 -21.23 58.93
CA LYS B 70 -6.33 -19.77 58.92
C LYS B 70 -7.15 -19.45 57.65
N SER B 71 -6.58 -19.84 56.49
CA SER B 71 -7.18 -19.65 55.16
C SER B 71 -8.64 -20.15 55.14
N LEU B 72 -8.87 -21.40 55.56
CA LEU B 72 -10.23 -21.98 55.50
C LEU B 72 -11.17 -21.20 56.44
N GLU B 73 -10.66 -20.77 57.62
CA GLU B 73 -11.44 -19.95 58.62
C GLU B 73 -11.81 -18.59 58.00
N ARG B 74 -10.81 -17.81 57.56
CA ARG B 74 -11.02 -16.48 56.92
C ARG B 74 -12.05 -16.58 55.79
N ALA B 75 -12.21 -17.79 55.23
CA ALA B 75 -13.13 -18.07 54.12
C ALA B 75 -14.52 -18.45 54.62
N VAL B 76 -14.61 -19.14 55.77
CA VAL B 76 -15.91 -19.40 56.44
C VAL B 76 -16.45 -18.08 57.01
N SER B 77 -15.53 -17.26 57.56
CA SER B 77 -15.81 -15.90 58.09
C SER B 77 -16.63 -15.11 57.07
N ALA B 78 -16.10 -15.01 55.84
CA ALA B 78 -16.69 -14.22 54.75
C ALA B 78 -17.72 -15.02 53.92
N GLY B 79 -18.39 -16.03 54.50
CA GLY B 79 -19.58 -16.67 53.92
C GLY B 79 -19.30 -17.78 52.91
N LYS B 80 -18.03 -17.98 52.54
CA LYS B 80 -17.62 -18.71 51.30
C LYS B 80 -17.85 -20.23 51.37
N VAL B 81 -17.90 -20.88 52.55
CA VAL B 81 -17.91 -22.40 52.61
C VAL B 81 -18.67 -22.95 53.85
N THR B 82 -19.55 -23.96 53.60
CA THR B 82 -20.34 -24.73 54.61
C THR B 82 -19.43 -25.32 55.70
N GLU B 83 -19.75 -25.02 56.96
CA GLU B 83 -19.02 -25.47 58.20
C GLU B 83 -18.35 -26.84 58.01
N ARG B 84 -19.12 -27.80 57.50
CA ARG B 84 -18.69 -29.19 57.33
C ARG B 84 -17.75 -29.34 56.10
N GLU B 85 -17.94 -28.56 55.02
CA GLU B 85 -17.00 -28.52 53.87
C GLU B 85 -15.58 -28.32 54.39
N ARG B 86 -15.38 -27.27 55.20
CA ARG B 86 -14.10 -26.95 55.83
C ARG B 86 -13.50 -28.21 56.46
N ASP B 87 -14.34 -28.99 57.15
CA ASP B 87 -13.92 -30.21 57.83
C ASP B 87 -13.74 -31.37 56.83
N ARG B 88 -14.56 -31.45 55.77
CA ARG B 88 -14.34 -32.40 54.65
C ARG B 88 -12.96 -32.14 54.03
N ALA B 89 -12.64 -30.86 53.80
CA ALA B 89 -11.35 -30.47 53.28
C ALA B 89 -10.22 -30.86 54.26
N LEU B 90 -10.35 -30.47 55.52
CA LEU B 90 -9.33 -30.81 56.49
C LEU B 90 -9.19 -32.33 56.58
N GLY B 91 -10.30 -33.07 56.44
CA GLY B 91 -10.32 -34.53 56.51
C GLY B 91 -9.53 -35.19 55.38
N LEU B 92 -9.38 -34.50 54.24
CA LEU B 92 -8.69 -35.02 53.05
C LEU B 92 -7.19 -34.65 53.02
N LEU B 93 -6.69 -33.89 54.01
CA LEU B 93 -5.27 -33.50 54.10
C LEU B 93 -4.52 -34.38 55.10
N THR B 94 -3.34 -34.86 54.65
CA THR B 94 -2.39 -35.63 55.47
C THR B 94 -1.01 -34.98 55.33
N PHE B 95 -0.35 -34.74 56.47
CA PHE B 95 0.97 -34.14 56.53
C PHE B 95 1.99 -35.20 56.93
N THR B 96 3.14 -35.22 56.25
CA THR B 96 4.18 -36.24 56.47
C THR B 96 5.58 -35.62 56.38
N THR B 97 6.54 -36.21 57.09
CA THR B 97 7.94 -35.84 56.95
C THR B 97 8.72 -36.99 56.32
N ASP B 98 8.00 -37.97 55.76
CA ASP B 98 8.59 -39.12 55.07
C ASP B 98 8.20 -39.15 53.57
N LEU B 99 9.17 -38.87 52.70
CA LEU B 99 8.92 -38.78 51.26
C LEU B 99 8.38 -40.11 50.69
N ASN B 100 8.57 -41.26 51.35
CA ASN B 100 8.16 -42.58 50.78
C ASN B 100 6.63 -42.76 50.83
N ASP B 101 5.96 -41.94 51.63
CA ASP B 101 4.50 -41.88 51.71
C ASP B 101 3.90 -41.32 50.39
N LEU B 102 4.70 -40.64 49.54
CA LEU B 102 4.19 -40.19 48.25
C LEU B 102 4.24 -41.29 47.17
N SER B 103 4.51 -42.57 47.51
CA SER B 103 4.75 -43.67 46.51
C SER B 103 3.50 -44.01 45.65
N ASP B 104 2.30 -43.76 46.19
CA ASP B 104 1.01 -44.09 45.59
C ASP B 104 0.39 -42.89 44.86
N ARG B 105 1.09 -41.76 44.78
CA ARG B 105 0.51 -40.53 44.20
C ARG B 105 0.39 -40.67 42.68
N GLN B 106 -0.68 -40.11 42.09
CA GLN B 106 -0.87 -40.05 40.59
C GLN B 106 -0.28 -38.73 40.02
N LEU B 107 -0.30 -37.65 40.82
CA LEU B 107 0.26 -36.32 40.51
C LEU B 107 0.90 -35.74 41.78
N VAL B 108 2.15 -35.31 41.64
CA VAL B 108 2.92 -34.66 42.67
C VAL B 108 3.37 -33.28 42.15
N ILE B 109 3.05 -32.25 42.93
CA ILE B 109 3.35 -30.89 42.60
C ILE B 109 4.43 -30.34 43.57
N GLU B 110 5.58 -29.91 43.04
CA GLU B 110 6.68 -29.34 43.88
C GLU B 110 6.58 -27.80 43.87
N ALA B 111 6.51 -27.20 45.07
CA ALA B 111 6.58 -25.74 45.26
C ALA B 111 7.54 -25.37 46.39
N VAL B 112 8.83 -25.66 46.20
CA VAL B 112 9.87 -25.37 47.21
C VAL B 112 10.66 -24.14 46.77
N VAL B 113 11.73 -23.85 47.50
CA VAL B 113 12.60 -22.69 47.26
C VAL B 113 13.13 -22.72 45.81
N GLU B 114 13.18 -21.54 45.17
CA GLU B 114 13.68 -21.38 43.80
C GLU B 114 15.22 -21.51 43.78
N ASP B 115 15.72 -22.74 43.82
CA ASP B 115 17.14 -23.07 43.74
C ASP B 115 17.32 -24.37 42.94
N GLU B 116 18.10 -24.31 41.85
CA GLU B 116 18.26 -25.41 40.85
C GLU B 116 18.71 -26.69 41.59
N ALA B 117 19.73 -26.58 42.47
CA ALA B 117 20.34 -27.77 43.10
C ALA B 117 19.36 -28.44 44.09
N VAL B 118 18.53 -27.64 44.77
CA VAL B 118 17.50 -28.18 45.70
C VAL B 118 16.41 -28.92 44.90
N LYS B 119 15.87 -28.26 43.87
CA LYS B 119 14.81 -28.84 43.02
C LYS B 119 15.31 -30.15 42.39
N SER B 120 16.53 -30.14 41.85
CA SER B 120 17.18 -31.34 41.28
C SER B 120 17.17 -32.52 42.27
N GLU B 121 17.62 -32.31 43.51
CA GLU B 121 17.68 -33.45 44.48
C GLU B 121 16.27 -34.02 44.66
N ILE B 122 15.28 -33.14 44.86
CA ILE B 122 13.91 -33.54 45.17
C ILE B 122 13.32 -34.33 43.98
N PHE B 123 13.54 -33.85 42.76
CA PHE B 123 13.00 -34.54 41.61
C PHE B 123 13.66 -35.91 41.41
N ALA B 124 14.97 -36.03 41.67
CA ALA B 124 15.66 -37.35 41.55
C ALA B 124 15.07 -38.40 42.53
N GLU B 125 14.79 -37.97 43.77
CA GLU B 125 14.17 -38.82 44.81
C GLU B 125 12.72 -39.16 44.45
N LEU B 126 11.93 -38.14 44.08
CA LEU B 126 10.52 -38.30 43.67
C LEU B 126 10.44 -39.39 42.59
N ASP B 127 11.30 -39.26 41.57
CA ASP B 127 11.36 -40.20 40.43
C ASP B 127 11.58 -41.63 40.93
N ARG B 128 12.41 -41.82 41.96
CA ARG B 128 12.73 -43.18 42.50
C ARG B 128 11.55 -43.72 43.35
N VAL B 129 10.82 -42.84 44.04
CA VAL B 129 9.79 -43.19 45.02
C VAL B 129 8.44 -43.47 44.34
N VAL B 130 8.06 -42.65 43.36
CA VAL B 130 6.80 -42.81 42.65
C VAL B 130 7.03 -43.78 41.48
N THR B 131 6.43 -44.98 41.52
CA THR B 131 6.85 -46.07 40.61
C THR B 131 5.87 -46.26 39.44
N ASP B 132 4.62 -45.80 39.58
CA ASP B 132 3.65 -45.83 38.49
C ASP B 132 4.18 -45.07 37.26
N PRO B 133 4.31 -45.72 36.08
CA PRO B 133 4.79 -45.02 34.88
C PRO B 133 3.82 -43.95 34.32
N ASP B 134 2.52 -44.02 34.62
CA ASP B 134 1.51 -43.05 34.22
C ASP B 134 1.44 -41.85 35.20
N ALA B 135 2.20 -41.86 36.30
CA ALA B 135 2.20 -40.77 37.28
C ALA B 135 2.87 -39.53 36.67
N VAL B 136 2.50 -38.34 37.16
CA VAL B 136 3.04 -37.05 36.62
C VAL B 136 3.82 -36.33 37.73
N LEU B 137 5.05 -35.89 37.46
CA LEU B 137 5.80 -35.05 38.42
C LEU B 137 5.87 -33.61 37.87
N ALA B 138 5.26 -32.67 38.58
CA ALA B 138 5.08 -31.33 38.09
C ALA B 138 5.79 -30.32 38.99
N SER B 139 6.38 -29.28 38.37
CA SER B 139 7.03 -28.17 39.11
C SER B 139 6.23 -26.88 38.96
N ASN B 140 6.03 -26.18 40.08
CA ASN B 140 5.44 -24.80 40.13
C ASN B 140 6.48 -23.69 39.89
N THR B 141 7.72 -24.01 39.50
CA THR B 141 8.79 -22.99 39.40
C THR B 141 8.49 -21.92 38.34
N SER B 142 8.93 -20.68 38.65
CA SER B 142 8.92 -19.45 37.79
C SER B 142 10.30 -19.16 37.18
N SER B 143 11.37 -19.67 37.82
CA SER B 143 12.70 -19.16 37.53
C SER B 143 13.60 -20.23 36.87
N ILE B 144 13.38 -21.53 37.12
CA ILE B 144 14.26 -22.59 36.57
C ILE B 144 13.58 -23.21 35.34
N PRO B 145 14.34 -23.48 34.25
CA PRO B 145 13.81 -24.21 33.11
C PRO B 145 13.33 -25.62 33.53
N ILE B 146 12.18 -26.04 32.99
CA ILE B 146 11.53 -27.31 33.34
C ILE B 146 12.43 -28.46 32.88
N MET B 147 13.10 -28.32 31.73
CA MET B 147 13.99 -29.37 31.20
C MET B 147 15.13 -29.69 32.19
N LYS B 148 15.64 -28.70 32.93
CA LYS B 148 16.71 -28.95 33.89
C LYS B 148 16.20 -29.86 35.03
N VAL B 149 15.00 -29.62 35.58
CA VAL B 149 14.53 -30.48 36.67
C VAL B 149 14.15 -31.85 36.10
N ALA B 150 13.63 -31.91 34.88
CA ALA B 150 13.35 -33.20 34.22
C ALA B 150 14.66 -33.99 34.05
N ALA B 151 15.75 -33.30 33.67
CA ALA B 151 17.06 -33.98 33.36
C ALA B 151 17.60 -34.71 34.59
N ALA B 152 17.16 -34.31 35.78
CA ALA B 152 17.62 -34.95 37.03
C ALA B 152 16.92 -36.29 37.30
N THR B 153 15.91 -36.68 36.51
CA THR B 153 15.18 -37.97 36.70
C THR B 153 15.62 -38.98 35.64
N LYS B 154 15.24 -40.26 35.82
CA LYS B 154 15.53 -41.31 34.86
C LYS B 154 14.36 -41.52 33.86
N GLN B 155 13.16 -40.98 34.14
CA GLN B 155 11.99 -41.00 33.24
C GLN B 155 11.55 -39.55 32.96
N PRO B 156 12.33 -38.79 32.16
CA PRO B 156 12.04 -37.38 31.94
C PRO B 156 10.65 -37.13 31.33
N GLN B 157 10.07 -38.14 30.64
CA GLN B 157 8.80 -37.97 29.92
C GLN B 157 7.61 -37.77 30.90
N ARG B 158 7.82 -38.06 32.19
CA ARG B 158 6.80 -37.87 33.23
C ARG B 158 6.78 -36.45 33.78
N VAL B 159 7.73 -35.58 33.39
CA VAL B 159 7.89 -34.28 34.05
C VAL B 159 7.31 -33.14 33.19
N LEU B 160 6.64 -32.21 33.84
CA LEU B 160 6.13 -31.00 33.18
C LEU B 160 6.05 -29.84 34.19
N GLY B 161 5.75 -28.65 33.67
CA GLY B 161 5.49 -27.50 34.52
C GLY B 161 4.00 -27.34 34.74
N LEU B 162 3.57 -27.13 35.98
CA LEU B 162 2.23 -26.71 36.30
C LEU B 162 2.30 -25.52 37.26
N HIS B 163 2.06 -24.33 36.68
CA HIS B 163 2.34 -23.03 37.30
C HIS B 163 1.06 -22.34 37.75
N PHE B 164 0.91 -22.17 39.07
CA PHE B 164 -0.26 -21.57 39.72
C PHE B 164 0.00 -20.09 40.04
N PHE B 165 -1.07 -19.34 40.40
CA PHE B 165 -0.95 -17.90 40.74
C PHE B 165 -1.66 -17.62 42.07
N ASN B 166 -0.94 -16.94 42.98
CA ASN B 166 -1.41 -16.51 44.31
C ASN B 166 -2.48 -15.40 44.17
N PRO B 167 -3.59 -15.47 44.90
CA PRO B 167 -4.02 -16.54 45.79
C PRO B 167 -4.63 -17.73 45.04
N VAL B 168 -4.10 -18.93 45.27
CA VAL B 168 -4.43 -20.08 44.48
C VAL B 168 -5.91 -20.45 44.62
N PRO B 169 -6.61 -20.30 45.77
CA PRO B 169 -8.03 -20.60 45.79
C PRO B 169 -8.94 -19.54 45.11
N VAL B 170 -8.35 -18.46 44.59
CA VAL B 170 -9.13 -17.39 43.89
C VAL B 170 -8.85 -17.39 42.36
N LEU B 171 -7.61 -17.11 41.96
CA LEU B 171 -7.19 -16.94 40.56
C LEU B 171 -7.44 -18.24 39.76
N PRO B 172 -8.38 -18.25 38.79
CA PRO B 172 -8.76 -19.50 38.13
C PRO B 172 -7.92 -19.85 36.88
N LEU B 173 -6.60 -20.02 37.05
CA LEU B 173 -5.65 -20.24 35.94
C LEU B 173 -4.50 -21.15 36.37
N VAL B 174 -4.03 -22.00 35.45
CA VAL B 174 -2.71 -22.60 35.55
C VAL B 174 -2.10 -22.54 34.16
N GLU B 175 -0.77 -22.49 34.12
CA GLU B 175 0.00 -22.67 32.89
C GLU B 175 0.54 -24.10 32.89
N LEU B 176 0.38 -24.79 31.78
CA LEU B 176 0.84 -26.16 31.62
C LEU B 176 1.98 -26.15 30.59
N VAL B 177 3.18 -26.43 31.06
CA VAL B 177 4.38 -26.21 30.28
C VAL B 177 5.00 -27.57 29.93
N ARG B 178 5.00 -27.91 28.65
CA ARG B 178 5.63 -29.14 28.18
C ARG B 178 7.11 -28.83 27.92
N THR B 179 8.02 -29.76 28.22
CA THR B 179 9.39 -29.74 27.71
C THR B 179 9.46 -30.39 26.33
N LEU B 180 10.66 -30.40 25.75
CA LEU B 180 11.01 -31.18 24.53
C LEU B 180 10.56 -32.66 24.61
N VAL B 181 10.50 -33.28 25.80
CA VAL B 181 10.26 -34.75 25.93
C VAL B 181 9.01 -35.09 26.78
N THR B 182 8.29 -34.12 27.35
CA THR B 182 7.07 -34.47 28.15
C THR B 182 6.14 -35.38 27.32
N ASP B 183 5.74 -36.51 27.88
CA ASP B 183 4.83 -37.43 27.26
C ASP B 183 3.45 -36.76 27.05
N GLU B 184 2.87 -36.96 25.87
CA GLU B 184 1.51 -36.44 25.48
C GLU B 184 0.43 -36.85 26.50
N ALA B 185 0.45 -38.11 26.90
CA ALA B 185 -0.54 -38.66 27.84
C ALA B 185 -0.45 -37.93 29.18
N ALA B 186 0.77 -37.64 29.64
CA ALA B 186 1.02 -36.96 30.91
C ALA B 186 0.44 -35.54 30.85
N ALA B 187 0.66 -34.86 29.72
CA ALA B 187 0.12 -33.53 29.55
C ALA B 187 -1.43 -33.53 29.54
N ALA B 188 -2.05 -34.42 28.75
CA ALA B 188 -3.55 -34.52 28.63
C ALA B 188 -4.19 -34.89 29.99
N ARG B 189 -3.57 -35.80 30.74
CA ARG B 189 -4.12 -36.17 32.08
C ARG B 189 -4.04 -34.95 33.03
N THR B 190 -2.95 -34.20 32.98
CA THR B 190 -2.75 -33.06 33.86
C THR B 190 -3.78 -31.95 33.53
N GLU B 191 -4.03 -31.72 32.25
CA GLU B 191 -4.97 -30.68 31.77
C GLU B 191 -6.41 -31.03 32.23
N GLU B 192 -6.74 -32.32 32.15
CA GLU B 192 -8.01 -32.83 32.58
C GLU B 192 -8.19 -32.64 34.12
N PHE B 193 -7.18 -32.98 34.94
CA PHE B 193 -7.21 -32.68 36.36
C PHE B 193 -7.47 -31.18 36.59
N ALA B 194 -6.70 -30.28 35.95
CA ALA B 194 -6.80 -28.82 36.28
C ALA B 194 -8.19 -28.24 35.96
N SER B 195 -8.75 -28.67 34.83
CA SER B 195 -10.01 -28.17 34.29
C SER B 195 -11.25 -28.76 35.01
N THR B 196 -11.29 -30.09 35.07
CA THR B 196 -12.39 -30.92 35.46
C THR B 196 -12.55 -31.01 36.99
N VAL B 197 -11.41 -31.03 37.70
CA VAL B 197 -11.34 -31.17 39.16
C VAL B 197 -11.11 -29.80 39.85
N LEU B 198 -10.07 -29.02 39.46
CA LEU B 198 -9.81 -27.75 40.14
C LEU B 198 -10.67 -26.61 39.57
N GLY B 199 -11.33 -26.80 38.43
CA GLY B 199 -12.13 -25.72 37.81
C GLY B 199 -11.30 -24.55 37.33
N LYS B 200 -10.04 -24.80 36.94
CA LYS B 200 -9.19 -23.74 36.45
C LYS B 200 -9.11 -23.75 34.92
N GLN B 201 -8.94 -22.57 34.33
CA GLN B 201 -8.58 -22.38 32.91
C GLN B 201 -7.14 -22.87 32.70
N VAL B 202 -6.86 -23.47 31.55
CA VAL B 202 -5.56 -24.04 31.27
C VAL B 202 -4.98 -23.41 30.02
N VAL B 203 -3.79 -22.87 30.17
CA VAL B 203 -3.05 -22.22 29.11
C VAL B 203 -1.76 -23.02 28.86
N ARG B 204 -1.56 -23.44 27.61
CA ARG B 204 -0.37 -24.17 27.20
C ARG B 204 0.71 -23.21 26.69
N CYS B 205 1.96 -23.57 26.97
CA CYS B 205 3.07 -22.97 26.27
C CYS B 205 4.33 -23.87 26.34
N SER B 206 5.39 -23.37 25.69
CA SER B 206 6.73 -24.00 25.61
C SER B 206 7.57 -23.53 26.78
N ASP B 207 8.70 -24.21 26.97
CA ASP B 207 9.60 -24.08 28.10
C ASP B 207 10.59 -22.92 27.83
N ARG B 208 10.13 -21.70 28.09
CA ARG B 208 10.82 -20.44 27.86
C ARG B 208 10.64 -19.55 29.09
N SER B 209 11.69 -18.80 29.47
CA SER B 209 11.68 -18.00 30.72
C SER B 209 10.46 -17.06 30.73
N GLY B 210 9.68 -17.13 31.81
CA GLY B 210 8.50 -16.28 32.05
C GLY B 210 7.18 -16.89 31.60
N PHE B 211 7.23 -17.98 30.81
CA PHE B 211 6.04 -18.61 30.18
C PHE B 211 5.19 -17.53 29.49
N VAL B 212 3.86 -17.47 29.74
CA VAL B 212 3.04 -16.47 29.13
C VAL B 212 2.85 -15.28 30.09
N VAL B 213 2.30 -15.52 31.28
CA VAL B 213 1.83 -14.44 32.14
C VAL B 213 3.00 -13.57 32.63
N ASN B 214 4.00 -14.15 33.29
CA ASN B 214 5.16 -13.41 33.81
C ASN B 214 5.95 -12.73 32.67
N ALA B 215 5.99 -13.30 31.48
CA ALA B 215 6.73 -12.70 30.39
C ALA B 215 6.05 -11.42 29.86
N LEU B 216 4.72 -11.27 30.07
CA LEU B 216 3.99 -10.00 29.74
C LEU B 216 4.03 -9.03 30.92
N LEU B 217 3.77 -9.53 32.14
CA LEU B 217 3.63 -8.74 33.35
C LEU B 217 4.94 -8.00 33.70
N VAL B 218 6.02 -8.78 33.81
CA VAL B 218 7.24 -8.31 34.49
C VAL B 218 7.90 -7.17 33.68
N PRO B 219 8.13 -7.25 32.36
CA PRO B 219 8.63 -6.09 31.61
C PRO B 219 7.76 -4.83 31.71
N TYR B 220 6.45 -5.02 31.84
CA TYR B 220 5.50 -3.92 32.06
C TYR B 220 5.77 -3.27 33.44
N LEU B 221 5.93 -4.10 34.49
CA LEU B 221 6.19 -3.57 35.83
C LEU B 221 7.55 -2.82 35.85
N LEU B 222 8.57 -3.39 35.20
CA LEU B 222 9.88 -2.78 35.18
C LEU B 222 9.82 -1.41 34.49
N SER B 223 9.02 -1.30 33.45
CA SER B 223 8.91 -0.05 32.73
C SER B 223 8.28 1.06 33.59
N ALA B 224 7.26 0.70 34.41
CA ALA B 224 6.70 1.63 35.39
C ALA B 224 7.76 2.11 36.39
N ILE B 225 8.61 1.19 36.88
CA ILE B 225 9.65 1.50 37.87
C ILE B 225 10.70 2.48 37.28
N ARG B 226 11.00 2.32 35.99
CA ARG B 226 11.96 3.19 35.31
C ARG B 226 11.38 4.62 35.22
N MET B 227 10.05 4.74 35.00
CA MET B 227 9.35 6.03 34.97
C MET B 227 9.48 6.75 36.33
N VAL B 228 9.29 6.00 37.41
CA VAL B 228 9.39 6.52 38.75
C VAL B 228 10.84 6.94 39.03
N GLU B 229 11.80 6.08 38.71
CA GLU B 229 13.22 6.34 38.95
C GLU B 229 13.68 7.66 38.28
N ALA B 230 13.22 7.96 37.06
CA ALA B 230 13.65 9.13 36.26
C ALA B 230 12.86 10.41 36.63
N GLY B 231 11.97 10.33 37.63
CA GLY B 231 11.14 11.46 38.05
C GLY B 231 10.15 11.93 36.97
N PHE B 232 9.86 11.06 36.00
CA PHE B 232 8.94 11.42 34.91
C PHE B 232 7.49 11.53 35.42
N ALA B 233 7.14 10.73 36.42
CA ALA B 233 5.83 10.81 37.07
C ALA B 233 5.95 10.18 38.46
N THR B 234 5.07 10.56 39.37
CA THR B 234 5.06 10.03 40.73
C THR B 234 4.50 8.60 40.76
N VAL B 235 4.79 7.91 41.86
CA VAL B 235 4.26 6.58 42.15
C VAL B 235 2.72 6.64 42.07
N GLU B 236 2.11 7.59 42.80
CA GLU B 236 0.62 7.71 42.91
C GLU B 236 -0.01 8.06 41.56
N ASP B 237 0.67 8.90 40.76
CA ASP B 237 0.13 9.29 39.44
C ASP B 237 0.18 8.10 38.46
N VAL B 238 1.26 7.32 38.43
CA VAL B 238 1.35 6.15 37.54
C VAL B 238 0.24 5.15 37.92
N ASP B 239 0.04 4.88 39.21
CA ASP B 239 -0.95 3.87 39.64
C ASP B 239 -2.38 4.38 39.31
N LYS B 240 -2.63 5.66 39.56
CA LYS B 240 -3.89 6.31 39.28
C LYS B 240 -4.23 6.20 37.78
N ALA B 241 -3.22 6.45 36.93
CA ALA B 241 -3.42 6.50 35.50
C ALA B 241 -3.81 5.13 34.97
N VAL B 242 -3.16 4.07 35.48
CA VAL B 242 -3.45 2.69 35.04
C VAL B 242 -4.84 2.21 35.52
N VAL B 243 -5.17 2.45 36.79
CA VAL B 243 -6.48 2.08 37.29
C VAL B 243 -7.60 2.80 36.53
N ALA B 244 -7.55 4.14 36.43
CA ALA B 244 -8.61 4.93 35.74
C ALA B 244 -8.57 4.73 34.21
N GLY B 245 -7.37 4.67 33.62
CA GLY B 245 -7.14 4.67 32.15
C GLY B 245 -7.36 3.30 31.51
N LEU B 246 -6.82 2.24 32.13
CA LEU B 246 -6.86 0.86 31.60
C LEU B 246 -7.84 -0.04 32.38
N SER B 247 -8.51 0.48 33.41
CA SER B 247 -9.45 -0.27 34.23
C SER B 247 -8.81 -1.53 34.87
N HIS B 248 -7.51 -1.54 35.18
CA HIS B 248 -6.89 -2.61 35.95
C HIS B 248 -7.34 -2.49 37.40
N PRO B 249 -7.44 -3.58 38.19
CA PRO B 249 -7.83 -3.43 39.59
C PRO B 249 -6.77 -2.70 40.45
N MET B 250 -5.52 -2.76 40.02
CA MET B 250 -4.39 -2.29 40.76
C MET B 250 -3.33 -1.79 39.77
N GLY B 251 -2.70 -0.65 40.09
CA GLY B 251 -1.63 -0.10 39.28
C GLY B 251 -0.31 -0.85 39.50
N PRO B 252 0.69 -0.61 38.62
CA PRO B 252 1.90 -1.42 38.59
C PRO B 252 2.86 -1.36 39.79
N LEU B 253 2.93 -0.23 40.52
CA LEU B 253 3.80 -0.17 41.72
C LEU B 253 3.14 -0.81 42.95
N ARG B 254 1.83 -0.58 43.14
CA ARG B 254 1.04 -1.34 44.12
C ARG B 254 1.20 -2.85 43.88
N LEU B 255 1.06 -3.28 42.61
CA LEU B 255 1.18 -4.68 42.23
C LEU B 255 2.58 -5.25 42.46
N SER B 256 3.63 -4.48 42.09
CA SER B 256 5.01 -4.84 42.38
C SER B 256 5.16 -5.15 43.90
N ASP B 257 4.62 -4.28 44.75
CA ASP B 257 4.71 -4.43 46.23
C ASP B 257 4.06 -5.74 46.67
N LEU B 258 3.07 -6.20 45.90
CA LEU B 258 2.26 -7.39 46.28
C LEU B 258 2.91 -8.67 45.72
N VAL B 259 3.52 -8.59 44.53
CA VAL B 259 4.30 -9.68 43.99
C VAL B 259 5.56 -9.91 44.85
N GLY B 260 6.09 -8.87 45.50
CA GLY B 260 7.40 -8.98 46.13
C GLY B 260 8.51 -8.52 45.21
N LEU B 261 9.31 -7.55 45.68
CA LEU B 261 10.37 -6.92 44.84
C LEU B 261 11.55 -7.89 44.66
N ASP B 262 11.76 -8.78 45.62
CA ASP B 262 12.75 -9.89 45.50
C ASP B 262 12.34 -10.87 44.38
N THR B 263 11.06 -11.24 44.37
CA THR B 263 10.52 -12.15 43.32
C THR B 263 10.62 -11.49 41.94
N LEU B 264 10.21 -10.22 41.87
CA LEU B 264 10.33 -9.41 40.63
C LEU B 264 11.79 -9.39 40.15
N LYS B 265 12.76 -9.11 41.04
CA LYS B 265 14.22 -9.07 40.67
C LYS B 265 14.69 -10.41 40.09
N LEU B 266 14.30 -11.50 40.77
CA LEU B 266 14.66 -12.88 40.36
C LEU B 266 14.12 -13.19 38.96
N ILE B 267 12.84 -12.91 38.71
CA ILE B 267 12.28 -13.23 37.40
C ILE B 267 12.95 -12.38 36.30
N ALA B 268 13.14 -11.08 36.55
CA ALA B 268 13.84 -10.19 35.60
C ALA B 268 15.25 -10.71 35.33
N ASP B 269 16.01 -11.08 36.37
CA ASP B 269 17.42 -11.59 36.20
C ASP B 269 17.43 -12.79 35.21
N LYS B 270 16.48 -13.74 35.38
CA LYS B 270 16.41 -14.96 34.54
C LYS B 270 15.99 -14.64 33.10
N MET B 271 15.00 -13.74 32.94
CA MET B 271 14.63 -13.31 31.61
C MET B 271 15.84 -12.65 30.93
N PHE B 272 16.61 -11.81 31.66
CA PHE B 272 17.75 -11.15 31.01
C PHE B 272 18.78 -12.24 30.59
N GLU B 273 19.07 -13.18 31.48
CA GLU B 273 20.07 -14.26 31.14
C GLU B 273 19.56 -15.06 29.92
N GLU B 274 18.25 -15.27 29.79
CA GLU B 274 17.74 -16.10 28.69
C GLU B 274 17.76 -15.32 27.37
N PHE B 275 17.23 -14.10 27.36
CA PHE B 275 16.95 -13.37 26.10
C PHE B 275 17.97 -12.24 25.80
N LYS B 276 18.66 -11.73 26.83
CA LYS B 276 19.75 -10.73 26.70
C LYS B 276 19.30 -9.34 26.23
N GLU B 277 18.01 -9.02 26.29
CA GLU B 277 17.57 -7.70 25.89
C GLU B 277 17.54 -6.82 27.13
N PRO B 278 18.18 -5.63 27.12
CA PRO B 278 18.27 -4.78 28.32
C PRO B 278 16.96 -4.41 29.07
N HIS B 279 15.86 -4.20 28.34
CA HIS B 279 14.56 -3.87 28.96
C HIS B 279 14.05 -5.01 29.87
N TYR B 280 14.58 -6.23 29.79
CA TYR B 280 14.23 -7.37 30.73
C TYR B 280 15.01 -7.30 32.06
N GLY B 281 16.14 -6.59 32.09
CA GLY B 281 16.92 -6.51 33.28
C GLY B 281 16.32 -5.58 34.33
N PRO B 282 16.60 -5.85 35.62
CA PRO B 282 16.07 -5.03 36.71
C PRO B 282 16.74 -3.65 36.75
N PRO B 283 15.96 -2.55 36.82
CA PRO B 283 16.55 -1.23 36.93
C PRO B 283 17.23 -0.99 38.28
N PRO B 284 18.23 -0.07 38.31
CA PRO B 284 18.96 0.24 39.53
C PRO B 284 18.10 0.56 40.76
N LEU B 285 16.96 1.27 40.60
CA LEU B 285 16.09 1.55 41.76
C LEU B 285 15.55 0.23 42.37
N LEU B 286 15.15 -0.72 41.51
CA LEU B 286 14.70 -2.05 42.00
C LEU B 286 15.85 -2.73 42.74
N LEU B 287 17.08 -2.63 42.19
CA LEU B 287 18.25 -3.28 42.84
C LEU B 287 18.49 -2.70 44.23
N ARG B 288 18.44 -1.36 44.37
CA ARG B 288 18.78 -0.73 45.63
C ARG B 288 17.69 -1.09 46.67
N MET B 289 16.44 -1.08 46.21
CA MET B 289 15.32 -1.38 47.10
C MET B 289 15.47 -2.80 47.68
N VAL B 290 15.77 -3.79 46.83
CA VAL B 290 16.00 -5.17 47.30
C VAL B 290 17.20 -5.26 48.25
N GLU B 291 18.30 -4.58 47.90
CA GLU B 291 19.49 -4.58 48.78
C GLU B 291 19.12 -4.00 50.15
N ALA B 292 18.23 -3.00 50.19
CA ALA B 292 17.82 -2.35 51.49
C ALA B 292 16.81 -3.18 52.32
N GLY B 293 16.35 -4.32 51.80
CA GLY B 293 15.33 -5.12 52.42
C GLY B 293 13.93 -4.54 52.24
N GLN B 294 13.74 -3.59 51.30
CA GLN B 294 12.42 -3.00 51.05
C GLN B 294 11.72 -3.87 50.01
N LEU B 295 11.03 -4.94 50.46
CA LEU B 295 10.55 -6.00 49.50
C LEU B 295 9.06 -5.84 49.14
N GLY B 296 8.39 -4.80 49.66
CA GLY B 296 6.96 -4.62 49.40
C GLY B 296 6.11 -4.92 50.65
N LYS B 297 4.90 -5.43 50.42
CA LYS B 297 3.92 -5.68 51.49
C LYS B 297 4.54 -6.60 52.56
N LYS B 298 5.25 -7.66 52.18
CA LYS B 298 5.72 -8.65 53.17
C LYS B 298 6.78 -8.10 54.14
N SER B 299 7.48 -7.00 53.83
CA SER B 299 8.49 -6.42 54.73
C SER B 299 7.95 -5.16 55.39
N GLY B 300 6.83 -4.65 54.90
CA GLY B 300 6.30 -3.42 55.48
C GLY B 300 6.63 -2.19 54.64
N ARG B 301 7.44 -2.33 53.60
CA ARG B 301 7.72 -1.18 52.77
C ARG B 301 8.28 -1.58 51.40
N GLY B 302 7.73 -0.94 50.36
CA GLY B 302 8.26 -1.01 49.00
C GLY B 302 8.09 0.35 48.36
N PHE B 303 7.29 0.43 47.30
CA PHE B 303 6.83 1.73 46.75
C PHE B 303 5.88 2.42 47.74
N TYR B 304 5.12 1.65 48.52
CA TYR B 304 4.28 2.23 49.57
C TYR B 304 4.70 1.65 50.94
N THR B 305 4.23 2.26 52.05
CA THR B 305 4.35 1.75 53.43
C THR B 305 3.08 0.99 53.83
N TYR B 306 3.27 -0.07 54.62
CA TYR B 306 2.18 -0.96 55.09
C TYR B 306 2.32 -1.11 56.62
N ALA B 307 1.27 -0.71 57.36
CA ALA B 307 1.26 -0.67 58.86
C ALA B 307 0.68 -1.99 59.39
N ASP C 23 -34.19 28.43 1.90
CA ASP C 23 -34.52 28.69 0.45
C ASP C 23 -33.33 28.33 -0.45
N ALA C 24 -32.24 29.10 -0.35
CA ALA C 24 -31.08 29.07 -1.25
C ALA C 24 -30.26 27.79 -1.04
N ILE C 25 -29.50 27.40 -2.07
CA ILE C 25 -28.73 26.17 -2.05
C ILE C 25 -27.27 26.56 -1.80
N GLN C 26 -26.68 25.96 -0.76
CA GLN C 26 -25.29 26.20 -0.41
C GLN C 26 -24.52 24.86 -0.28
N ARG C 27 -25.18 23.72 -0.05
CA ARG C 27 -24.50 22.42 0.15
C ARG C 27 -24.75 21.47 -1.04
N VAL C 28 -23.72 21.27 -1.87
CA VAL C 28 -23.80 20.52 -3.10
C VAL C 28 -22.97 19.24 -3.00
N GLY C 29 -23.53 18.16 -3.54
CA GLY C 29 -22.84 16.91 -3.75
C GLY C 29 -22.74 16.59 -5.23
N VAL C 30 -21.73 15.81 -5.59
CA VAL C 30 -21.54 15.30 -6.93
C VAL C 30 -21.17 13.83 -6.85
N VAL C 31 -21.93 12.97 -7.56
CA VAL C 31 -21.63 11.53 -7.62
C VAL C 31 -20.99 11.26 -9.00
N GLY C 32 -19.72 10.90 -8.98
CA GLY C 32 -18.94 10.64 -10.18
C GLY C 32 -17.96 11.78 -10.50
N ALA C 33 -16.74 11.43 -10.90
CA ALA C 33 -15.66 12.36 -11.05
C ALA C 33 -14.94 12.16 -12.39
N GLY C 34 -15.65 11.71 -13.42
CA GLY C 34 -15.19 11.75 -14.82
C GLY C 34 -15.18 13.18 -15.37
N GLN C 35 -15.19 13.32 -16.69
CA GLN C 35 -15.04 14.64 -17.33
C GLN C 35 -16.16 15.58 -16.86
N MET C 36 -17.41 15.12 -16.90
CA MET C 36 -18.62 15.90 -16.51
C MET C 36 -18.65 16.19 -14.99
N GLY C 37 -18.54 15.15 -14.18
CA GLY C 37 -18.56 15.27 -12.71
C GLY C 37 -17.50 16.24 -12.20
N SER C 38 -16.28 16.14 -12.76
CA SER C 38 -15.14 16.95 -12.33
C SER C 38 -15.40 18.42 -12.71
N GLY C 39 -15.98 18.65 -13.88
CA GLY C 39 -16.37 20.01 -14.35
C GLY C 39 -17.48 20.64 -13.50
N ILE C 40 -18.47 19.82 -13.11
CA ILE C 40 -19.60 20.25 -12.30
C ILE C 40 -19.10 20.63 -10.88
N ALA C 41 -18.21 19.82 -10.32
CA ALA C 41 -17.59 20.11 -9.02
C ALA C 41 -16.73 21.38 -9.07
N GLU C 42 -15.95 21.56 -10.14
CA GLU C 42 -15.10 22.73 -10.32
C GLU C 42 -15.95 24.02 -10.42
N VAL C 43 -17.03 24.02 -11.23
CA VAL C 43 -17.78 25.25 -11.44
C VAL C 43 -18.49 25.63 -10.12
N SER C 44 -18.94 24.64 -9.35
CA SER C 44 -19.63 24.91 -8.06
C SER C 44 -18.63 25.51 -7.04
N ALA C 45 -17.43 24.92 -6.96
CA ALA C 45 -16.37 25.35 -6.02
C ALA C 45 -15.84 26.75 -6.38
N ARG C 46 -15.66 27.05 -7.69
CA ARG C 46 -15.19 28.42 -8.12
C ARG C 46 -16.24 29.51 -7.77
N ALA C 47 -17.50 29.11 -7.63
CA ALA C 47 -18.61 29.99 -7.26
C ALA C 47 -18.76 30.18 -5.73
N GLY C 48 -17.88 29.56 -4.92
CA GLY C 48 -17.91 29.76 -3.45
C GLY C 48 -18.73 28.70 -2.69
N VAL C 49 -19.22 27.63 -3.34
CA VAL C 49 -20.09 26.63 -2.66
C VAL C 49 -19.23 25.45 -2.14
N GLU C 50 -19.55 24.93 -0.95
CA GLU C 50 -18.92 23.71 -0.40
C GLU C 50 -19.44 22.49 -1.18
N VAL C 51 -18.53 21.66 -1.68
CA VAL C 51 -18.86 20.52 -2.56
C VAL C 51 -18.24 19.26 -1.95
N THR C 52 -19.01 18.17 -1.84
CA THR C 52 -18.53 16.83 -1.51
C THR C 52 -18.67 15.92 -2.77
N VAL C 53 -17.55 15.33 -3.22
CA VAL C 53 -17.45 14.44 -4.40
C VAL C 53 -17.31 12.99 -3.91
N PHE C 54 -18.19 12.12 -4.41
CA PHE C 54 -18.25 10.68 -4.13
C PHE C 54 -17.85 9.88 -5.37
N GLU C 55 -16.96 8.90 -5.14
CA GLU C 55 -16.66 7.78 -6.03
C GLU C 55 -16.52 6.54 -5.15
N PRO C 56 -16.92 5.33 -5.59
CA PRO C 56 -16.86 4.15 -4.74
C PRO C 56 -15.44 3.64 -4.40
N ALA C 57 -14.43 4.00 -5.20
CA ALA C 57 -13.02 3.52 -4.98
C ALA C 57 -12.02 4.68 -4.96
N GLU C 58 -11.02 4.52 -4.09
CA GLU C 58 -9.97 5.51 -3.78
C GLU C 58 -9.23 5.95 -5.05
N ALA C 59 -8.99 5.01 -5.96
CA ALA C 59 -8.30 5.28 -7.22
C ALA C 59 -9.12 6.25 -8.07
N LEU C 60 -10.45 6.09 -8.09
CA LEU C 60 -11.32 6.98 -8.92
C LEU C 60 -11.29 8.41 -8.32
N ILE C 61 -11.28 8.55 -6.98
CA ILE C 61 -11.08 9.82 -6.26
C ILE C 61 -9.78 10.49 -6.75
N THR C 62 -8.66 9.76 -6.75
CA THR C 62 -7.38 10.41 -7.03
C THR C 62 -7.38 10.83 -8.51
N ALA C 63 -7.94 10.03 -9.42
CA ALA C 63 -8.04 10.50 -10.84
C ALA C 63 -8.90 11.78 -10.91
N GLY C 64 -9.95 11.82 -10.09
CA GLY C 64 -10.92 12.91 -10.09
C GLY C 64 -10.32 14.22 -9.62
N ARG C 65 -9.71 14.19 -8.42
CA ARG C 65 -8.93 15.34 -7.88
C ARG C 65 -7.92 15.85 -8.92
N ASN C 66 -7.16 14.95 -9.55
CA ASN C 66 -6.11 15.29 -10.53
C ASN C 66 -6.70 16.02 -11.75
N ARG C 67 -7.89 15.60 -12.22
CA ARG C 67 -8.55 16.31 -13.32
C ARG C 67 -8.86 17.76 -12.94
N ILE C 68 -9.38 17.98 -11.73
CA ILE C 68 -9.72 19.33 -11.28
C ILE C 68 -8.44 20.14 -11.08
N VAL C 69 -7.42 19.58 -10.42
CA VAL C 69 -6.15 20.30 -10.28
C VAL C 69 -5.63 20.74 -11.66
N LYS C 70 -5.61 19.87 -12.69
CA LYS C 70 -5.00 20.20 -14.02
C LYS C 70 -5.86 21.26 -14.75
N SER C 71 -7.19 21.11 -14.68
CA SER C 71 -8.10 22.13 -15.22
C SER C 71 -7.85 23.51 -14.59
N LEU C 72 -7.71 23.60 -13.24
CA LEU C 72 -7.51 24.89 -12.54
C LEU C 72 -6.11 25.46 -12.88
N GLU C 73 -5.08 24.62 -13.01
CA GLU C 73 -3.69 25.07 -13.42
C GLU C 73 -3.74 25.71 -14.82
N ARG C 74 -4.50 25.12 -15.76
CA ARG C 74 -4.65 25.66 -17.11
C ARG C 74 -5.33 27.03 -17.02
N ALA C 75 -6.35 27.13 -16.17
CA ALA C 75 -7.11 28.38 -15.99
C ALA C 75 -6.25 29.49 -15.36
N VAL C 76 -5.25 29.12 -14.53
CA VAL C 76 -4.28 30.04 -13.98
C VAL C 76 -3.28 30.45 -15.08
N SER C 77 -2.67 29.46 -15.76
CA SER C 77 -1.71 29.72 -16.89
C SER C 77 -2.36 30.63 -17.96
N ALA C 78 -3.67 30.52 -18.16
CA ALA C 78 -4.44 31.36 -19.12
C ALA C 78 -4.87 32.73 -18.56
N GLY C 79 -4.74 32.98 -17.26
CA GLY C 79 -5.06 34.29 -16.66
C GLY C 79 -6.54 34.46 -16.32
N LYS C 80 -7.32 33.37 -16.31
CA LYS C 80 -8.76 33.43 -15.98
C LYS C 80 -9.01 33.37 -14.46
N VAL C 81 -8.11 32.71 -13.73
CA VAL C 81 -8.22 32.69 -12.31
C VAL C 81 -6.80 32.94 -11.75
N THR C 82 -6.83 33.57 -10.59
CA THR C 82 -5.78 33.96 -9.73
C THR C 82 -5.30 32.70 -8.97
N GLU C 83 -4.04 32.69 -8.54
CA GLU C 83 -3.50 31.61 -7.71
C GLU C 83 -4.29 31.45 -6.40
N ARG C 84 -4.60 32.55 -5.71
CA ARG C 84 -5.43 32.49 -4.50
C ARG C 84 -6.84 31.90 -4.80
N GLU C 85 -7.47 32.26 -5.92
CA GLU C 85 -8.80 31.73 -6.25
C GLU C 85 -8.73 30.20 -6.50
N ARG C 86 -7.66 29.74 -7.15
CA ARG C 86 -7.44 28.34 -7.35
C ARG C 86 -7.30 27.63 -5.99
N ASP C 87 -6.55 28.19 -5.04
CA ASP C 87 -6.38 27.55 -3.71
C ASP C 87 -7.72 27.53 -2.94
N ARG C 88 -8.47 28.63 -2.95
CA ARG C 88 -9.80 28.72 -2.35
C ARG C 88 -10.74 27.62 -2.89
N ALA C 89 -10.83 27.49 -4.21
CA ALA C 89 -11.68 26.46 -4.85
C ALA C 89 -11.30 25.04 -4.41
N LEU C 90 -10.00 24.70 -4.43
CA LEU C 90 -9.54 23.37 -3.95
C LEU C 90 -9.96 23.17 -2.48
N GLY C 91 -9.84 24.22 -1.68
CA GLY C 91 -10.19 24.15 -0.24
C GLY C 91 -11.68 23.85 -0.01
N LEU C 92 -12.54 24.11 -1.01
CA LEU C 92 -13.98 23.92 -0.87
C LEU C 92 -14.40 22.52 -1.36
N LEU C 93 -13.44 21.72 -1.86
CA LEU C 93 -13.73 20.37 -2.38
C LEU C 93 -13.39 19.34 -1.29
N THR C 94 -14.38 18.51 -0.90
CA THR C 94 -14.15 17.27 -0.08
C THR C 94 -14.41 16.03 -0.96
N PHE C 95 -13.48 15.07 -0.90
CA PHE C 95 -13.62 13.81 -1.62
C PHE C 95 -13.88 12.67 -0.63
N THR C 96 -14.78 11.73 -0.99
CA THR C 96 -15.14 10.59 -0.11
C THR C 96 -15.46 9.31 -0.92
N THR C 97 -15.25 8.15 -0.31
CA THR C 97 -15.74 6.85 -0.81
C THR C 97 -16.94 6.34 0.01
N ASP C 98 -17.50 7.17 0.90
CA ASP C 98 -18.69 6.80 1.70
C ASP C 98 -19.90 7.67 1.32
N LEU C 99 -20.91 7.05 0.69
CA LEU C 99 -22.11 7.74 0.20
C LEU C 99 -22.87 8.45 1.34
N ASN C 100 -22.79 7.90 2.55
CA ASN C 100 -23.51 8.38 3.72
C ASN C 100 -23.05 9.80 4.09
N ASP C 101 -21.84 10.19 3.64
CA ASP C 101 -21.31 11.54 3.84
C ASP C 101 -22.10 12.62 3.04
N LEU C 102 -23.00 12.22 2.13
CA LEU C 102 -23.83 13.17 1.37
C LEU C 102 -25.17 13.46 2.05
N SER C 103 -25.34 13.02 3.31
CA SER C 103 -26.65 13.01 4.00
C SER C 103 -27.20 14.43 4.23
N ASP C 104 -26.33 15.40 4.39
CA ASP C 104 -26.73 16.78 4.67
C ASP C 104 -26.85 17.66 3.39
N ARG C 105 -26.65 17.08 2.21
CA ARG C 105 -26.59 17.90 0.98
C ARG C 105 -27.98 18.47 0.64
N GLN C 106 -28.01 19.62 -0.05
CA GLN C 106 -29.28 20.27 -0.53
C GLN C 106 -29.55 20.00 -2.03
N LEU C 107 -28.47 19.78 -2.80
CA LEU C 107 -28.54 19.39 -4.23
C LEU C 107 -27.43 18.37 -4.48
N VAL C 108 -27.80 17.19 -4.98
CA VAL C 108 -26.85 16.22 -5.48
C VAL C 108 -27.03 16.05 -6.99
N ILE C 109 -25.92 16.11 -7.71
CA ILE C 109 -25.91 15.96 -9.17
C ILE C 109 -25.18 14.65 -9.51
N GLU C 110 -25.86 13.69 -10.15
CA GLU C 110 -25.29 12.39 -10.58
C GLU C 110 -24.75 12.51 -12.01
N ALA C 111 -23.48 12.14 -12.21
CA ALA C 111 -22.78 12.18 -13.51
C ALA C 111 -21.92 10.92 -13.72
N VAL C 112 -22.53 9.74 -13.65
CA VAL C 112 -21.83 8.47 -13.82
C VAL C 112 -22.17 7.87 -15.20
N VAL C 113 -21.86 6.59 -15.40
CA VAL C 113 -21.97 5.93 -16.74
C VAL C 113 -23.45 5.89 -17.21
N GLU C 114 -23.66 6.01 -18.52
CA GLU C 114 -24.99 6.08 -19.10
C GLU C 114 -25.63 4.68 -19.15
N ASP C 115 -25.97 4.13 -17.97
CA ASP C 115 -26.60 2.82 -17.83
C ASP C 115 -27.76 2.84 -16.81
N GLU C 116 -28.96 2.42 -17.25
CA GLU C 116 -30.23 2.47 -16.49
C GLU C 116 -30.07 1.82 -15.12
N ALA C 117 -29.53 0.60 -15.08
CA ALA C 117 -29.48 -0.14 -13.83
C ALA C 117 -28.45 0.45 -12.86
N VAL C 118 -27.29 0.90 -13.35
CA VAL C 118 -26.34 1.53 -12.43
C VAL C 118 -26.96 2.85 -11.89
N LYS C 119 -27.61 3.64 -12.76
CA LYS C 119 -28.17 4.91 -12.33
C LYS C 119 -29.28 4.70 -11.29
N SER C 120 -30.13 3.69 -11.50
CA SER C 120 -31.26 3.40 -10.60
C SER C 120 -30.79 3.01 -9.20
N GLU C 121 -29.76 2.14 -9.09
CA GLU C 121 -29.20 1.72 -7.77
C GLU C 121 -28.74 2.97 -7.01
N ILE C 122 -28.01 3.87 -7.70
CA ILE C 122 -27.46 5.11 -7.12
C ILE C 122 -28.60 6.01 -6.65
N PHE C 123 -29.68 6.18 -7.46
CA PHE C 123 -30.81 7.02 -7.02
C PHE C 123 -31.54 6.37 -5.84
N ALA C 124 -31.72 5.03 -5.83
CA ALA C 124 -32.33 4.35 -4.64
C ALA C 124 -31.49 4.62 -3.39
N GLU C 125 -30.16 4.52 -3.50
CA GLU C 125 -29.28 4.75 -2.30
C GLU C 125 -29.31 6.26 -1.91
N LEU C 126 -29.17 7.17 -2.89
CA LEU C 126 -29.20 8.61 -2.56
C LEU C 126 -30.49 8.97 -1.83
N ASP C 127 -31.62 8.41 -2.29
CA ASP C 127 -32.93 8.72 -1.74
C ASP C 127 -33.00 8.30 -0.25
N ARG C 128 -32.42 7.15 0.12
CA ARG C 128 -32.38 6.72 1.58
C ARG C 128 -31.41 7.62 2.39
N VAL C 129 -30.25 7.97 1.82
CA VAL C 129 -29.15 8.76 2.53
C VAL C 129 -29.55 10.23 2.76
N VAL C 130 -30.03 10.94 1.73
CA VAL C 130 -30.34 12.38 1.82
C VAL C 130 -31.69 12.59 2.52
N THR C 131 -31.69 13.16 3.73
CA THR C 131 -32.89 13.17 4.62
C THR C 131 -33.77 14.42 4.45
N ASP C 132 -33.19 15.55 4.06
CA ASP C 132 -33.91 16.83 3.91
C ASP C 132 -34.99 16.67 2.83
N PRO C 133 -36.28 16.91 3.15
CA PRO C 133 -37.36 16.74 2.17
C PRO C 133 -37.37 17.81 1.05
N ASP C 134 -36.68 18.95 1.27
CA ASP C 134 -36.60 20.04 0.30
C ASP C 134 -35.33 19.88 -0.58
N ALA C 135 -34.55 18.83 -0.37
CA ALA C 135 -33.34 18.58 -1.16
C ALA C 135 -33.72 18.14 -2.57
N VAL C 136 -32.78 18.28 -3.51
CA VAL C 136 -33.03 17.94 -4.91
C VAL C 136 -32.02 16.88 -5.33
N LEU C 137 -32.51 15.81 -5.99
CA LEU C 137 -31.64 14.82 -6.66
C LEU C 137 -31.76 14.99 -8.19
N ALA C 138 -30.66 15.43 -8.81
CA ALA C 138 -30.58 15.76 -10.21
C ALA C 138 -29.69 14.77 -10.97
N SER C 139 -30.10 14.39 -12.19
CA SER C 139 -29.27 13.54 -13.04
C SER C 139 -28.77 14.37 -14.25
N ASN C 140 -27.49 14.19 -14.59
CA ASN C 140 -26.85 14.79 -15.77
C ASN C 140 -27.03 13.90 -17.01
N THR C 141 -27.91 12.90 -16.98
CA THR C 141 -28.04 11.96 -18.12
C THR C 141 -28.61 12.69 -19.33
N SER C 142 -28.11 12.26 -20.50
CA SER C 142 -28.56 12.63 -21.89
C SER C 142 -29.62 11.63 -22.40
N SER C 143 -29.45 10.37 -22.02
CA SER C 143 -29.92 9.26 -22.74
C SER C 143 -30.99 8.43 -21.99
N ILE C 144 -31.00 8.39 -20.62
CA ILE C 144 -32.00 7.65 -19.80
C ILE C 144 -33.14 8.63 -19.47
N PRO C 145 -34.44 8.27 -19.64
CA PRO C 145 -35.53 9.17 -19.25
C PRO C 145 -35.45 9.49 -17.75
N ILE C 146 -35.64 10.75 -17.39
CA ILE C 146 -35.56 11.15 -15.94
C ILE C 146 -36.59 10.39 -15.09
N MET C 147 -37.80 10.17 -15.63
CA MET C 147 -38.88 9.53 -14.87
C MET C 147 -38.47 8.12 -14.44
N LYS C 148 -37.60 7.45 -15.22
CA LYS C 148 -37.09 6.12 -14.82
C LYS C 148 -36.17 6.19 -13.59
N VAL C 149 -35.25 7.18 -13.50
CA VAL C 149 -34.40 7.25 -12.29
C VAL C 149 -35.27 7.73 -11.11
N ALA C 150 -36.22 8.65 -11.34
CA ALA C 150 -37.11 9.12 -10.26
C ALA C 150 -37.96 7.97 -9.68
N ALA C 151 -38.37 7.02 -10.54
CA ALA C 151 -39.18 5.89 -10.10
C ALA C 151 -38.36 4.93 -9.23
N ALA C 152 -37.02 5.03 -9.19
CA ALA C 152 -36.23 4.16 -8.30
C ALA C 152 -36.22 4.70 -6.85
N THR C 153 -36.79 5.88 -6.58
CA THR C 153 -36.82 6.48 -5.25
C THR C 153 -38.21 6.31 -4.63
N LYS C 154 -38.34 6.64 -3.35
CA LYS C 154 -39.64 6.69 -2.68
C LYS C 154 -40.17 8.12 -2.61
N GLN C 155 -39.35 9.12 -2.97
CA GLN C 155 -39.79 10.51 -3.09
C GLN C 155 -39.46 11.00 -4.51
N PRO C 156 -40.19 10.50 -5.53
CA PRO C 156 -39.94 10.91 -6.92
C PRO C 156 -40.10 12.43 -7.20
N GLN C 157 -40.79 13.15 -6.32
CA GLN C 157 -41.05 14.58 -6.49
C GLN C 157 -39.77 15.42 -6.28
N ARG C 158 -38.72 14.85 -5.66
CA ARG C 158 -37.43 15.54 -5.46
C ARG C 158 -36.49 15.42 -6.67
N VAL C 159 -36.84 14.62 -7.69
CA VAL C 159 -35.93 14.28 -8.78
C VAL C 159 -36.22 15.11 -10.04
N LEU C 160 -35.15 15.63 -10.66
CA LEU C 160 -35.23 16.30 -11.98
C LEU C 160 -33.96 16.07 -12.79
N GLY C 161 -33.97 16.51 -14.04
CA GLY C 161 -32.77 16.51 -14.90
C GLY C 161 -32.07 17.86 -14.88
N LEU C 162 -30.76 17.86 -14.60
CA LEU C 162 -29.92 19.08 -14.69
C LEU C 162 -28.72 18.73 -15.59
N HIS C 163 -28.85 19.13 -16.86
CA HIS C 163 -28.01 18.69 -17.96
C HIS C 163 -26.99 19.78 -18.33
N PHE C 164 -25.70 19.48 -18.13
CA PHE C 164 -24.57 20.37 -18.38
C PHE C 164 -23.88 20.01 -19.72
N PHE C 165 -22.97 20.87 -20.17
CA PHE C 165 -22.29 20.77 -21.50
C PHE C 165 -20.80 21.00 -21.31
N ASN C 166 -19.99 20.01 -21.70
CA ASN C 166 -18.53 20.07 -21.67
C ASN C 166 -18.00 21.14 -22.63
N PRO C 167 -16.97 21.94 -22.25
CA PRO C 167 -16.40 22.10 -20.93
C PRO C 167 -17.28 22.91 -19.95
N VAL C 168 -17.58 22.32 -18.80
CA VAL C 168 -18.61 22.87 -17.91
C VAL C 168 -18.16 24.22 -17.33
N PRO C 169 -16.89 24.45 -16.97
CA PRO C 169 -16.53 25.74 -16.37
C PRO C 169 -16.80 26.95 -17.28
N VAL C 170 -16.82 26.71 -18.61
CA VAL C 170 -16.88 27.73 -19.68
C VAL C 170 -18.31 27.86 -20.24
N LEU C 171 -18.86 26.76 -20.75
CA LEU C 171 -20.09 26.77 -21.51
C LEU C 171 -21.30 27.15 -20.64
N PRO C 172 -21.91 28.34 -20.92
CA PRO C 172 -22.82 28.97 -19.96
C PRO C 172 -24.29 28.54 -20.12
N LEU C 173 -24.55 27.23 -20.06
CA LEU C 173 -25.92 26.69 -20.27
C LEU C 173 -26.18 25.47 -19.38
N VAL C 174 -27.41 25.36 -18.86
CA VAL C 174 -27.97 24.10 -18.39
C VAL C 174 -29.38 23.92 -18.97
N GLU C 175 -29.76 22.64 -19.16
CA GLU C 175 -31.15 22.26 -19.41
C GLU C 175 -31.76 21.75 -18.10
N LEU C 176 -32.88 22.34 -17.70
CA LEU C 176 -33.62 21.89 -16.49
C LEU C 176 -34.87 21.12 -16.95
N VAL C 177 -34.91 19.82 -16.66
CA VAL C 177 -35.99 18.86 -17.09
C VAL C 177 -36.87 18.41 -15.91
N ARG C 178 -38.12 18.89 -15.91
CA ARG C 178 -39.20 18.39 -15.06
C ARG C 178 -39.79 17.09 -15.62
N THR C 179 -39.97 16.10 -14.75
CA THR C 179 -40.79 14.94 -15.06
C THR C 179 -42.26 15.32 -14.82
N LEU C 180 -43.15 14.33 -14.97
CA LEU C 180 -44.54 14.44 -14.62
C LEU C 180 -44.76 14.82 -13.14
N VAL C 181 -43.85 14.43 -12.23
CA VAL C 181 -44.10 14.57 -10.79
C VAL C 181 -43.07 15.50 -10.12
N THR C 182 -42.09 16.04 -10.85
CA THR C 182 -41.15 16.95 -10.18
C THR C 182 -41.90 18.10 -9.48
N ASP C 183 -41.60 18.31 -8.21
CA ASP C 183 -42.17 19.35 -7.37
C ASP C 183 -41.80 20.76 -7.90
N GLU C 184 -42.77 21.69 -7.94
CA GLU C 184 -42.57 23.08 -8.43
C GLU C 184 -41.45 23.79 -7.66
N ALA C 185 -41.45 23.69 -6.32
CA ALA C 185 -40.44 24.34 -5.51
C ALA C 185 -39.03 23.77 -5.79
N ALA C 186 -38.92 22.45 -6.02
CA ALA C 186 -37.62 21.82 -6.30
C ALA C 186 -37.01 22.46 -7.56
N ALA C 187 -37.84 22.59 -8.59
CA ALA C 187 -37.42 23.10 -9.87
C ALA C 187 -37.02 24.57 -9.76
N ALA C 188 -37.79 25.35 -9.00
CA ALA C 188 -37.55 26.82 -8.81
C ALA C 188 -36.24 27.03 -8.04
N ARG C 189 -36.04 26.25 -6.97
CA ARG C 189 -34.76 26.32 -6.19
C ARG C 189 -33.57 25.98 -7.11
N THR C 190 -33.75 25.02 -8.02
CA THR C 190 -32.64 24.55 -8.84
C THR C 190 -32.28 25.59 -9.90
N GLU C 191 -33.31 26.20 -10.46
CA GLU C 191 -33.15 27.27 -11.44
C GLU C 191 -32.45 28.50 -10.81
N GLU C 192 -32.85 28.89 -9.60
CA GLU C 192 -32.27 29.98 -8.88
C GLU C 192 -30.76 29.72 -8.69
N PHE C 193 -30.37 28.47 -8.36
CA PHE C 193 -28.94 28.08 -8.15
C PHE C 193 -28.11 28.15 -9.45
N ALA C 194 -28.63 27.54 -10.52
CA ALA C 194 -27.91 27.50 -11.79
C ALA C 194 -27.61 28.90 -12.35
N SER C 195 -28.57 29.81 -12.19
CA SER C 195 -28.59 31.14 -12.75
C SER C 195 -27.79 32.13 -11.88
N THR C 196 -28.21 32.23 -10.63
CA THR C 196 -27.66 33.20 -9.65
C THR C 196 -26.23 32.80 -9.18
N VAL C 197 -26.03 31.51 -8.90
CA VAL C 197 -24.78 31.05 -8.30
C VAL C 197 -23.79 30.63 -9.40
N LEU C 198 -24.20 29.75 -10.32
CA LEU C 198 -23.27 29.30 -11.39
C LEU C 198 -23.19 30.28 -12.58
N GLY C 199 -24.08 31.28 -12.67
CA GLY C 199 -24.02 32.25 -13.79
C GLY C 199 -24.38 31.65 -15.15
N LYS C 200 -25.23 30.61 -15.19
CA LYS C 200 -25.58 29.94 -16.42
C LYS C 200 -27.00 30.33 -16.88
N GLN C 201 -27.18 30.39 -18.18
CA GLN C 201 -28.49 30.42 -18.81
C GLN C 201 -29.26 29.13 -18.47
N VAL C 202 -30.56 29.25 -18.19
CA VAL C 202 -31.39 28.08 -17.88
C VAL C 202 -32.48 27.90 -18.94
N VAL C 203 -32.48 26.75 -19.60
CA VAL C 203 -33.43 26.34 -20.62
C VAL C 203 -34.33 25.24 -20.04
N ARG C 204 -35.66 25.46 -20.04
CA ARG C 204 -36.65 24.48 -19.57
C ARG C 204 -37.19 23.60 -20.71
N CYS C 205 -37.29 22.29 -20.43
CA CYS C 205 -38.08 21.43 -21.31
C CYS C 205 -38.59 20.15 -20.61
N SER C 206 -39.30 19.36 -21.43
CA SER C 206 -40.00 18.17 -21.04
C SER C 206 -39.05 16.96 -21.09
N ASP C 207 -39.47 15.90 -20.42
CA ASP C 207 -38.76 14.60 -20.34
C ASP C 207 -38.99 13.78 -21.62
N ARG C 208 -38.24 14.13 -22.68
CA ARG C 208 -38.15 13.45 -23.98
C ARG C 208 -36.69 13.32 -24.46
N SER C 209 -36.42 12.23 -25.17
CA SER C 209 -35.05 11.86 -25.61
C SER C 209 -34.38 13.01 -26.37
N GLY C 210 -33.21 13.39 -25.88
CA GLY C 210 -32.39 14.42 -26.46
C GLY C 210 -32.68 15.81 -25.92
N PHE C 211 -33.77 16.01 -25.14
CA PHE C 211 -34.22 17.34 -24.64
C PHE C 211 -34.21 18.34 -25.81
N VAL C 212 -33.59 19.54 -25.67
CA VAL C 212 -33.56 20.55 -26.77
C VAL C 212 -32.25 20.45 -27.59
N VAL C 213 -31.09 20.60 -26.93
CA VAL C 213 -29.82 20.76 -27.66
C VAL C 213 -29.49 19.51 -28.50
N ASN C 214 -29.33 18.36 -27.84
CA ASN C 214 -28.93 17.11 -28.49
C ASN C 214 -29.95 16.69 -29.56
N ALA C 215 -31.23 16.96 -29.28
CA ALA C 215 -32.29 16.60 -30.19
C ALA C 215 -32.16 17.40 -31.49
N LEU C 216 -31.58 18.62 -31.44
CA LEU C 216 -31.39 19.40 -32.67
C LEU C 216 -30.05 19.04 -33.33
N LEU C 217 -28.97 18.91 -32.53
CA LEU C 217 -27.58 18.67 -32.95
C LEU C 217 -27.41 17.29 -33.64
N VAL C 218 -27.84 16.22 -32.98
CA VAL C 218 -27.51 14.85 -33.38
C VAL C 218 -28.06 14.53 -34.77
N PRO C 219 -29.36 14.76 -35.10
CA PRO C 219 -29.85 14.53 -36.47
C PRO C 219 -29.12 15.30 -37.59
N TYR C 220 -28.67 16.52 -37.26
CA TYR C 220 -27.84 17.37 -38.12
C TYR C 220 -26.48 16.67 -38.35
N LEU C 221 -25.82 16.20 -37.28
CA LEU C 221 -24.50 15.52 -37.44
C LEU C 221 -24.68 14.23 -38.28
N LEU C 222 -25.72 13.44 -37.98
CA LEU C 222 -25.97 12.19 -38.73
C LEU C 222 -26.14 12.49 -40.23
N SER C 223 -26.87 13.55 -40.54
CA SER C 223 -27.12 13.93 -41.91
C SER C 223 -25.81 14.32 -42.64
N ALA C 224 -24.88 15.01 -41.96
CA ALA C 224 -23.60 15.30 -42.55
C ALA C 224 -22.84 13.99 -42.85
N ILE C 225 -22.90 13.06 -41.91
CA ILE C 225 -22.18 11.81 -42.02
C ILE C 225 -22.72 11.00 -43.21
N ARG C 226 -24.04 11.04 -43.43
CA ARG C 226 -24.67 10.29 -44.54
C ARG C 226 -24.16 10.87 -45.87
N MET C 227 -23.93 12.19 -45.92
CA MET C 227 -23.44 12.82 -47.13
C MET C 227 -22.07 12.27 -47.49
N VAL C 228 -21.21 12.16 -46.48
CA VAL C 228 -19.83 11.72 -46.69
C VAL C 228 -19.81 10.26 -47.10
N GLU C 229 -20.57 9.45 -46.39
CA GLU C 229 -20.73 8.02 -46.66
C GLU C 229 -21.10 7.77 -48.13
N ALA C 230 -22.09 8.52 -48.67
CA ALA C 230 -22.60 8.31 -50.06
C ALA C 230 -21.71 9.02 -51.12
N GLY C 231 -20.63 9.67 -50.70
CA GLY C 231 -19.65 10.31 -51.61
C GLY C 231 -20.19 11.57 -52.30
N PHE C 232 -21.19 12.22 -51.68
CA PHE C 232 -21.85 13.37 -52.23
C PHE C 232 -20.93 14.59 -52.09
N ALA C 233 -20.13 14.63 -51.03
CA ALA C 233 -19.09 15.62 -50.82
C ALA C 233 -18.07 15.07 -49.84
N THR C 234 -16.90 15.70 -49.84
CA THR C 234 -15.79 15.29 -49.01
C THR C 234 -16.01 15.85 -47.60
N VAL C 235 -15.34 15.20 -46.64
CA VAL C 235 -15.28 15.62 -45.28
C VAL C 235 -14.92 17.12 -45.23
N GLU C 236 -13.87 17.50 -45.96
CA GLU C 236 -13.27 18.81 -45.89
C GLU C 236 -14.25 19.85 -46.48
N ASP C 237 -14.91 19.51 -47.58
CA ASP C 237 -15.83 20.44 -48.26
C ASP C 237 -17.09 20.66 -47.40
N VAL C 238 -17.64 19.62 -46.78
CA VAL C 238 -18.81 19.76 -45.88
C VAL C 238 -18.45 20.70 -44.72
N ASP C 239 -17.29 20.50 -44.08
CA ASP C 239 -16.89 21.33 -42.93
C ASP C 239 -16.68 22.79 -43.34
N LYS C 240 -16.00 22.99 -44.46
CA LYS C 240 -15.70 24.30 -45.00
C LYS C 240 -17.01 25.08 -45.28
N ALA C 241 -17.95 24.37 -45.91
CA ALA C 241 -19.26 24.86 -46.29
C ALA C 241 -20.04 25.39 -45.09
N VAL C 242 -20.03 24.64 -43.99
CA VAL C 242 -20.74 25.10 -42.77
C VAL C 242 -20.03 26.29 -42.08
N VAL C 243 -18.69 26.26 -41.92
CA VAL C 243 -17.96 27.38 -41.31
C VAL C 243 -18.23 28.66 -42.13
N ALA C 244 -17.98 28.59 -43.43
CA ALA C 244 -18.05 29.79 -44.28
C ALA C 244 -19.52 30.19 -44.53
N GLY C 245 -20.41 29.22 -44.79
CA GLY C 245 -21.80 29.52 -45.08
C GLY C 245 -22.65 29.86 -43.85
N LEU C 246 -22.54 29.11 -42.74
CA LEU C 246 -23.46 29.26 -41.57
C LEU C 246 -22.78 30.00 -40.41
N SER C 247 -21.48 30.28 -40.56
CA SER C 247 -20.65 30.98 -39.56
C SER C 247 -20.58 30.20 -38.25
N HIS C 248 -20.65 28.86 -38.29
CA HIS C 248 -20.40 28.02 -37.10
C HIS C 248 -18.91 28.02 -36.79
N PRO C 249 -18.48 27.97 -35.51
CA PRO C 249 -17.06 27.92 -35.18
C PRO C 249 -16.44 26.66 -35.78
N MET C 250 -17.24 25.60 -35.95
CA MET C 250 -16.70 24.29 -36.32
C MET C 250 -17.70 23.49 -37.17
N GLY C 251 -17.21 22.81 -38.20
CA GLY C 251 -18.01 22.00 -39.12
C GLY C 251 -18.48 20.69 -38.47
N PRO C 252 -19.54 20.06 -39.00
CA PRO C 252 -20.17 18.92 -38.34
C PRO C 252 -19.31 17.66 -38.20
N LEU C 253 -18.36 17.42 -39.11
CA LEU C 253 -17.48 16.22 -38.99
C LEU C 253 -16.39 16.45 -37.93
N ARG C 254 -15.82 17.64 -37.89
CA ARG C 254 -14.89 18.07 -36.82
C ARG C 254 -15.58 17.98 -35.45
N LEU C 255 -16.83 18.48 -35.37
CA LEU C 255 -17.61 18.49 -34.11
C LEU C 255 -17.97 17.07 -33.62
N SER C 256 -18.34 16.17 -34.55
CA SER C 256 -18.56 14.75 -34.28
C SER C 256 -17.31 14.12 -33.63
N ASP C 257 -16.12 14.44 -34.15
CA ASP C 257 -14.87 13.98 -33.55
C ASP C 257 -14.70 14.49 -32.09
N LEU C 258 -15.17 15.70 -31.82
CA LEU C 258 -15.01 16.36 -30.52
C LEU C 258 -16.03 15.82 -29.51
N VAL C 259 -17.25 15.55 -29.97
CA VAL C 259 -18.31 14.97 -29.13
C VAL C 259 -17.91 13.54 -28.69
N GLY C 260 -17.26 12.81 -29.59
CA GLY C 260 -17.01 11.36 -29.43
C GLY C 260 -17.97 10.58 -30.32
N LEU C 261 -17.45 9.73 -31.20
CA LEU C 261 -18.33 8.97 -32.08
C LEU C 261 -19.09 7.85 -31.31
N ASP C 262 -18.54 7.33 -30.20
CA ASP C 262 -19.30 6.40 -29.34
C ASP C 262 -20.45 7.12 -28.63
N THR C 263 -20.21 8.32 -28.10
CA THR C 263 -21.23 9.15 -27.50
C THR C 263 -22.34 9.40 -28.51
N LEU C 264 -21.98 9.83 -29.72
CA LEU C 264 -22.95 10.16 -30.78
C LEU C 264 -23.84 8.96 -31.14
N LYS C 265 -23.23 7.78 -31.32
CA LYS C 265 -23.94 6.55 -31.60
C LYS C 265 -24.95 6.24 -30.48
N LEU C 266 -24.56 6.42 -29.20
CA LEU C 266 -25.46 6.10 -28.08
C LEU C 266 -26.68 7.04 -28.06
N ILE C 267 -26.50 8.36 -28.24
CA ILE C 267 -27.65 9.31 -28.22
C ILE C 267 -28.60 9.02 -29.39
N ALA C 268 -28.03 8.66 -30.56
CA ALA C 268 -28.79 8.32 -31.74
C ALA C 268 -29.61 7.02 -31.54
N ASP C 269 -29.04 5.97 -30.94
CA ASP C 269 -29.78 4.72 -30.65
C ASP C 269 -30.99 5.01 -29.75
N LYS C 270 -30.81 5.83 -28.71
CA LYS C 270 -31.88 6.20 -27.78
C LYS C 270 -32.95 7.07 -28.46
N MET C 271 -32.56 7.99 -29.35
CA MET C 271 -33.59 8.80 -30.05
C MET C 271 -34.37 7.92 -31.03
N PHE C 272 -33.70 6.99 -31.70
CA PHE C 272 -34.44 6.06 -32.59
C PHE C 272 -35.40 5.22 -31.75
N GLU C 273 -34.93 4.74 -30.57
CA GLU C 273 -35.80 3.90 -29.71
C GLU C 273 -37.05 4.68 -29.26
N GLU C 274 -36.93 5.98 -28.91
CA GLU C 274 -38.14 6.74 -28.53
C GLU C 274 -39.02 7.02 -29.75
N PHE C 275 -38.43 7.60 -30.80
CA PHE C 275 -39.22 8.25 -31.88
C PHE C 275 -39.49 7.32 -33.09
N LYS C 276 -38.66 6.31 -33.33
CA LYS C 276 -38.84 5.32 -34.39
C LYS C 276 -38.59 5.87 -35.82
N GLU C 277 -38.07 7.09 -35.99
CA GLU C 277 -37.92 7.60 -37.35
C GLU C 277 -36.50 7.28 -37.86
N PRO C 278 -36.36 6.65 -39.05
CA PRO C 278 -35.06 6.21 -39.54
C PRO C 278 -33.91 7.25 -39.54
N HIS C 279 -34.21 8.54 -39.73
CA HIS C 279 -33.17 9.57 -39.78
C HIS C 279 -32.49 9.76 -38.42
N TYR C 280 -33.12 9.29 -37.31
CA TYR C 280 -32.55 9.39 -35.96
C TYR C 280 -31.53 8.27 -35.73
N GLY C 281 -31.62 7.23 -36.55
CA GLY C 281 -30.76 6.07 -36.38
C GLY C 281 -29.34 6.32 -36.88
N PRO C 282 -28.31 5.67 -36.26
CA PRO C 282 -26.92 5.80 -36.67
C PRO C 282 -26.63 5.24 -38.06
N PRO C 283 -26.02 6.01 -38.99
CA PRO C 283 -25.69 5.48 -40.30
C PRO C 283 -24.60 4.42 -40.25
N PRO C 284 -24.60 3.49 -41.21
CA PRO C 284 -23.62 2.41 -41.25
C PRO C 284 -22.13 2.80 -41.12
N LEU C 285 -21.71 3.94 -41.70
CA LEU C 285 -20.31 4.39 -41.59
C LEU C 285 -19.98 4.72 -40.10
N LEU C 286 -20.91 5.35 -39.38
CA LEU C 286 -20.72 5.62 -37.94
C LEU C 286 -20.57 4.30 -37.16
N LEU C 287 -21.44 3.32 -37.43
CA LEU C 287 -21.37 1.96 -36.86
C LEU C 287 -19.97 1.35 -37.12
N ARG C 288 -19.49 1.38 -38.38
CA ARG C 288 -18.21 0.79 -38.75
C ARG C 288 -17.08 1.48 -37.95
N MET C 289 -17.13 2.81 -37.84
CA MET C 289 -16.04 3.56 -37.21
C MET C 289 -15.99 3.23 -35.72
N VAL C 290 -17.16 3.18 -35.07
CA VAL C 290 -17.21 2.84 -33.67
C VAL C 290 -16.67 1.41 -33.48
N GLU C 291 -17.02 0.46 -34.33
CA GLU C 291 -16.58 -0.90 -34.15
C GLU C 291 -15.05 -1.01 -34.28
N ALA C 292 -14.42 -0.10 -35.02
CA ALA C 292 -12.97 -0.13 -35.29
C ALA C 292 -12.18 0.65 -34.22
N GLY C 293 -12.87 1.24 -33.24
CA GLY C 293 -12.22 2.05 -32.18
C GLY C 293 -11.82 3.45 -32.67
N GLN C 294 -12.33 3.84 -33.85
CA GLN C 294 -12.12 5.16 -34.41
C GLN C 294 -13.17 6.12 -33.82
N LEU C 295 -12.89 6.63 -32.62
CA LEU C 295 -13.88 7.39 -31.87
C LEU C 295 -13.73 8.91 -31.97
N GLY C 296 -12.77 9.40 -32.78
CA GLY C 296 -12.53 10.86 -32.84
C GLY C 296 -11.30 11.30 -32.04
N LYS C 297 -11.32 12.54 -31.54
CA LYS C 297 -10.11 13.21 -30.92
C LYS C 297 -9.57 12.30 -29.80
N LYS C 298 -10.44 11.79 -28.93
CA LYS C 298 -10.04 11.04 -27.73
C LYS C 298 -9.42 9.67 -28.05
N SER C 299 -9.50 9.15 -29.28
CA SER C 299 -8.74 7.91 -29.64
C SER C 299 -7.63 8.18 -30.65
N GLY C 300 -7.45 9.44 -31.06
CA GLY C 300 -6.47 9.73 -32.08
C GLY C 300 -7.00 9.68 -33.51
N ARG C 301 -8.18 9.10 -33.77
CA ARG C 301 -8.73 9.25 -35.12
C ARG C 301 -10.24 9.02 -35.18
N GLY C 302 -10.87 9.80 -36.07
CA GLY C 302 -12.30 9.77 -36.41
C GLY C 302 -12.46 10.14 -37.87
N PHE C 303 -13.17 11.24 -38.16
CA PHE C 303 -13.14 11.79 -39.53
C PHE C 303 -11.77 12.39 -39.85
N TYR C 304 -11.05 12.90 -38.83
CA TYR C 304 -9.71 13.45 -39.01
C TYR C 304 -8.75 12.66 -38.11
N THR C 305 -7.45 12.90 -38.35
CA THR C 305 -6.33 12.31 -37.61
C THR C 305 -5.81 13.36 -36.63
N TYR C 306 -5.45 12.95 -35.41
CA TYR C 306 -5.00 13.86 -34.34
C TYR C 306 -3.72 13.32 -33.69
N ALA C 307 -2.58 13.97 -33.98
CA ALA C 307 -1.23 13.51 -33.52
C ALA C 307 -0.89 14.18 -32.19
N ASP D 23 -7.89 31.40 -70.88
CA ASP D 23 -8.01 30.67 -69.54
C ASP D 23 -8.76 31.53 -68.49
N ALA D 24 -8.27 32.77 -68.31
CA ALA D 24 -8.67 33.74 -67.25
C ALA D 24 -9.96 34.49 -67.65
N ILE D 25 -10.78 34.82 -66.65
CA ILE D 25 -12.04 35.52 -66.89
C ILE D 25 -11.88 37.01 -66.57
N GLN D 26 -12.23 37.88 -67.53
CA GLN D 26 -12.25 39.36 -67.33
C GLN D 26 -13.63 39.95 -67.71
N ARG D 27 -14.48 39.21 -68.45
CA ARG D 27 -15.81 39.73 -68.91
C ARG D 27 -16.96 38.88 -68.35
N VAL D 28 -17.68 39.48 -67.39
CA VAL D 28 -18.76 38.80 -66.68
C VAL D 28 -20.09 39.46 -66.99
N GLY D 29 -21.14 38.62 -67.10
CA GLY D 29 -22.52 39.03 -67.26
C GLY D 29 -23.38 38.53 -66.13
N VAL D 30 -24.33 39.35 -65.70
CA VAL D 30 -25.27 39.01 -64.66
C VAL D 30 -26.69 39.26 -65.15
N VAL D 31 -27.57 38.25 -65.02
CA VAL D 31 -28.96 38.36 -65.42
C VAL D 31 -29.80 38.38 -64.15
N GLY D 32 -30.42 39.52 -63.86
CA GLY D 32 -31.24 39.75 -62.66
C GLY D 32 -30.55 40.69 -61.67
N ALA D 33 -31.26 41.72 -61.21
CA ALA D 33 -30.68 42.72 -60.30
C ALA D 33 -31.46 42.76 -58.98
N GLY D 34 -32.03 41.61 -58.61
CA GLY D 34 -32.59 41.40 -57.28
C GLY D 34 -31.51 41.63 -56.24
N GLN D 35 -31.71 41.08 -55.04
CA GLN D 35 -30.69 41.18 -53.98
C GLN D 35 -29.43 40.38 -54.37
N MET D 36 -29.62 39.15 -54.80
CA MET D 36 -28.53 38.21 -55.13
C MET D 36 -27.75 38.71 -56.35
N GLY D 37 -28.45 39.13 -57.41
CA GLY D 37 -27.80 39.62 -58.64
C GLY D 37 -26.91 40.85 -58.43
N SER D 38 -27.35 41.76 -57.55
CA SER D 38 -26.68 43.02 -57.23
C SER D 38 -25.44 42.73 -56.39
N GLY D 39 -25.56 41.75 -55.48
CA GLY D 39 -24.42 41.23 -54.71
C GLY D 39 -23.30 40.71 -55.62
N ILE D 40 -23.70 39.84 -56.56
CA ILE D 40 -22.81 39.13 -57.46
C ILE D 40 -22.10 40.14 -58.36
N ALA D 41 -22.86 41.11 -58.88
CA ALA D 41 -22.28 42.16 -59.75
C ALA D 41 -21.28 43.02 -58.97
N GLU D 42 -21.64 43.39 -57.73
CA GLU D 42 -20.79 44.26 -56.88
C GLU D 42 -19.42 43.60 -56.63
N VAL D 43 -19.47 42.32 -56.25
CA VAL D 43 -18.30 41.63 -55.77
C VAL D 43 -17.41 41.38 -56.99
N SER D 44 -18.02 41.26 -58.17
CA SER D 44 -17.25 41.06 -59.40
C SER D 44 -16.52 42.36 -59.78
N ALA D 45 -17.22 43.48 -59.61
CA ALA D 45 -16.68 44.81 -60.00
C ALA D 45 -15.50 45.25 -59.10
N ARG D 46 -15.61 45.04 -57.78
CA ARG D 46 -14.53 45.40 -56.79
C ARG D 46 -13.23 44.63 -57.06
N ALA D 47 -13.37 43.41 -57.60
CA ALA D 47 -12.28 42.52 -57.98
C ALA D 47 -11.69 42.93 -59.33
N GLY D 48 -12.23 43.99 -59.96
CA GLY D 48 -11.67 44.61 -61.18
C GLY D 48 -12.15 43.96 -62.48
N VAL D 49 -13.28 43.22 -62.44
CA VAL D 49 -13.85 42.59 -63.66
C VAL D 49 -14.89 43.52 -64.33
N GLU D 50 -14.89 43.63 -65.68
CA GLU D 50 -15.99 44.32 -66.43
C GLU D 50 -17.27 43.49 -66.27
N VAL D 51 -18.36 44.16 -65.85
CA VAL D 51 -19.63 43.53 -65.57
C VAL D 51 -20.74 44.21 -66.39
N THR D 52 -21.48 43.43 -67.23
CA THR D 52 -22.76 43.89 -67.88
C THR D 52 -23.94 43.28 -67.13
N VAL D 53 -24.82 44.13 -66.59
CA VAL D 53 -26.06 43.71 -65.91
C VAL D 53 -27.25 43.89 -66.88
N PHE D 54 -28.07 42.83 -67.00
CA PHE D 54 -29.26 42.82 -67.86
C PHE D 54 -30.51 42.67 -66.99
N GLU D 55 -31.54 43.46 -67.33
CA GLU D 55 -32.93 43.29 -66.86
C GLU D 55 -33.85 43.62 -68.03
N PRO D 56 -35.03 42.96 -68.17
CA PRO D 56 -35.87 43.11 -69.36
C PRO D 56 -36.52 44.50 -69.56
N ALA D 57 -36.73 45.23 -68.46
CA ALA D 57 -37.36 46.56 -68.47
C ALA D 57 -36.56 47.53 -67.58
N GLU D 58 -36.69 48.83 -67.91
CA GLU D 58 -35.91 49.95 -67.36
C GLU D 58 -36.17 50.15 -65.85
N ALA D 59 -37.38 49.85 -65.38
CA ALA D 59 -37.77 50.01 -63.97
C ALA D 59 -36.83 49.22 -63.03
N LEU D 60 -36.36 48.06 -63.50
CA LEU D 60 -35.59 47.13 -62.68
C LEU D 60 -34.09 47.45 -62.76
N ILE D 61 -33.60 47.91 -63.92
CA ILE D 61 -32.22 48.40 -64.09
C ILE D 61 -31.88 49.40 -62.98
N THR D 62 -32.70 50.46 -62.90
CA THR D 62 -32.45 51.64 -62.07
C THR D 62 -32.66 51.28 -60.58
N ALA D 63 -33.49 50.26 -60.29
CA ALA D 63 -33.73 49.75 -58.92
C ALA D 63 -32.49 49.06 -58.35
N GLY D 64 -31.72 48.42 -59.25
CA GLY D 64 -30.55 47.61 -58.91
C GLY D 64 -29.26 48.42 -58.96
N ARG D 65 -29.14 49.33 -59.95
CA ARG D 65 -28.04 50.30 -59.96
C ARG D 65 -27.99 51.02 -58.61
N ASN D 66 -29.17 51.13 -57.95
CA ASN D 66 -29.26 51.77 -56.65
C ASN D 66 -28.68 50.84 -55.58
N ARG D 67 -29.30 49.66 -55.40
CA ARG D 67 -28.89 48.71 -54.34
C ARG D 67 -27.37 48.73 -54.20
N ILE D 68 -26.66 48.74 -55.33
CA ILE D 68 -25.20 48.58 -55.43
C ILE D 68 -24.48 49.85 -54.92
N VAL D 69 -24.92 51.02 -55.41
CA VAL D 69 -24.32 52.31 -55.01
C VAL D 69 -24.51 52.51 -53.50
N LYS D 70 -25.64 52.04 -52.96
CA LYS D 70 -25.91 52.05 -51.53
C LYS D 70 -24.78 51.28 -50.83
N SER D 71 -24.67 49.98 -51.12
CA SER D 71 -23.74 49.04 -50.47
C SER D 71 -22.31 49.59 -50.48
N LEU D 72 -21.92 50.17 -51.62
CA LEU D 72 -20.56 50.70 -51.82
C LEU D 72 -20.29 51.92 -50.91
N GLU D 73 -21.30 52.80 -50.72
CA GLU D 73 -21.19 54.01 -49.83
C GLU D 73 -21.19 53.57 -48.35
N ARG D 74 -21.91 52.47 -48.01
CA ARG D 74 -21.89 51.88 -46.65
C ARG D 74 -20.49 51.32 -46.33
N ALA D 75 -19.77 50.90 -47.38
CA ALA D 75 -18.50 50.16 -47.26
C ALA D 75 -17.30 51.11 -47.30
N VAL D 76 -17.50 52.34 -47.81
CA VAL D 76 -16.58 53.45 -47.61
C VAL D 76 -16.87 54.06 -46.23
N SER D 77 -18.17 54.24 -45.90
CA SER D 77 -18.64 54.69 -44.58
C SER D 77 -17.86 53.93 -43.50
N ALA D 78 -17.82 52.59 -43.61
CA ALA D 78 -17.22 51.67 -42.61
C ALA D 78 -15.79 51.26 -42.99
N GLY D 79 -15.01 52.22 -43.52
CA GLY D 79 -13.53 52.14 -43.62
C GLY D 79 -12.98 51.10 -44.59
N LYS D 80 -13.86 50.31 -45.24
CA LYS D 80 -13.51 49.02 -45.90
C LYS D 80 -12.91 49.26 -47.30
N VAL D 81 -13.41 50.27 -48.03
CA VAL D 81 -12.99 50.55 -49.43
C VAL D 81 -12.71 52.05 -49.60
N THR D 82 -11.58 52.31 -50.27
CA THR D 82 -11.11 53.65 -50.56
C THR D 82 -12.12 54.30 -51.53
N GLU D 83 -12.11 55.64 -51.55
CA GLU D 83 -12.96 56.48 -52.39
C GLU D 83 -12.66 56.21 -53.88
N ARG D 84 -11.36 56.25 -54.24
CA ARG D 84 -10.81 55.89 -55.58
C ARG D 84 -11.17 54.44 -55.98
N GLU D 85 -11.28 53.54 -55.01
CA GLU D 85 -11.63 52.13 -55.28
C GLU D 85 -13.10 52.03 -55.70
N ARG D 86 -14.00 52.58 -54.86
CA ARG D 86 -15.46 52.58 -55.10
C ARG D 86 -15.76 53.12 -56.51
N ASP D 87 -15.11 54.22 -56.88
CA ASP D 87 -15.32 54.83 -58.18
C ASP D 87 -14.82 53.92 -59.31
N ARG D 88 -13.66 53.26 -59.13
CA ARG D 88 -13.12 52.34 -60.14
C ARG D 88 -14.12 51.19 -60.36
N ALA D 89 -14.82 50.80 -59.29
CA ALA D 89 -15.82 49.72 -59.30
C ALA D 89 -17.05 50.07 -60.16
N LEU D 90 -17.51 51.33 -60.09
CA LEU D 90 -18.72 51.78 -60.83
C LEU D 90 -18.39 51.96 -62.31
N GLY D 91 -17.19 52.48 -62.59
CA GLY D 91 -16.61 52.57 -63.94
C GLY D 91 -16.61 51.24 -64.69
N LEU D 92 -16.71 50.12 -63.96
CA LEU D 92 -16.71 48.75 -64.52
C LEU D 92 -18.14 48.16 -64.59
N LEU D 93 -19.17 48.80 -64.00
CA LEU D 93 -20.56 48.32 -64.17
C LEU D 93 -21.20 48.98 -65.41
N THR D 94 -21.76 48.16 -66.31
CA THR D 94 -22.64 48.62 -67.40
C THR D 94 -24.02 47.97 -67.24
N PHE D 95 -25.06 48.67 -67.75
CA PHE D 95 -26.45 48.14 -67.71
C PHE D 95 -27.05 48.19 -69.13
N THR D 96 -27.94 47.21 -69.41
CA THR D 96 -28.54 47.02 -70.74
C THR D 96 -29.87 46.31 -70.53
N THR D 97 -30.76 46.49 -71.52
CA THR D 97 -32.02 45.77 -71.57
C THR D 97 -32.07 44.98 -72.88
N ASP D 98 -30.93 44.90 -73.57
CA ASP D 98 -30.78 44.07 -74.76
C ASP D 98 -29.82 42.90 -74.44
N LEU D 99 -30.39 41.69 -74.39
CA LEU D 99 -29.64 40.48 -74.02
C LEU D 99 -28.51 40.21 -75.04
N ASN D 100 -28.63 40.69 -76.28
CA ASN D 100 -27.60 40.44 -77.35
C ASN D 100 -26.24 41.08 -76.99
N ASP D 101 -26.28 42.05 -76.06
CA ASP D 101 -25.08 42.74 -75.59
C ASP D 101 -24.18 41.78 -74.79
N LEU D 102 -24.74 40.67 -74.25
CA LEU D 102 -23.95 39.68 -73.48
C LEU D 102 -23.18 38.69 -74.40
N SER D 103 -23.17 38.95 -75.71
CA SER D 103 -22.62 38.05 -76.69
C SER D 103 -21.12 37.81 -76.47
N ASP D 104 -20.42 38.80 -75.90
CA ASP D 104 -18.95 38.72 -75.77
C ASP D 104 -18.52 38.19 -74.39
N ARG D 105 -19.47 37.82 -73.52
CA ARG D 105 -19.11 37.43 -72.13
C ARG D 105 -18.43 36.05 -72.11
N GLN D 106 -17.56 35.85 -71.09
CA GLN D 106 -16.85 34.56 -70.83
C GLN D 106 -17.61 33.73 -69.78
N LEU D 107 -18.30 34.40 -68.85
CA LEU D 107 -19.11 33.82 -67.77
C LEU D 107 -20.37 34.68 -67.55
N VAL D 108 -21.54 34.05 -67.61
CA VAL D 108 -22.81 34.71 -67.28
C VAL D 108 -23.43 33.95 -66.11
N ILE D 109 -23.89 34.69 -65.11
CA ILE D 109 -24.55 34.15 -63.91
C ILE D 109 -26.00 34.64 -63.86
N GLU D 110 -26.93 33.69 -63.90
CA GLU D 110 -28.38 33.96 -63.83
C GLU D 110 -28.84 33.94 -62.37
N ALA D 111 -29.51 35.01 -61.93
CA ALA D 111 -30.09 35.09 -60.58
C ALA D 111 -31.48 35.75 -60.61
N VAL D 112 -32.46 35.11 -61.23
CA VAL D 112 -33.83 35.64 -61.33
C VAL D 112 -34.72 34.81 -60.41
N VAL D 113 -36.05 35.01 -60.52
CA VAL D 113 -37.07 34.31 -59.67
C VAL D 113 -36.96 32.78 -59.82
N GLU D 114 -37.29 32.09 -58.73
CA GLU D 114 -37.28 30.64 -58.66
C GLU D 114 -38.46 30.06 -59.44
N ASP D 115 -38.46 30.23 -60.77
CA ASP D 115 -39.48 29.65 -61.62
C ASP D 115 -38.82 28.92 -62.80
N GLU D 116 -39.11 27.62 -62.92
CA GLU D 116 -38.51 26.76 -63.93
C GLU D 116 -38.76 27.29 -65.36
N ALA D 117 -39.95 27.80 -65.64
CA ALA D 117 -40.34 28.20 -67.01
C ALA D 117 -39.58 29.47 -67.46
N VAL D 118 -39.40 30.41 -66.53
CA VAL D 118 -38.63 31.67 -66.79
C VAL D 118 -37.13 31.35 -67.00
N LYS D 119 -36.54 30.55 -66.12
CA LYS D 119 -35.11 30.17 -66.21
C LYS D 119 -34.82 29.47 -67.53
N SER D 120 -35.71 28.56 -67.92
CA SER D 120 -35.60 27.81 -69.14
C SER D 120 -35.47 28.73 -70.34
N GLU D 121 -36.36 29.74 -70.49
CA GLU D 121 -36.38 30.61 -71.72
C GLU D 121 -35.09 31.41 -71.80
N ILE D 122 -34.63 31.82 -70.61
CA ILE D 122 -33.47 32.64 -70.43
C ILE D 122 -32.24 31.85 -70.88
N PHE D 123 -32.14 30.59 -70.43
CA PHE D 123 -30.99 29.75 -70.78
C PHE D 123 -31.04 29.42 -72.27
N ALA D 124 -32.24 29.23 -72.80
CA ALA D 124 -32.41 29.06 -74.26
C ALA D 124 -31.84 30.28 -75.02
N GLU D 125 -32.22 31.49 -74.60
CA GLU D 125 -31.78 32.73 -75.29
C GLU D 125 -30.27 32.96 -75.08
N LEU D 126 -29.78 32.79 -73.84
CA LEU D 126 -28.35 33.00 -73.54
C LEU D 126 -27.51 32.08 -74.43
N ASP D 127 -28.00 30.84 -74.62
CA ASP D 127 -27.26 29.83 -75.37
C ASP D 127 -27.07 30.29 -76.82
N ARG D 128 -28.08 30.97 -77.36
CA ARG D 128 -28.09 31.46 -78.75
C ARG D 128 -27.12 32.67 -78.90
N VAL D 129 -27.14 33.60 -77.93
CA VAL D 129 -26.36 34.87 -77.95
C VAL D 129 -24.84 34.63 -77.76
N VAL D 130 -24.46 33.89 -76.72
CA VAL D 130 -23.05 33.74 -76.31
C VAL D 130 -22.40 32.69 -77.22
N THR D 131 -21.58 33.08 -78.19
CA THR D 131 -21.13 32.09 -79.22
C THR D 131 -19.82 31.40 -78.79
N ASP D 132 -19.05 31.98 -77.86
CA ASP D 132 -17.76 31.39 -77.44
C ASP D 132 -17.99 29.98 -76.87
N PRO D 133 -17.40 28.90 -77.44
CA PRO D 133 -17.66 27.55 -76.95
C PRO D 133 -17.04 27.26 -75.57
N ASP D 134 -16.03 28.07 -75.18
CA ASP D 134 -15.33 28.02 -73.87
C ASP D 134 -16.03 28.88 -72.79
N ALA D 135 -17.06 29.65 -73.17
CA ALA D 135 -17.83 30.41 -72.17
C ALA D 135 -18.68 29.47 -71.29
N VAL D 136 -19.06 29.99 -70.12
CA VAL D 136 -19.76 29.26 -69.11
C VAL D 136 -21.08 30.00 -68.80
N LEU D 137 -22.21 29.27 -68.81
CA LEU D 137 -23.49 29.82 -68.36
C LEU D 137 -23.88 29.14 -67.04
N ALA D 138 -24.00 29.95 -65.97
CA ALA D 138 -24.15 29.44 -64.60
C ALA D 138 -25.48 29.90 -64.01
N SER D 139 -26.10 29.03 -63.22
CA SER D 139 -27.33 29.36 -62.49
C SER D 139 -27.05 29.43 -61.00
N ASN D 140 -27.68 30.43 -60.36
CA ASN D 140 -27.65 30.65 -58.90
C ASN D 140 -28.84 29.97 -58.19
N THR D 141 -29.60 29.14 -58.89
CA THR D 141 -30.85 28.59 -58.35
C THR D 141 -30.59 27.68 -57.15
N SER D 142 -31.53 27.70 -56.21
CA SER D 142 -31.56 26.86 -54.99
C SER D 142 -32.44 25.62 -55.21
N SER D 143 -33.49 25.80 -56.02
CA SER D 143 -34.68 24.97 -55.97
C SER D 143 -34.86 24.12 -57.24
N ILE D 144 -34.40 24.58 -58.42
CA ILE D 144 -34.62 23.90 -59.70
C ILE D 144 -33.38 23.03 -60.00
N PRO D 145 -33.51 21.75 -60.36
CA PRO D 145 -32.35 20.97 -60.79
C PRO D 145 -31.53 21.64 -61.92
N ILE D 146 -30.21 21.70 -61.77
CA ILE D 146 -29.35 22.34 -62.81
C ILE D 146 -29.54 21.63 -64.18
N MET D 147 -29.76 20.30 -64.19
CA MET D 147 -29.83 19.56 -65.46
C MET D 147 -31.04 20.05 -66.25
N LYS D 148 -32.09 20.53 -65.55
CA LYS D 148 -33.32 21.02 -66.24
C LYS D 148 -33.06 22.32 -67.00
N VAL D 149 -32.32 23.29 -66.41
CA VAL D 149 -31.99 24.51 -67.17
C VAL D 149 -30.91 24.19 -68.22
N ALA D 150 -30.03 23.22 -67.97
CA ALA D 150 -29.04 22.84 -69.01
C ALA D 150 -29.75 22.22 -70.25
N ALA D 151 -30.81 21.44 -70.01
CA ALA D 151 -31.56 20.74 -71.05
C ALA D 151 -32.19 21.73 -72.04
N ALA D 152 -32.41 22.98 -71.58
CA ALA D 152 -33.08 24.01 -72.40
C ALA D 152 -32.13 24.62 -73.44
N THR D 153 -30.85 24.24 -73.42
CA THR D 153 -29.82 24.78 -74.33
C THR D 153 -29.43 23.71 -75.35
N LYS D 154 -28.75 24.10 -76.43
CA LYS D 154 -28.23 23.19 -77.45
C LYS D 154 -26.75 22.86 -77.22
N GLN D 155 -26.11 23.49 -76.22
CA GLN D 155 -24.75 23.12 -75.74
C GLN D 155 -24.77 22.92 -74.21
N PRO D 156 -25.45 21.86 -73.71
CA PRO D 156 -25.65 21.71 -72.27
C PRO D 156 -24.34 21.57 -71.48
N GLN D 157 -23.25 21.18 -72.14
CA GLN D 157 -21.94 21.04 -71.51
C GLN D 157 -21.34 22.38 -71.04
N ARG D 158 -21.91 23.53 -71.44
CA ARG D 158 -21.42 24.84 -70.92
C ARG D 158 -22.08 25.26 -69.60
N VAL D 159 -23.06 24.47 -69.11
CA VAL D 159 -23.93 24.90 -68.06
C VAL D 159 -23.52 24.25 -66.75
N LEU D 160 -23.58 25.03 -65.67
CA LEU D 160 -23.35 24.51 -64.29
C LEU D 160 -24.05 25.41 -63.28
N GLY D 161 -24.06 24.94 -62.03
CA GLY D 161 -24.57 25.70 -60.87
C GLY D 161 -23.44 26.47 -60.16
N LEU D 162 -23.63 27.77 -59.94
CA LEU D 162 -22.74 28.56 -59.11
C LEU D 162 -23.63 29.31 -58.13
N HIS D 163 -23.70 28.76 -56.91
CA HIS D 163 -24.65 29.12 -55.85
C HIS D 163 -23.98 29.97 -54.76
N PHE D 164 -24.42 31.22 -54.66
CA PHE D 164 -23.91 32.24 -53.73
C PHE D 164 -24.82 32.33 -52.49
N PHE D 165 -24.39 33.09 -51.47
CA PHE D 165 -25.08 33.23 -50.18
C PHE D 165 -25.06 34.71 -49.76
N ASN D 166 -26.26 35.24 -49.43
CA ASN D 166 -26.46 36.63 -49.01
C ASN D 166 -25.98 36.80 -47.57
N PRO D 167 -25.33 37.92 -47.23
CA PRO D 167 -24.86 38.96 -48.14
C PRO D 167 -23.59 38.55 -48.91
N VAL D 168 -23.61 38.79 -50.23
CA VAL D 168 -22.61 38.22 -51.10
C VAL D 168 -21.24 38.88 -50.90
N PRO D 169 -21.12 40.20 -50.67
CA PRO D 169 -19.81 40.78 -50.38
C PRO D 169 -19.27 40.43 -48.97
N VAL D 170 -19.91 39.49 -48.24
CA VAL D 170 -19.40 39.11 -46.92
C VAL D 170 -19.14 37.59 -46.83
N LEU D 171 -20.15 36.76 -47.12
CA LEU D 171 -20.05 35.32 -46.92
C LEU D 171 -19.07 34.73 -47.95
N PRO D 172 -17.88 34.22 -47.55
CA PRO D 172 -16.82 33.85 -48.49
C PRO D 172 -16.90 32.40 -49.02
N LEU D 173 -18.01 32.06 -49.66
CA LEU D 173 -18.33 30.70 -50.10
C LEU D 173 -19.12 30.75 -51.41
N VAL D 174 -18.85 29.82 -52.33
CA VAL D 174 -19.78 29.41 -53.39
C VAL D 174 -19.88 27.89 -53.38
N GLU D 175 -21.01 27.34 -53.85
CA GLU D 175 -21.13 25.94 -54.19
C GLU D 175 -21.11 25.82 -55.73
N LEU D 176 -20.24 24.95 -56.24
CA LEU D 176 -20.05 24.71 -57.66
C LEU D 176 -20.59 23.30 -57.99
N VAL D 177 -21.67 23.27 -58.80
CA VAL D 177 -22.48 22.07 -59.07
C VAL D 177 -22.36 21.67 -60.54
N ARG D 178 -21.74 20.53 -60.78
CA ARG D 178 -21.64 19.87 -62.08
C ARG D 178 -22.92 19.06 -62.30
N THR D 179 -23.46 19.12 -63.53
CA THR D 179 -24.47 18.16 -64.01
C THR D 179 -23.75 16.89 -64.47
N LEU D 180 -24.54 15.86 -64.85
CA LEU D 180 -24.09 14.72 -65.64
C LEU D 180 -23.22 15.12 -66.83
N VAL D 181 -23.40 16.29 -67.44
CA VAL D 181 -22.74 16.60 -68.72
C VAL D 181 -21.86 17.87 -68.63
N THR D 182 -21.79 18.52 -67.47
CA THR D 182 -20.89 19.69 -67.40
C THR D 182 -19.47 19.31 -67.89
N ASP D 183 -18.92 20.09 -68.82
CA ASP D 183 -17.55 19.93 -69.31
C ASP D 183 -16.56 20.24 -68.15
N GLU D 184 -15.50 19.43 -68.04
CA GLU D 184 -14.41 19.59 -67.05
C GLU D 184 -13.71 20.96 -67.18
N ALA D 185 -13.54 21.47 -68.39
CA ALA D 185 -12.81 22.73 -68.58
C ALA D 185 -13.68 23.92 -68.09
N ALA D 186 -15.00 23.85 -68.33
CA ALA D 186 -15.91 24.86 -67.81
C ALA D 186 -15.92 24.85 -66.27
N ALA D 187 -16.00 23.66 -65.65
CA ALA D 187 -15.98 23.60 -64.20
C ALA D 187 -14.67 24.20 -63.63
N ALA D 188 -13.51 23.78 -64.16
CA ALA D 188 -12.16 24.27 -63.72
C ALA D 188 -12.05 25.80 -63.90
N ARG D 189 -12.50 26.30 -65.05
CA ARG D 189 -12.47 27.70 -65.36
C ARG D 189 -13.31 28.49 -64.32
N THR D 190 -14.48 27.94 -63.95
CA THR D 190 -15.40 28.65 -63.03
C THR D 190 -14.81 28.64 -61.60
N GLU D 191 -14.20 27.52 -61.22
CA GLU D 191 -13.55 27.35 -59.92
C GLU D 191 -12.38 28.33 -59.76
N GLU D 192 -11.59 28.51 -60.83
CA GLU D 192 -10.47 29.46 -60.82
C GLU D 192 -11.05 30.86 -60.60
N PHE D 193 -12.12 31.22 -61.34
CA PHE D 193 -12.67 32.56 -61.16
C PHE D 193 -13.11 32.78 -59.70
N ALA D 194 -13.88 31.86 -59.12
CA ALA D 194 -14.46 32.06 -57.78
C ALA D 194 -13.37 32.20 -56.69
N SER D 195 -12.31 31.40 -56.82
CA SER D 195 -11.24 31.32 -55.82
C SER D 195 -10.24 32.51 -55.95
N THR D 196 -9.73 32.67 -57.16
CA THR D 196 -8.60 33.48 -57.52
C THR D 196 -9.01 34.97 -57.65
N VAL D 197 -10.22 35.20 -58.19
CA VAL D 197 -10.74 36.53 -58.49
C VAL D 197 -11.74 36.96 -57.40
N LEU D 198 -12.73 36.13 -57.03
CA LEU D 198 -13.68 36.56 -55.96
C LEU D 198 -13.14 36.33 -54.53
N GLY D 199 -12.09 35.53 -54.36
CA GLY D 199 -11.55 35.21 -53.03
C GLY D 199 -12.49 34.35 -52.18
N LYS D 200 -13.30 33.51 -52.82
CA LYS D 200 -14.26 32.69 -52.12
C LYS D 200 -13.78 31.23 -52.08
N GLN D 201 -14.14 30.58 -50.98
CA GLN D 201 -14.03 29.15 -50.78
C GLN D 201 -15.01 28.42 -51.71
N VAL D 202 -14.58 27.32 -52.34
CA VAL D 202 -15.33 26.64 -53.40
C VAL D 202 -15.62 25.23 -52.93
N VAL D 203 -16.90 24.90 -52.83
CA VAL D 203 -17.42 23.62 -52.35
C VAL D 203 -18.07 22.90 -53.54
N ARG D 204 -17.59 21.68 -53.85
CA ARG D 204 -18.07 20.89 -54.96
C ARG D 204 -19.16 19.91 -54.49
N CYS D 205 -20.23 19.78 -55.28
CA CYS D 205 -21.13 18.65 -55.06
C CYS D 205 -21.93 18.30 -56.31
N SER D 206 -22.77 17.27 -56.14
CA SER D 206 -23.65 16.71 -57.16
C SER D 206 -24.95 17.53 -57.27
N ASP D 207 -25.68 17.30 -58.37
CA ASP D 207 -26.91 17.98 -58.71
C ASP D 207 -28.09 17.28 -58.00
N ARG D 208 -28.28 17.65 -56.73
CA ARG D 208 -29.32 17.11 -55.79
C ARG D 208 -29.94 18.27 -55.01
N SER D 209 -31.26 18.22 -54.80
CA SER D 209 -31.99 19.27 -54.13
C SER D 209 -31.34 19.67 -52.79
N GLY D 210 -31.14 20.97 -52.64
CA GLY D 210 -30.49 21.63 -51.50
C GLY D 210 -28.95 21.68 -51.53
N PHE D 211 -28.31 20.99 -52.49
CA PHE D 211 -26.83 20.88 -52.53
C PHE D 211 -26.27 20.46 -51.16
N VAL D 212 -25.27 21.18 -50.61
CA VAL D 212 -24.70 20.86 -49.29
C VAL D 212 -25.32 21.75 -48.19
N VAL D 213 -25.17 23.08 -48.29
CA VAL D 213 -25.49 23.95 -47.18
C VAL D 213 -27.00 23.90 -46.85
N ASN D 214 -27.88 24.14 -47.82
CA ASN D 214 -29.32 24.16 -47.61
C ASN D 214 -29.85 22.79 -47.16
N ALA D 215 -29.31 21.70 -47.70
CA ALA D 215 -29.71 20.36 -47.35
C ALA D 215 -29.43 20.00 -45.88
N LEU D 216 -28.41 20.62 -45.25
CA LEU D 216 -28.09 20.46 -43.79
C LEU D 216 -28.88 21.46 -42.94
N LEU D 217 -28.98 22.71 -43.40
CA LEU D 217 -29.61 23.81 -42.66
C LEU D 217 -31.14 23.62 -42.53
N VAL D 218 -31.84 23.44 -43.65
CA VAL D 218 -33.32 23.57 -43.69
C VAL D 218 -33.95 22.47 -42.81
N PRO D 219 -33.60 21.16 -42.90
CA PRO D 219 -34.15 20.17 -41.98
C PRO D 219 -33.94 20.47 -40.48
N TYR D 220 -32.78 21.04 -40.13
CA TYR D 220 -32.47 21.55 -38.78
C TYR D 220 -33.47 22.65 -38.38
N LEU D 221 -33.68 23.66 -39.25
CA LEU D 221 -34.63 24.75 -38.94
C LEU D 221 -36.05 24.16 -38.79
N LEU D 222 -36.48 23.23 -39.66
CA LEU D 222 -37.87 22.70 -39.57
C LEU D 222 -38.05 21.95 -38.23
N SER D 223 -37.02 21.29 -37.77
CA SER D 223 -37.08 20.55 -36.54
C SER D 223 -37.25 21.47 -35.32
N ALA D 224 -36.58 22.63 -35.31
CA ALA D 224 -36.78 23.63 -34.28
C ALA D 224 -38.23 24.16 -34.30
N ILE D 225 -38.76 24.40 -35.50
CA ILE D 225 -40.14 24.88 -35.65
C ILE D 225 -41.17 23.83 -35.09
N ARG D 226 -40.97 22.52 -35.37
CA ARG D 226 -41.85 21.44 -34.81
C ARG D 226 -41.82 21.46 -33.27
N MET D 227 -40.65 21.70 -32.65
CA MET D 227 -40.51 21.83 -31.21
C MET D 227 -41.42 22.93 -30.66
N VAL D 228 -41.33 24.12 -31.28
CA VAL D 228 -42.13 25.28 -30.92
C VAL D 228 -43.63 24.96 -31.11
N GLU D 229 -43.99 24.37 -32.26
CA GLU D 229 -45.39 24.15 -32.60
C GLU D 229 -46.06 23.21 -31.56
N ALA D 230 -45.30 22.24 -31.04
CA ALA D 230 -45.81 21.23 -30.12
C ALA D 230 -45.74 21.68 -28.64
N GLY D 231 -45.33 22.93 -28.40
CA GLY D 231 -45.16 23.51 -27.08
C GLY D 231 -44.09 22.80 -26.25
N PHE D 232 -43.10 22.19 -26.90
CA PHE D 232 -42.04 21.46 -26.17
C PHE D 232 -41.03 22.45 -25.52
N ALA D 233 -40.87 23.64 -26.10
CA ALA D 233 -40.00 24.73 -25.59
C ALA D 233 -40.43 26.03 -26.27
N THR D 234 -40.18 27.18 -25.65
CA THR D 234 -40.57 28.48 -26.23
C THR D 234 -39.58 28.85 -27.36
N VAL D 235 -40.00 29.79 -28.21
CA VAL D 235 -39.14 30.42 -29.20
C VAL D 235 -37.84 30.90 -28.52
N GLU D 236 -37.96 31.63 -27.41
CA GLU D 236 -36.83 32.30 -26.75
C GLU D 236 -35.86 31.23 -26.19
N ASP D 237 -36.39 30.16 -25.58
CA ASP D 237 -35.51 29.13 -24.97
C ASP D 237 -34.81 28.25 -26.01
N VAL D 238 -35.44 27.92 -27.14
CA VAL D 238 -34.71 27.16 -28.18
C VAL D 238 -33.53 27.96 -28.73
N ASP D 239 -33.72 29.27 -28.99
CA ASP D 239 -32.68 30.10 -29.60
C ASP D 239 -31.52 30.29 -28.59
N LYS D 240 -31.89 30.47 -27.31
CA LYS D 240 -30.94 30.61 -26.20
C LYS D 240 -30.09 29.34 -26.05
N ALA D 241 -30.75 28.19 -26.05
CA ALA D 241 -30.09 26.90 -25.99
C ALA D 241 -29.03 26.77 -27.11
N VAL D 242 -29.43 27.11 -28.36
CA VAL D 242 -28.52 26.99 -29.50
C VAL D 242 -27.37 28.01 -29.37
N VAL D 243 -27.65 29.26 -29.01
CA VAL D 243 -26.53 30.23 -28.95
C VAL D 243 -25.51 29.83 -27.89
N ALA D 244 -26.00 29.46 -26.69
CA ALA D 244 -25.12 29.26 -25.55
C ALA D 244 -24.49 27.87 -25.59
N GLY D 245 -25.23 26.88 -26.11
CA GLY D 245 -24.81 25.48 -26.11
C GLY D 245 -23.93 25.10 -27.28
N LEU D 246 -24.26 25.59 -28.48
CA LEU D 246 -23.59 25.24 -29.73
C LEU D 246 -22.67 26.39 -30.23
N SER D 247 -22.70 27.55 -29.55
CA SER D 247 -22.01 28.77 -29.93
C SER D 247 -22.32 29.21 -31.36
N HIS D 248 -23.56 29.00 -31.85
CA HIS D 248 -23.97 29.62 -33.12
C HIS D 248 -24.16 31.12 -32.89
N PRO D 249 -23.94 32.00 -33.89
CA PRO D 249 -24.15 33.44 -33.69
C PRO D 249 -25.65 33.74 -33.49
N MET D 250 -26.52 32.84 -33.95
CA MET D 250 -27.96 33.07 -33.98
C MET D 250 -28.74 31.75 -33.89
N GLY D 251 -29.85 31.77 -33.15
CA GLY D 251 -30.67 30.55 -32.93
C GLY D 251 -31.52 30.24 -34.16
N PRO D 252 -32.08 29.01 -34.27
CA PRO D 252 -32.83 28.61 -35.46
C PRO D 252 -34.11 29.41 -35.81
N LEU D 253 -34.85 29.95 -34.82
CA LEU D 253 -36.05 30.71 -35.15
C LEU D 253 -35.75 32.14 -35.59
N ARG D 254 -34.86 32.85 -34.90
CA ARG D 254 -34.27 34.12 -35.40
C ARG D 254 -33.75 33.95 -36.85
N LEU D 255 -32.96 32.90 -37.09
CA LEU D 255 -32.34 32.66 -38.39
C LEU D 255 -33.41 32.38 -39.44
N SER D 256 -34.43 31.57 -39.11
CA SER D 256 -35.56 31.33 -39.99
C SER D 256 -36.15 32.67 -40.43
N ASP D 257 -36.38 33.58 -39.46
CA ASP D 257 -36.94 34.90 -39.76
C ASP D 257 -36.04 35.63 -40.78
N LEU D 258 -34.73 35.47 -40.70
CA LEU D 258 -33.74 36.26 -41.54
C LEU D 258 -33.72 35.66 -42.96
N VAL D 259 -33.80 34.32 -43.06
CA VAL D 259 -33.82 33.57 -44.29
C VAL D 259 -35.10 33.95 -45.06
N GLY D 260 -36.20 34.13 -44.33
CA GLY D 260 -37.53 34.36 -44.87
C GLY D 260 -38.34 33.06 -44.84
N LEU D 261 -39.56 33.12 -44.24
CA LEU D 261 -40.40 31.90 -44.03
C LEU D 261 -40.95 31.38 -45.37
N ASP D 262 -41.20 32.29 -46.31
CA ASP D 262 -41.58 31.93 -47.70
C ASP D 262 -40.44 31.15 -48.38
N THR D 263 -39.19 31.65 -48.28
CA THR D 263 -38.00 30.99 -48.84
C THR D 263 -37.80 29.60 -48.23
N LEU D 264 -37.92 29.55 -46.89
CA LEU D 264 -37.80 28.28 -46.18
C LEU D 264 -38.83 27.26 -46.67
N LYS D 265 -40.08 27.69 -46.82
CA LYS D 265 -41.16 26.78 -47.28
C LYS D 265 -40.87 26.27 -48.70
N LEU D 266 -40.43 27.18 -49.60
CA LEU D 266 -40.14 26.80 -51.01
C LEU D 266 -39.00 25.75 -51.03
N ILE D 267 -37.92 25.95 -50.28
CA ILE D 267 -36.82 24.97 -50.23
C ILE D 267 -37.30 23.65 -49.63
N ALA D 268 -38.07 23.72 -48.52
CA ALA D 268 -38.66 22.48 -47.90
C ALA D 268 -39.55 21.72 -48.91
N ASP D 269 -40.42 22.44 -49.62
CA ASP D 269 -41.30 21.83 -50.67
C ASP D 269 -40.47 21.06 -51.72
N LYS D 270 -39.31 21.61 -52.14
CA LYS D 270 -38.50 20.94 -53.18
C LYS D 270 -37.76 19.72 -52.62
N MET D 271 -37.25 19.81 -51.39
CA MET D 271 -36.56 18.65 -50.82
C MET D 271 -37.56 17.49 -50.64
N PHE D 272 -38.77 17.79 -50.16
CA PHE D 272 -39.77 16.74 -50.04
C PHE D 272 -40.04 16.08 -51.40
N GLU D 273 -40.25 16.88 -52.44
CA GLU D 273 -40.63 16.32 -53.79
C GLU D 273 -39.51 15.37 -54.28
N GLU D 274 -38.25 15.74 -53.94
CA GLU D 274 -37.09 14.97 -54.41
C GLU D 274 -36.88 13.71 -53.58
N PHE D 275 -36.86 13.80 -52.24
CA PHE D 275 -36.47 12.68 -51.35
C PHE D 275 -37.64 11.93 -50.71
N LYS D 276 -38.81 12.58 -50.60
CA LYS D 276 -40.09 11.97 -50.14
C LYS D 276 -40.13 11.67 -48.63
N GLU D 277 -39.12 12.09 -47.86
CA GLU D 277 -39.13 11.79 -46.42
C GLU D 277 -39.90 12.87 -45.66
N PRO D 278 -40.83 12.50 -44.76
CA PRO D 278 -41.72 13.48 -44.10
C PRO D 278 -41.00 14.63 -43.36
N HIS D 279 -39.88 14.34 -42.71
CA HIS D 279 -39.09 15.34 -41.96
C HIS D 279 -38.61 16.50 -42.88
N TYR D 280 -38.67 16.35 -44.21
CA TYR D 280 -38.23 17.43 -45.15
C TYR D 280 -39.39 18.39 -45.44
N GLY D 281 -40.64 17.94 -45.17
CA GLY D 281 -41.81 18.67 -45.47
C GLY D 281 -42.00 19.83 -44.50
N PRO D 282 -42.57 20.97 -44.93
CA PRO D 282 -42.83 22.09 -44.03
C PRO D 282 -43.92 21.72 -43.02
N PRO D 283 -43.67 21.95 -41.73
CA PRO D 283 -44.67 21.72 -40.70
C PRO D 283 -45.88 22.64 -40.83
N PRO D 284 -47.05 22.20 -40.31
CA PRO D 284 -48.24 23.05 -40.30
C PRO D 284 -48.10 24.50 -39.78
N LEU D 285 -47.32 24.77 -38.73
CA LEU D 285 -47.19 26.16 -38.20
C LEU D 285 -46.50 27.09 -39.23
N LEU D 286 -45.53 26.55 -39.96
CA LEU D 286 -44.80 27.31 -41.02
C LEU D 286 -45.79 27.63 -42.14
N LEU D 287 -46.61 26.64 -42.49
CA LEU D 287 -47.59 26.82 -43.56
C LEU D 287 -48.55 27.95 -43.19
N ARG D 288 -49.09 27.93 -41.94
CA ARG D 288 -50.05 28.96 -41.47
C ARG D 288 -49.38 30.35 -41.48
N MET D 289 -48.11 30.43 -41.04
CA MET D 289 -47.40 31.73 -40.93
C MET D 289 -47.24 32.32 -42.35
N VAL D 290 -46.86 31.49 -43.31
CA VAL D 290 -46.72 31.92 -44.70
C VAL D 290 -48.06 32.39 -45.25
N GLU D 291 -49.16 31.65 -44.95
CA GLU D 291 -50.51 32.01 -45.45
C GLU D 291 -50.94 33.38 -44.89
N ALA D 292 -50.53 33.70 -43.68
CA ALA D 292 -50.89 34.94 -43.02
C ALA D 292 -49.99 36.13 -43.44
N GLY D 293 -48.97 35.89 -44.28
CA GLY D 293 -47.99 36.95 -44.66
C GLY D 293 -47.00 37.29 -43.54
N GLN D 294 -46.81 36.37 -42.60
CA GLN D 294 -45.85 36.50 -41.52
C GLN D 294 -44.55 35.87 -42.02
N LEU D 295 -43.74 36.65 -42.76
CA LEU D 295 -42.61 36.13 -43.54
C LEU D 295 -41.27 36.30 -42.81
N GLY D 296 -41.26 36.92 -41.63
CA GLY D 296 -39.99 37.15 -40.92
C GLY D 296 -39.60 38.62 -40.94
N LYS D 297 -38.29 38.89 -40.87
CA LYS D 297 -37.75 40.28 -40.76
C LYS D 297 -38.33 41.15 -41.88
N LYS D 298 -38.41 40.63 -43.11
CA LYS D 298 -38.76 41.44 -44.29
C LYS D 298 -40.26 41.82 -44.34
N SER D 299 -41.16 41.18 -43.58
CA SER D 299 -42.57 41.65 -43.48
C SER D 299 -42.81 42.36 -42.14
N GLY D 300 -41.83 42.33 -41.21
CA GLY D 300 -42.00 42.92 -39.88
C GLY D 300 -42.50 41.91 -38.82
N ARG D 301 -42.83 40.68 -39.22
CA ARG D 301 -43.18 39.68 -38.24
C ARG D 301 -43.04 38.24 -38.74
N GLY D 302 -42.40 37.43 -37.88
CA GLY D 302 -42.35 35.97 -37.97
C GLY D 302 -42.41 35.36 -36.58
N PHE D 303 -41.35 34.63 -36.21
CA PHE D 303 -41.21 34.14 -34.87
C PHE D 303 -41.03 35.31 -33.89
N TYR D 304 -40.40 36.40 -34.34
CA TYR D 304 -40.29 37.63 -33.58
C TYR D 304 -40.99 38.76 -34.36
N THR D 305 -41.17 39.90 -33.70
CA THR D 305 -41.67 41.16 -34.23
C THR D 305 -40.50 42.09 -34.49
N TYR D 306 -40.51 42.82 -35.63
CA TYR D 306 -39.42 43.74 -36.06
C TYR D 306 -40.04 45.14 -36.33
N ALA D 307 -39.62 46.16 -35.56
CA ALA D 307 -40.22 47.53 -35.58
C ALA D 307 -39.28 48.50 -36.34
N ASP E 23 -6.82 -26.71 -14.89
CA ASP E 23 -6.24 -27.20 -13.59
C ASP E 23 -4.82 -26.64 -13.40
N ALA E 24 -3.94 -26.87 -14.39
CA ALA E 24 -2.45 -26.67 -14.35
C ALA E 24 -2.02 -25.49 -15.25
N ILE E 25 -0.88 -24.87 -14.92
CA ILE E 25 -0.34 -23.64 -15.58
C ILE E 25 0.46 -24.03 -16.83
N GLN E 26 0.16 -23.38 -17.97
CA GLN E 26 0.86 -23.57 -19.27
C GLN E 26 1.17 -22.23 -19.97
N ARG E 27 0.46 -21.15 -19.60
CA ARG E 27 0.61 -19.82 -20.22
C ARG E 27 1.21 -18.83 -19.19
N VAL E 28 2.47 -18.41 -19.42
CA VAL E 28 3.27 -17.53 -18.51
C VAL E 28 3.52 -16.17 -19.17
N GLY E 29 3.41 -15.10 -18.36
CA GLY E 29 3.86 -13.74 -18.69
C GLY E 29 4.92 -13.25 -17.72
N VAL E 30 5.83 -12.40 -18.21
CA VAL E 30 6.92 -11.79 -17.44
C VAL E 30 6.92 -10.28 -17.70
N VAL E 31 6.92 -9.49 -16.59
CA VAL E 31 6.89 -8.02 -16.64
C VAL E 31 8.24 -7.54 -16.13
N GLY E 32 9.03 -6.94 -17.01
CA GLY E 32 10.43 -6.53 -16.73
C GLY E 32 11.42 -7.51 -17.34
N ALA E 33 12.44 -6.98 -18.01
CA ALA E 33 13.45 -7.80 -18.67
C ALA E 33 14.87 -7.29 -18.35
N GLY E 34 15.08 -6.87 -17.10
CA GLY E 34 16.42 -6.82 -16.51
C GLY E 34 16.99 -8.22 -16.31
N GLN E 35 18.08 -8.29 -15.55
CA GLN E 35 18.79 -9.54 -15.31
C GLN E 35 17.84 -10.65 -14.81
N MET E 36 16.97 -10.36 -13.83
CA MET E 36 16.06 -11.37 -13.20
C MET E 36 14.91 -11.74 -14.17
N GLY E 37 14.26 -10.74 -14.74
CA GLY E 37 13.15 -10.97 -15.71
C GLY E 37 13.59 -11.79 -16.93
N SER E 38 14.76 -11.48 -17.45
CA SER E 38 15.45 -12.27 -18.54
C SER E 38 15.72 -13.71 -18.12
N GLY E 39 16.27 -13.88 -16.93
CA GLY E 39 16.50 -15.20 -16.40
C GLY E 39 15.23 -16.03 -16.29
N ILE E 40 14.15 -15.43 -15.78
CA ILE E 40 12.85 -16.09 -15.52
C ILE E 40 12.19 -16.51 -16.85
N ALA E 41 12.21 -15.61 -17.84
CA ALA E 41 11.73 -15.93 -19.18
C ALA E 41 12.56 -17.06 -19.83
N GLU E 42 13.91 -17.01 -19.71
CA GLU E 42 14.79 -18.00 -20.33
C GLU E 42 14.52 -19.39 -19.71
N VAL E 43 14.45 -19.49 -18.38
CA VAL E 43 14.27 -20.81 -17.77
C VAL E 43 12.88 -21.38 -18.15
N SER E 44 11.87 -20.51 -18.31
CA SER E 44 10.49 -20.90 -18.68
C SER E 44 10.43 -21.41 -20.13
N ALA E 45 11.07 -20.69 -21.03
CA ALA E 45 11.11 -21.07 -22.42
C ALA E 45 11.88 -22.38 -22.61
N ARG E 46 12.94 -22.58 -21.84
CA ARG E 46 13.77 -23.77 -22.00
C ARG E 46 13.03 -25.01 -21.47
N ALA E 47 12.01 -24.80 -20.62
CA ALA E 47 11.20 -25.87 -20.05
C ALA E 47 10.00 -26.24 -20.95
N GLY E 48 9.81 -25.53 -22.08
CA GLY E 48 8.78 -25.82 -23.09
C GLY E 48 7.56 -24.92 -23.02
N VAL E 49 7.59 -23.91 -22.14
CA VAL E 49 6.45 -23.05 -21.82
C VAL E 49 6.42 -21.86 -22.79
N GLU E 50 5.22 -21.46 -23.23
CA GLU E 50 5.06 -20.27 -24.07
C GLU E 50 5.11 -19.03 -23.18
N VAL E 51 5.98 -18.06 -23.51
CA VAL E 51 6.24 -16.91 -22.64
C VAL E 51 6.06 -15.61 -23.43
N THR E 52 5.23 -14.70 -22.88
CA THR E 52 5.07 -13.29 -23.32
C THR E 52 5.82 -12.36 -22.34
N VAL E 53 6.88 -11.71 -22.83
CA VAL E 53 7.64 -10.71 -22.04
C VAL E 53 7.07 -9.32 -22.38
N PHE E 54 6.71 -8.53 -21.35
CA PHE E 54 6.23 -7.14 -21.52
C PHE E 54 7.25 -6.14 -20.97
N GLU E 55 7.45 -5.05 -21.72
CA GLU E 55 8.11 -3.83 -21.24
C GLU E 55 7.35 -2.63 -21.81
N PRO E 56 7.28 -1.47 -21.10
CA PRO E 56 6.45 -0.35 -21.55
C PRO E 56 6.92 0.27 -22.88
N ALA E 57 8.23 0.30 -23.15
CA ALA E 57 8.80 0.98 -24.33
C ALA E 57 9.53 -0.04 -25.22
N GLU E 58 9.68 0.30 -26.51
CA GLU E 58 10.35 -0.53 -27.50
C GLU E 58 11.83 -0.70 -27.17
N ALA E 59 12.47 0.37 -26.69
CA ALA E 59 13.91 0.38 -26.39
C ALA E 59 14.26 -0.63 -25.27
N LEU E 60 13.34 -0.83 -24.32
CA LEU E 60 13.57 -1.77 -23.23
C LEU E 60 13.29 -3.21 -23.70
N ILE E 61 12.41 -3.39 -24.70
CA ILE E 61 12.15 -4.69 -25.31
C ILE E 61 13.40 -5.19 -26.06
N THR E 62 14.04 -4.32 -26.85
CA THR E 62 15.19 -4.73 -27.68
C THR E 62 16.38 -5.03 -26.75
N ALA E 63 16.50 -4.30 -25.62
CA ALA E 63 17.53 -4.59 -24.61
C ALA E 63 17.29 -5.94 -23.90
N GLY E 64 16.01 -6.25 -23.61
CA GLY E 64 15.57 -7.49 -23.00
C GLY E 64 15.85 -8.71 -23.87
N ARG E 65 15.40 -8.68 -25.13
CA ARG E 65 15.65 -9.76 -26.13
C ARG E 65 17.16 -10.03 -26.26
N ASN E 66 17.96 -8.97 -26.37
CA ASN E 66 19.42 -9.13 -26.53
C ASN E 66 20.04 -9.77 -25.29
N ARG E 67 19.56 -9.40 -24.09
CA ARG E 67 20.02 -10.02 -22.85
C ARG E 67 19.79 -11.54 -22.91
N ILE E 68 18.60 -11.93 -23.39
CA ILE E 68 18.17 -13.31 -23.44
C ILE E 68 19.03 -14.04 -24.48
N VAL E 69 19.17 -13.44 -25.67
CA VAL E 69 19.94 -14.04 -26.77
C VAL E 69 21.40 -14.25 -26.31
N LYS E 70 22.00 -13.29 -25.58
CA LYS E 70 23.43 -13.42 -25.15
C LYS E 70 23.62 -14.47 -24.03
N SER E 71 22.66 -14.59 -23.09
CA SER E 71 22.66 -15.65 -22.07
C SER E 71 22.63 -17.04 -22.73
N LEU E 72 21.76 -17.20 -23.74
CA LEU E 72 21.61 -18.46 -24.45
C LEU E 72 22.88 -18.80 -25.26
N GLU E 73 23.53 -17.80 -25.87
CA GLU E 73 24.74 -18.03 -26.68
C GLU E 73 25.93 -18.35 -25.76
N ARG E 74 26.01 -17.77 -24.55
CA ARG E 74 27.03 -18.20 -23.56
C ARG E 74 26.78 -19.64 -23.05
N ALA E 75 25.51 -20.03 -22.91
CA ALA E 75 25.15 -21.39 -22.43
C ALA E 75 25.56 -22.41 -23.50
N VAL E 76 25.45 -22.06 -24.80
CA VAL E 76 25.86 -22.93 -25.92
C VAL E 76 27.40 -23.10 -25.92
N SER E 77 28.11 -21.96 -25.81
CA SER E 77 29.59 -21.91 -25.84
C SER E 77 30.18 -22.70 -24.65
N ALA E 78 29.47 -22.72 -23.52
CA ALA E 78 29.86 -23.42 -22.31
C ALA E 78 29.46 -24.92 -22.31
N GLY E 79 28.78 -25.40 -23.36
CA GLY E 79 28.38 -26.83 -23.43
C GLY E 79 27.21 -27.20 -22.53
N LYS E 80 26.31 -26.26 -22.24
CA LYS E 80 25.16 -26.52 -21.38
C LYS E 80 23.86 -26.64 -22.17
N VAL E 81 23.77 -26.00 -23.35
CA VAL E 81 22.61 -26.14 -24.17
C VAL E 81 23.05 -26.20 -25.64
N THR E 82 22.23 -26.92 -26.41
CA THR E 82 22.41 -27.25 -27.82
C THR E 82 22.00 -26.03 -28.69
N GLU E 83 22.56 -25.88 -29.91
CA GLU E 83 22.10 -24.83 -30.89
C GLU E 83 20.62 -25.09 -31.24
N ARG E 84 20.20 -26.35 -31.44
CA ARG E 84 18.76 -26.71 -31.69
C ARG E 84 17.88 -26.28 -30.49
N GLU E 85 18.35 -26.43 -29.24
CA GLU E 85 17.56 -26.10 -28.02
C GLU E 85 17.47 -24.56 -27.88
N ARG E 86 18.56 -23.87 -28.17
CA ARG E 86 18.58 -22.40 -28.15
C ARG E 86 17.51 -21.84 -29.10
N ASP E 87 17.45 -22.38 -30.33
CA ASP E 87 16.48 -21.93 -31.32
C ASP E 87 15.05 -22.29 -30.89
N ARG E 88 14.83 -23.49 -30.35
CA ARG E 88 13.49 -23.83 -29.86
C ARG E 88 13.03 -22.84 -28.77
N ALA E 89 13.92 -22.53 -27.83
CA ALA E 89 13.59 -21.65 -26.72
C ALA E 89 13.21 -20.23 -27.22
N LEU E 90 14.00 -19.67 -28.13
CA LEU E 90 13.67 -18.34 -28.73
C LEU E 90 12.31 -18.36 -29.43
N GLY E 91 11.95 -19.48 -30.06
CA GLY E 91 10.67 -19.58 -30.76
C GLY E 91 9.47 -19.55 -29.83
N LEU E 92 9.67 -19.76 -28.52
CA LEU E 92 8.58 -19.78 -27.54
C LEU E 92 8.42 -18.42 -26.85
N LEU E 93 9.21 -17.42 -27.22
CA LEU E 93 9.20 -16.07 -26.63
C LEU E 93 8.49 -15.08 -27.56
N THR E 94 7.49 -14.38 -27.00
CA THR E 94 6.83 -13.24 -27.64
C THR E 94 7.14 -12.00 -26.79
N PHE E 95 7.51 -10.90 -27.47
CA PHE E 95 7.82 -9.63 -26.85
C PHE E 95 6.76 -8.59 -27.26
N THR E 96 6.34 -7.71 -26.35
CA THR E 96 5.24 -6.71 -26.58
C THR E 96 5.33 -5.50 -25.64
N THR E 97 4.70 -4.38 -26.02
CA THR E 97 4.61 -3.16 -25.19
C THR E 97 3.16 -2.79 -24.87
N ASP E 98 2.22 -3.72 -25.14
CA ASP E 98 0.81 -3.60 -24.81
C ASP E 98 0.48 -4.57 -23.65
N LEU E 99 0.16 -4.04 -22.47
CA LEU E 99 -0.11 -4.90 -21.31
C LEU E 99 -1.33 -5.80 -21.54
N ASN E 100 -2.27 -5.38 -22.40
CA ASN E 100 -3.53 -6.14 -22.67
C ASN E 100 -3.21 -7.51 -23.28
N ASP E 101 -2.01 -7.65 -23.87
CA ASP E 101 -1.64 -8.90 -24.50
C ASP E 101 -1.53 -10.00 -23.44
N LEU E 102 -1.43 -9.62 -22.15
CA LEU E 102 -1.28 -10.60 -21.06
C LEU E 102 -2.63 -11.15 -20.55
N SER E 103 -3.76 -10.79 -21.18
CA SER E 103 -5.11 -11.10 -20.63
C SER E 103 -5.37 -12.63 -20.50
N ASP E 104 -4.70 -13.46 -21.30
CA ASP E 104 -4.93 -14.92 -21.31
C ASP E 104 -3.94 -15.68 -20.40
N ARG E 105 -2.99 -14.96 -19.77
CA ARG E 105 -1.95 -15.59 -18.95
C ARG E 105 -2.60 -16.30 -17.73
N GLN E 106 -1.99 -17.41 -17.31
CA GLN E 106 -2.39 -18.14 -16.10
C GLN E 106 -1.43 -17.81 -14.93
N LEU E 107 -0.17 -17.46 -15.23
CA LEU E 107 0.80 -17.00 -14.20
C LEU E 107 1.61 -15.84 -14.77
N VAL E 108 1.60 -14.67 -14.10
CA VAL E 108 2.43 -13.54 -14.45
C VAL E 108 3.42 -13.28 -13.29
N ILE E 109 4.70 -13.16 -13.65
CA ILE E 109 5.81 -12.84 -12.71
C ILE E 109 6.35 -11.42 -13.00
N GLU E 110 6.28 -10.55 -11.98
CA GLU E 110 6.79 -9.18 -12.07
C GLU E 110 8.21 -9.16 -11.52
N ALA E 111 9.13 -8.53 -12.27
CA ALA E 111 10.54 -8.32 -11.88
C ALA E 111 11.03 -6.96 -12.39
N VAL E 112 10.36 -5.87 -11.97
CA VAL E 112 10.77 -4.49 -12.32
C VAL E 112 11.55 -3.92 -11.14
N VAL E 113 11.94 -2.65 -11.28
CA VAL E 113 12.72 -1.87 -10.32
C VAL E 113 12.11 -2.04 -8.92
N GLU E 114 12.97 -2.11 -7.91
CA GLU E 114 12.58 -2.30 -6.48
C GLU E 114 12.06 -0.99 -5.88
N ASP E 115 10.92 -0.49 -6.39
CA ASP E 115 10.27 0.76 -5.97
C ASP E 115 8.78 0.46 -5.67
N GLU E 116 8.36 0.76 -4.43
CA GLU E 116 7.05 0.41 -3.97
C GLU E 116 5.94 0.99 -4.87
N ALA E 117 6.10 2.22 -5.36
CA ALA E 117 5.07 2.96 -6.13
C ALA E 117 4.90 2.38 -7.54
N VAL E 118 6.01 2.07 -8.19
CA VAL E 118 6.00 1.52 -9.57
C VAL E 118 5.34 0.13 -9.58
N LYS E 119 5.66 -0.69 -8.58
CA LYS E 119 5.13 -2.05 -8.51
C LYS E 119 3.60 -2.03 -8.33
N SER E 120 3.12 -1.14 -7.46
CA SER E 120 1.73 -0.97 -7.14
C SER E 120 0.91 -0.59 -8.38
N GLU E 121 1.37 0.40 -9.13
CA GLU E 121 0.81 0.77 -10.44
C GLU E 121 0.70 -0.49 -11.30
N ILE E 122 1.80 -1.25 -11.42
CA ILE E 122 1.81 -2.43 -12.31
C ILE E 122 0.81 -3.51 -11.86
N PHE E 123 0.73 -3.81 -10.56
CA PHE E 123 -0.20 -4.84 -10.04
C PHE E 123 -1.67 -4.41 -10.19
N ALA E 124 -1.95 -3.10 -10.02
CA ALA E 124 -3.32 -2.55 -10.29
C ALA E 124 -3.74 -2.85 -11.74
N GLU E 125 -2.83 -2.61 -12.69
CA GLU E 125 -3.10 -2.83 -14.12
C GLU E 125 -3.22 -4.33 -14.43
N LEU E 126 -2.31 -5.16 -13.90
CA LEU E 126 -2.35 -6.64 -14.10
C LEU E 126 -3.67 -7.21 -13.56
N ASP E 127 -4.11 -6.72 -12.39
CA ASP E 127 -5.34 -7.20 -11.74
C ASP E 127 -6.54 -7.02 -12.69
N ARG E 128 -6.59 -5.89 -13.40
CA ARG E 128 -7.68 -5.53 -14.31
C ARG E 128 -7.62 -6.39 -15.57
N VAL E 129 -6.44 -6.47 -16.19
CA VAL E 129 -6.22 -7.11 -17.51
C VAL E 129 -6.42 -8.64 -17.40
N VAL E 130 -5.86 -9.25 -16.35
CA VAL E 130 -5.84 -10.69 -16.27
C VAL E 130 -7.16 -11.15 -15.63
N THR E 131 -8.09 -11.64 -16.47
CA THR E 131 -9.51 -11.85 -16.14
C THR E 131 -9.75 -13.22 -15.46
N ASP E 132 -8.92 -14.22 -15.77
CA ASP E 132 -9.12 -15.58 -15.26
C ASP E 132 -9.04 -15.60 -13.73
N PRO E 133 -10.10 -16.06 -13.00
CA PRO E 133 -10.05 -16.08 -11.53
C PRO E 133 -9.03 -17.07 -10.93
N ASP E 134 -8.56 -18.06 -11.69
CA ASP E 134 -7.59 -19.09 -11.21
C ASP E 134 -6.13 -18.66 -11.48
N ALA E 135 -5.97 -17.51 -12.14
CA ALA E 135 -4.66 -16.99 -12.49
C ALA E 135 -3.93 -16.54 -11.23
N VAL E 136 -2.61 -16.51 -11.30
CA VAL E 136 -1.72 -16.13 -10.20
C VAL E 136 -0.89 -14.92 -10.63
N LEU E 137 -0.84 -13.88 -9.78
CA LEU E 137 0.04 -12.73 -9.97
C LEU E 137 1.15 -12.79 -8.90
N ALA E 138 2.40 -12.96 -9.36
CA ALA E 138 3.53 -13.19 -8.50
C ALA E 138 4.58 -12.08 -8.68
N SER E 139 5.14 -11.64 -7.55
CA SER E 139 6.31 -10.70 -7.52
C SER E 139 7.59 -11.46 -7.11
N ASN E 140 8.68 -11.13 -7.81
CA ASN E 140 10.06 -11.60 -7.54
C ASN E 140 10.82 -10.67 -6.56
N THR E 141 10.15 -9.68 -5.99
CA THR E 141 10.82 -8.66 -5.12
C THR E 141 11.49 -9.30 -3.89
N SER E 142 12.66 -8.74 -3.54
CA SER E 142 13.44 -9.00 -2.32
C SER E 142 13.15 -7.95 -1.24
N SER E 143 12.48 -6.83 -1.55
CA SER E 143 12.59 -5.68 -0.65
C SER E 143 11.24 -5.06 -0.27
N ILE E 144 10.18 -5.25 -1.05
CA ILE E 144 8.82 -4.73 -0.75
C ILE E 144 8.00 -5.85 -0.11
N PRO E 145 7.24 -5.62 0.99
CA PRO E 145 6.35 -6.66 1.49
C PRO E 145 5.35 -7.13 0.42
N ILE E 146 5.18 -8.43 0.27
CA ILE E 146 4.23 -8.94 -0.70
C ILE E 146 2.83 -8.35 -0.44
N MET E 147 2.42 -8.25 0.83
CA MET E 147 1.06 -7.78 1.13
C MET E 147 0.84 -6.36 0.60
N LYS E 148 1.87 -5.51 0.46
CA LYS E 148 1.63 -4.14 -0.11
C LYS E 148 1.27 -4.20 -1.60
N VAL E 149 1.94 -5.04 -2.41
CA VAL E 149 1.51 -5.16 -3.84
C VAL E 149 0.15 -5.88 -3.94
N ALA E 150 -0.14 -6.85 -3.04
CA ALA E 150 -1.47 -7.48 -3.06
C ALA E 150 -2.60 -6.46 -2.77
N ALA E 151 -2.34 -5.49 -1.86
CA ALA E 151 -3.29 -4.47 -1.42
C ALA E 151 -3.61 -3.48 -2.56
N ALA E 152 -2.72 -3.37 -3.56
CA ALA E 152 -2.97 -2.52 -4.75
C ALA E 152 -3.98 -3.14 -5.73
N THR E 153 -4.42 -4.40 -5.52
CA THR E 153 -5.33 -5.14 -6.47
C THR E 153 -6.74 -5.22 -5.90
N LYS E 154 -7.69 -5.65 -6.72
CA LYS E 154 -9.05 -5.85 -6.27
C LYS E 154 -9.27 -7.29 -5.80
N GLN E 155 -8.38 -8.23 -6.17
CA GLN E 155 -8.44 -9.68 -5.80
C GLN E 155 -7.14 -10.11 -5.11
N PRO E 156 -6.86 -9.60 -3.87
CA PRO E 156 -5.57 -9.83 -3.24
C PRO E 156 -5.25 -11.33 -3.12
N GLN E 157 -6.28 -12.20 -3.12
CA GLN E 157 -6.05 -13.63 -2.85
C GLN E 157 -5.32 -14.32 -4.01
N ARG E 158 -5.23 -13.66 -5.18
CA ARG E 158 -4.49 -14.21 -6.33
C ARG E 158 -2.99 -13.85 -6.28
N VAL E 159 -2.54 -13.06 -5.29
CA VAL E 159 -1.17 -12.53 -5.28
C VAL E 159 -0.29 -13.29 -4.28
N LEU E 160 0.93 -13.63 -4.73
CA LEU E 160 1.94 -14.23 -3.89
C LEU E 160 3.35 -13.79 -4.34
N GLY E 161 4.33 -14.17 -3.54
CA GLY E 161 5.75 -13.96 -3.89
C GLY E 161 6.33 -15.22 -4.54
N LEU E 162 7.04 -15.06 -5.66
CA LEU E 162 7.79 -16.17 -6.28
C LEU E 162 9.21 -15.65 -6.56
N HIS E 163 10.12 -16.05 -5.66
CA HIS E 163 11.45 -15.43 -5.46
C HIS E 163 12.54 -16.37 -5.99
N PHE E 164 13.13 -15.97 -7.12
CA PHE E 164 14.16 -16.70 -7.85
C PHE E 164 15.56 -16.18 -7.46
N PHE E 165 16.60 -16.89 -7.91
CA PHE E 165 18.01 -16.58 -7.56
C PHE E 165 18.87 -16.66 -8.83
N ASN E 166 19.50 -15.54 -9.17
CA ASN E 166 20.52 -15.40 -10.23
C ASN E 166 21.67 -16.40 -10.02
N PRO E 167 22.10 -17.16 -11.05
CA PRO E 167 21.55 -17.23 -12.39
C PRO E 167 20.30 -18.15 -12.42
N VAL E 168 19.18 -17.61 -12.86
CA VAL E 168 17.92 -18.26 -12.75
C VAL E 168 17.91 -19.54 -13.61
N PRO E 169 18.52 -19.57 -14.82
CA PRO E 169 18.48 -20.79 -15.63
C PRO E 169 19.05 -22.04 -14.95
N VAL E 170 19.86 -21.87 -13.91
CA VAL E 170 20.71 -22.94 -13.31
C VAL E 170 20.32 -23.21 -11.84
N LEU E 171 20.18 -22.15 -11.03
CA LEU E 171 20.10 -22.33 -9.61
C LEU E 171 18.74 -22.94 -9.22
N PRO E 172 18.70 -24.16 -8.62
CA PRO E 172 17.44 -24.92 -8.57
C PRO E 172 16.58 -24.69 -7.32
N LEU E 173 16.26 -23.42 -7.04
CA LEU E 173 15.45 -23.00 -5.89
C LEU E 173 14.56 -21.77 -6.23
N VAL E 174 13.31 -21.82 -5.78
CA VAL E 174 12.45 -20.65 -5.61
C VAL E 174 11.87 -20.69 -4.18
N GLU E 175 11.60 -19.51 -3.64
CA GLU E 175 10.83 -19.34 -2.42
C GLU E 175 9.41 -18.91 -2.83
N LEU E 176 8.41 -19.59 -2.28
CA LEU E 176 6.98 -19.29 -2.54
C LEU E 176 6.44 -18.68 -1.25
N VAL E 177 6.03 -17.41 -1.34
CA VAL E 177 5.70 -16.58 -0.16
C VAL E 177 4.20 -16.27 -0.16
N ARG E 178 3.47 -16.81 0.83
CA ARG E 178 2.05 -16.52 1.02
C ARG E 178 1.92 -15.25 1.88
N THR E 179 0.96 -14.39 1.53
CA THR E 179 0.54 -13.29 2.41
C THR E 179 -0.45 -13.87 3.42
N LEU E 180 -0.97 -12.99 4.30
CA LEU E 180 -2.15 -13.28 5.15
C LEU E 180 -3.37 -13.77 4.34
N VAL E 181 -3.53 -13.34 3.08
CA VAL E 181 -4.74 -13.66 2.33
C VAL E 181 -4.48 -14.50 1.07
N THR E 182 -3.24 -14.90 0.75
CA THR E 182 -3.03 -15.77 -0.43
C THR E 182 -3.92 -17.04 -0.34
N ASP E 183 -4.69 -17.28 -1.39
CA ASP E 183 -5.50 -18.50 -1.58
C ASP E 183 -4.59 -19.76 -1.62
N GLU E 184 -4.91 -20.82 -0.86
CA GLU E 184 -4.10 -22.09 -0.83
C GLU E 184 -4.06 -22.74 -2.22
N ALA E 185 -5.16 -22.68 -2.98
CA ALA E 185 -5.21 -23.29 -4.30
C ALA E 185 -4.25 -22.56 -5.26
N ALA E 186 -4.11 -21.23 -5.13
CA ALA E 186 -3.12 -20.46 -5.96
C ALA E 186 -1.67 -20.85 -5.61
N ALA E 187 -1.38 -21.00 -4.32
CA ALA E 187 -0.05 -21.46 -3.88
C ALA E 187 0.28 -22.88 -4.43
N ALA E 188 -0.65 -23.84 -4.29
CA ALA E 188 -0.48 -25.25 -4.75
C ALA E 188 -0.23 -25.34 -6.26
N ARG E 189 -1.01 -24.60 -7.08
CA ARG E 189 -0.84 -24.57 -8.55
C ARG E 189 0.56 -24.01 -8.89
N THR E 190 1.00 -22.98 -8.15
CA THR E 190 2.29 -22.31 -8.39
C THR E 190 3.43 -23.28 -8.03
N GLU E 191 3.31 -23.98 -6.89
CA GLU E 191 4.28 -24.97 -6.44
C GLU E 191 4.38 -26.11 -7.47
N GLU E 192 3.23 -26.57 -7.98
CA GLU E 192 3.20 -27.67 -8.96
C GLU E 192 3.96 -27.23 -10.21
N PHE E 193 3.70 -26.01 -10.72
CA PHE E 193 4.43 -25.45 -11.85
C PHE E 193 5.97 -25.35 -11.59
N ALA E 194 6.40 -24.80 -10.45
CA ALA E 194 7.84 -24.51 -10.23
C ALA E 194 8.66 -25.79 -10.16
N SER E 195 8.07 -26.80 -9.50
CA SER E 195 8.62 -28.12 -9.18
C SER E 195 8.59 -29.04 -10.40
N THR E 196 7.40 -29.31 -10.94
CA THR E 196 7.18 -30.27 -12.06
C THR E 196 7.69 -29.71 -13.40
N VAL E 197 7.45 -28.42 -13.71
CA VAL E 197 7.74 -27.87 -15.04
C VAL E 197 9.14 -27.20 -15.05
N LEU E 198 9.50 -26.35 -14.07
CA LEU E 198 10.85 -25.69 -14.06
C LEU E 198 11.92 -26.60 -13.43
N GLY E 199 11.50 -27.61 -12.67
CA GLY E 199 12.43 -28.56 -12.07
C GLY E 199 13.20 -27.96 -10.92
N LYS E 200 12.63 -26.97 -10.24
CA LYS E 200 13.22 -26.33 -9.05
C LYS E 200 12.68 -26.97 -7.76
N GLN E 201 13.54 -26.97 -6.74
CA GLN E 201 13.18 -27.11 -5.35
C GLN E 201 12.34 -25.87 -4.95
N VAL E 202 11.29 -26.07 -4.17
CA VAL E 202 10.35 -25.04 -3.74
C VAL E 202 10.34 -25.04 -2.22
N VAL E 203 10.57 -23.87 -1.62
CA VAL E 203 10.42 -23.74 -0.18
C VAL E 203 9.38 -22.66 0.12
N ARG E 204 8.48 -22.95 1.05
CA ARG E 204 7.36 -22.06 1.43
C ARG E 204 7.72 -21.30 2.70
N CYS E 205 7.32 -20.02 2.75
CA CYS E 205 7.45 -19.23 3.96
C CYS E 205 6.48 -18.05 3.98
N SER E 206 6.44 -17.38 5.14
CA SER E 206 5.64 -16.21 5.45
C SER E 206 6.27 -14.94 4.87
N ASP E 207 5.46 -13.89 4.82
CA ASP E 207 5.76 -12.58 4.29
C ASP E 207 6.48 -11.74 5.36
N ARG E 208 7.79 -11.92 5.42
CA ARG E 208 8.71 -11.31 6.38
C ARG E 208 10.02 -10.95 5.67
N SER E 209 10.62 -9.81 6.02
CA SER E 209 11.78 -9.23 5.27
C SER E 209 12.93 -10.24 5.22
N GLY E 210 13.39 -10.55 4.01
CA GLY E 210 14.46 -11.49 3.77
C GLY E 210 14.02 -12.94 3.50
N PHE E 211 12.74 -13.28 3.73
CA PHE E 211 12.20 -14.65 3.60
C PHE E 211 13.14 -15.60 4.36
N VAL E 212 13.59 -16.69 3.72
CA VAL E 212 14.48 -17.65 4.40
C VAL E 212 15.95 -17.38 4.03
N VAL E 213 16.28 -17.45 2.73
CA VAL E 213 17.69 -17.43 2.29
C VAL E 213 18.40 -16.07 2.59
N ASN E 214 17.87 -14.97 2.05
CA ASN E 214 18.50 -13.66 2.23
C ASN E 214 18.57 -13.33 3.74
N ALA E 215 17.60 -13.78 4.53
CA ALA E 215 17.57 -13.47 5.95
C ALA E 215 18.76 -14.11 6.70
N LEU E 216 19.29 -15.26 6.21
CA LEU E 216 20.46 -15.92 6.76
C LEU E 216 21.75 -15.40 6.10
N LEU E 217 21.76 -15.24 4.77
CA LEU E 217 22.94 -14.81 4.02
C LEU E 217 23.37 -13.36 4.34
N VAL E 218 22.45 -12.39 4.24
CA VAL E 218 22.84 -10.97 4.24
C VAL E 218 23.52 -10.59 5.56
N PRO E 219 22.99 -10.93 6.76
CA PRO E 219 23.74 -10.64 7.99
C PRO E 219 25.12 -11.31 8.11
N TYR E 220 25.29 -12.50 7.53
CA TYR E 220 26.65 -13.16 7.44
C TYR E 220 27.59 -12.32 6.55
N LEU E 221 27.10 -11.86 5.38
CA LEU E 221 27.94 -11.05 4.48
C LEU E 221 28.32 -9.73 5.20
N LEU E 222 27.35 -9.06 5.86
CA LEU E 222 27.64 -7.77 6.51
C LEU E 222 28.72 -7.97 7.57
N SER E 223 28.70 -9.13 8.21
CA SER E 223 29.64 -9.42 9.27
C SER E 223 31.09 -9.54 8.73
N ALA E 224 31.25 -10.21 7.59
CA ALA E 224 32.54 -10.30 6.91
C ALA E 224 33.06 -8.90 6.52
N ILE E 225 32.14 -8.04 6.04
CA ILE E 225 32.46 -6.66 5.67
C ILE E 225 32.96 -5.88 6.91
N ARG E 226 32.31 -6.08 8.07
CA ARG E 226 32.75 -5.42 9.35
C ARG E 226 34.17 -5.85 9.76
N MET E 227 34.50 -7.11 9.50
CA MET E 227 35.83 -7.63 9.82
C MET E 227 36.89 -6.94 8.96
N VAL E 228 36.60 -6.78 7.67
CA VAL E 228 37.51 -6.13 6.75
C VAL E 228 37.67 -4.65 7.13
N GLU E 229 36.54 -3.98 7.39
CA GLU E 229 36.50 -2.56 7.71
C GLU E 229 37.40 -2.21 8.91
N ALA E 230 37.39 -3.05 9.96
CA ALA E 230 38.15 -2.80 11.20
C ALA E 230 39.60 -3.35 11.14
N GLY E 231 40.02 -3.82 9.97
CA GLY E 231 41.37 -4.36 9.72
C GLY E 231 41.68 -5.62 10.51
N PHE E 232 40.69 -6.39 10.97
CA PHE E 232 40.93 -7.60 11.76
C PHE E 232 41.48 -8.71 10.87
N ALA E 233 41.07 -8.75 9.59
CA ALA E 233 41.67 -9.62 8.57
C ALA E 233 41.47 -8.99 7.19
N THR E 234 42.25 -9.48 6.21
CA THR E 234 42.25 -8.93 4.85
C THR E 234 41.13 -9.60 4.03
N VAL E 235 40.69 -8.90 2.97
CA VAL E 235 39.67 -9.41 2.09
C VAL E 235 40.04 -10.86 1.71
N GLU E 236 41.30 -11.04 1.26
CA GLU E 236 41.80 -12.29 0.70
C GLU E 236 41.83 -13.40 1.76
N ASP E 237 42.22 -13.06 2.99
CA ASP E 237 42.33 -14.06 4.04
C ASP E 237 40.94 -14.51 4.50
N VAL E 238 39.98 -13.58 4.61
CA VAL E 238 38.60 -13.96 5.02
C VAL E 238 38.04 -14.95 4.00
N ASP E 239 38.15 -14.62 2.71
CA ASP E 239 37.56 -15.45 1.66
C ASP E 239 38.21 -16.85 1.63
N LYS E 240 39.51 -16.90 1.90
CA LYS E 240 40.29 -18.14 1.88
C LYS E 240 39.92 -19.05 3.07
N ALA E 241 39.82 -18.46 4.26
CA ALA E 241 39.40 -19.16 5.48
C ALA E 241 38.04 -19.84 5.28
N VAL E 242 37.10 -19.16 4.62
CA VAL E 242 35.75 -19.65 4.47
C VAL E 242 35.67 -20.80 3.45
N VAL E 243 36.27 -20.61 2.26
CA VAL E 243 36.35 -21.62 1.21
C VAL E 243 36.97 -22.91 1.79
N ALA E 244 38.13 -22.80 2.44
CA ALA E 244 38.84 -23.98 2.92
C ALA E 244 38.23 -24.53 4.23
N GLY E 245 37.79 -23.67 5.11
CA GLY E 245 37.31 -24.09 6.41
C GLY E 245 35.89 -24.63 6.39
N LEU E 246 35.01 -24.02 5.58
CA LEU E 246 33.57 -24.37 5.54
C LEU E 246 33.20 -25.06 4.23
N SER E 247 34.13 -25.11 3.26
CA SER E 247 33.92 -25.72 1.97
C SER E 247 32.80 -25.01 1.19
N HIS E 248 32.63 -23.70 1.39
CA HIS E 248 31.75 -22.96 0.52
C HIS E 248 32.43 -22.85 -0.85
N PRO E 249 31.69 -22.74 -1.97
CA PRO E 249 32.31 -22.48 -3.27
C PRO E 249 32.98 -21.11 -3.37
N MET E 250 32.56 -20.14 -2.56
CA MET E 250 32.99 -18.78 -2.70
C MET E 250 32.94 -18.08 -1.35
N GLY E 251 33.97 -17.27 -1.07
CA GLY E 251 34.06 -16.50 0.19
C GLY E 251 33.07 -15.34 0.19
N PRO E 252 32.77 -14.76 1.37
CA PRO E 252 31.71 -13.77 1.49
C PRO E 252 31.99 -12.42 0.81
N LEU E 253 33.27 -12.05 0.58
CA LEU E 253 33.54 -10.76 -0.11
C LEU E 253 33.45 -10.94 -1.64
N ARG E 254 34.00 -12.03 -2.17
CA ARG E 254 33.75 -12.40 -3.57
C ARG E 254 32.24 -12.57 -3.83
N LEU E 255 31.51 -13.18 -2.90
CA LEU E 255 30.06 -13.36 -3.06
C LEU E 255 29.32 -12.01 -3.02
N SER E 256 29.66 -11.12 -2.08
CA SER E 256 29.08 -9.77 -2.02
C SER E 256 29.21 -9.04 -3.39
N ASP E 257 30.41 -9.15 -3.99
CA ASP E 257 30.72 -8.52 -5.29
C ASP E 257 29.77 -9.06 -6.38
N LEU E 258 29.40 -10.34 -6.29
CA LEU E 258 28.56 -11.01 -7.28
C LEU E 258 27.06 -10.67 -7.13
N VAL E 259 26.58 -10.63 -5.89
CA VAL E 259 25.24 -10.19 -5.54
C VAL E 259 25.01 -8.74 -6.01
N GLY E 260 26.07 -7.90 -6.01
CA GLY E 260 25.91 -6.44 -6.24
C GLY E 260 25.82 -5.68 -4.92
N LEU E 261 26.71 -4.68 -4.71
CA LEU E 261 26.80 -4.00 -3.38
C LEU E 261 25.60 -3.06 -3.22
N ASP E 262 25.12 -2.48 -4.34
CA ASP E 262 23.84 -1.72 -4.27
C ASP E 262 22.70 -2.64 -3.81
N THR E 263 22.65 -3.88 -4.33
CA THR E 263 21.58 -4.86 -3.97
C THR E 263 21.64 -5.23 -2.47
N LEU E 264 22.87 -5.49 -2.00
CA LEU E 264 23.11 -5.85 -0.62
C LEU E 264 22.65 -4.74 0.35
N LYS E 265 23.04 -3.50 0.05
CA LYS E 265 22.66 -2.33 0.82
C LYS E 265 21.13 -2.22 0.91
N LEU E 266 20.46 -2.37 -0.23
CA LEU E 266 19.00 -2.23 -0.26
C LEU E 266 18.35 -3.31 0.65
N ILE E 267 18.81 -4.57 0.60
CA ILE E 267 18.22 -5.61 1.44
C ILE E 267 18.51 -5.34 2.93
N ALA E 268 19.74 -4.91 3.24
CA ALA E 268 20.12 -4.55 4.60
C ALA E 268 19.27 -3.38 5.15
N ASP E 269 19.06 -2.32 4.37
CA ASP E 269 18.21 -1.22 4.77
C ASP E 269 16.79 -1.74 5.14
N LYS E 270 16.23 -2.65 4.34
CA LYS E 270 14.87 -3.15 4.62
C LYS E 270 14.85 -4.05 5.87
N MET E 271 15.84 -4.92 6.03
CA MET E 271 15.84 -5.75 7.21
C MET E 271 15.96 -4.88 8.46
N PHE E 272 16.75 -3.79 8.40
CA PHE E 272 16.86 -2.89 9.52
C PHE E 272 15.51 -2.22 9.76
N GLU E 273 14.84 -1.73 8.71
CA GLU E 273 13.56 -0.99 8.90
C GLU E 273 12.56 -1.92 9.60
N GLU E 274 12.53 -3.19 9.22
CA GLU E 274 11.57 -4.19 9.74
C GLU E 274 11.96 -4.64 11.15
N PHE E 275 13.23 -5.00 11.41
CA PHE E 275 13.55 -5.72 12.66
C PHE E 275 14.21 -4.77 13.69
N LYS E 276 14.81 -3.66 13.24
CA LYS E 276 15.45 -2.66 14.14
C LYS E 276 16.71 -3.17 14.88
N GLU E 277 17.35 -4.28 14.47
CA GLU E 277 18.58 -4.78 15.15
C GLU E 277 19.81 -4.20 14.44
N PRO E 278 20.73 -3.47 15.11
CA PRO E 278 21.84 -2.81 14.41
C PRO E 278 22.70 -3.68 13.47
N HIS E 279 22.91 -4.96 13.77
CA HIS E 279 23.76 -5.88 12.97
C HIS E 279 23.13 -6.17 11.58
N TYR E 280 21.85 -5.81 11.36
CA TYR E 280 21.16 -5.97 10.07
C TYR E 280 21.43 -4.77 9.14
N GLY E 281 21.84 -3.64 9.72
CA GLY E 281 22.09 -2.40 9.00
C GLY E 281 23.44 -2.41 8.25
N PRO E 282 23.51 -1.70 7.09
CA PRO E 282 24.72 -1.68 6.26
C PRO E 282 25.87 -0.98 6.98
N PRO E 283 27.03 -1.60 7.07
CA PRO E 283 28.17 -0.92 7.68
C PRO E 283 28.67 0.27 6.86
N PRO E 284 29.37 1.23 7.50
CA PRO E 284 29.86 2.41 6.80
C PRO E 284 30.73 2.14 5.55
N LEU E 285 31.56 1.07 5.54
CA LEU E 285 32.41 0.80 4.36
C LEU E 285 31.53 0.43 3.15
N LEU E 286 30.48 -0.37 3.39
CA LEU E 286 29.49 -0.69 2.32
C LEU E 286 28.81 0.60 1.81
N LEU E 287 28.36 1.49 2.72
CA LEU E 287 27.82 2.81 2.33
C LEU E 287 28.82 3.57 1.45
N ARG E 288 30.08 3.73 1.88
CA ARG E 288 31.05 4.51 1.10
C ARG E 288 31.19 3.85 -0.28
N MET E 289 31.30 2.52 -0.32
CA MET E 289 31.55 1.84 -1.58
C MET E 289 30.39 2.07 -2.59
N VAL E 290 29.13 1.94 -2.14
CA VAL E 290 27.97 2.22 -3.02
C VAL E 290 28.00 3.68 -3.49
N GLU E 291 28.32 4.61 -2.59
CA GLU E 291 28.39 6.03 -2.93
C GLU E 291 29.43 6.27 -4.03
N ALA E 292 30.52 5.50 -4.06
CA ALA E 292 31.60 5.74 -4.99
C ALA E 292 31.30 5.09 -6.34
N GLY E 293 30.23 4.28 -6.38
CA GLY E 293 29.89 3.49 -7.55
C GLY E 293 30.69 2.18 -7.66
N GLN E 294 31.31 1.73 -6.56
CA GLN E 294 32.00 0.43 -6.53
C GLN E 294 30.97 -0.66 -6.16
N LEU E 295 30.37 -1.31 -7.17
CA LEU E 295 29.17 -2.11 -6.96
C LEU E 295 29.44 -3.62 -7.04
N GLY E 296 30.68 -4.00 -7.31
CA GLY E 296 31.02 -5.38 -7.54
C GLY E 296 31.34 -5.65 -9.01
N LYS E 297 31.15 -6.91 -9.42
CA LYS E 297 31.47 -7.40 -10.79
C LYS E 297 30.79 -6.52 -11.84
N LYS E 298 29.58 -6.07 -11.57
CA LYS E 298 28.80 -5.39 -12.55
C LYS E 298 29.33 -3.98 -12.86
N SER E 299 30.16 -3.36 -12.00
CA SER E 299 30.76 -2.03 -12.29
C SER E 299 32.24 -2.19 -12.66
N GLY E 300 32.78 -3.39 -12.49
CA GLY E 300 34.22 -3.59 -12.63
C GLY E 300 35.01 -3.44 -11.33
N ARG E 301 34.41 -3.01 -10.20
CA ARG E 301 35.09 -3.20 -8.92
C ARG E 301 34.16 -3.10 -7.71
N GLY E 302 34.53 -3.90 -6.70
CA GLY E 302 34.01 -3.88 -5.31
C GLY E 302 35.14 -4.24 -4.35
N PHE E 303 35.03 -5.38 -3.64
CA PHE E 303 36.15 -5.90 -2.81
C PHE E 303 37.32 -6.34 -3.72
N TYR E 304 37.01 -6.79 -4.94
CA TYR E 304 38.04 -7.14 -5.95
C TYR E 304 37.86 -6.25 -7.19
N THR E 305 38.85 -6.30 -8.11
CA THR E 305 38.83 -5.68 -9.44
C THR E 305 38.47 -6.72 -10.51
N TYR E 306 37.64 -6.35 -11.49
CA TYR E 306 37.16 -7.25 -12.55
C TYR E 306 37.40 -6.60 -13.93
N ALA E 307 38.25 -7.23 -14.74
CA ALA E 307 38.77 -6.64 -16.03
C ALA E 307 38.04 -7.28 -17.23
N ASP F 23 66.39 -22.97 11.58
CA ASP F 23 65.32 -22.40 10.70
C ASP F 23 64.03 -23.24 10.80
N ALA F 24 64.12 -24.52 10.41
CA ALA F 24 62.98 -25.44 10.16
C ALA F 24 62.62 -26.23 11.43
N ILE F 25 61.42 -26.83 11.41
CA ILE F 25 60.83 -27.58 12.54
C ILE F 25 60.72 -29.07 12.18
N GLN F 26 61.48 -29.94 12.88
CA GLN F 26 61.53 -31.39 12.56
C GLN F 26 61.12 -32.27 13.76
N ARG F 27 61.17 -31.71 14.98
CA ARG F 27 60.68 -32.34 16.21
C ARG F 27 59.40 -31.61 16.64
N VAL F 28 58.30 -32.36 16.77
CA VAL F 28 56.98 -31.83 17.15
C VAL F 28 56.39 -32.68 18.28
N GLY F 29 55.64 -32.00 19.16
CA GLY F 29 54.84 -32.62 20.21
C GLY F 29 53.38 -32.26 20.05
N VAL F 30 52.52 -33.01 20.75
CA VAL F 30 51.07 -32.84 20.70
C VAL F 30 50.50 -33.32 22.04
N VAL F 31 49.97 -32.40 22.84
CA VAL F 31 49.39 -32.74 24.16
C VAL F 31 47.90 -33.01 23.95
N GLY F 32 47.44 -34.20 24.39
CA GLY F 32 46.07 -34.66 24.11
C GLY F 32 46.03 -35.50 22.84
N ALA F 33 45.13 -36.49 22.84
CA ALA F 33 45.02 -37.46 21.74
C ALA F 33 43.57 -37.94 21.59
N GLY F 34 42.62 -37.03 21.81
CA GLY F 34 41.23 -37.17 21.40
C GLY F 34 41.12 -37.06 19.89
N GLN F 35 39.99 -36.53 19.40
CA GLN F 35 39.77 -36.40 17.95
C GLN F 35 40.81 -35.44 17.32
N MET F 36 40.85 -34.21 17.86
CA MET F 36 41.72 -33.14 17.34
C MET F 36 43.20 -33.52 17.46
N GLY F 37 43.60 -33.95 18.67
CA GLY F 37 45.00 -34.34 19.01
C GLY F 37 45.51 -35.55 18.23
N SER F 38 44.66 -36.57 18.06
CA SER F 38 45.01 -37.77 17.27
C SER F 38 45.06 -37.40 15.78
N GLY F 39 44.21 -36.44 15.35
CA GLY F 39 44.25 -35.85 13.98
C GLY F 39 45.56 -35.11 13.68
N ILE F 40 45.90 -34.14 14.55
CA ILE F 40 47.11 -33.29 14.42
C ILE F 40 48.36 -34.19 14.42
N ALA F 41 48.32 -35.25 15.23
CA ALA F 41 49.43 -36.22 15.31
C ALA F 41 49.62 -36.94 13.95
N GLU F 42 48.50 -37.36 13.35
CA GLU F 42 48.49 -38.14 12.09
C GLU F 42 49.14 -37.33 10.96
N VAL F 43 48.62 -36.11 10.74
CA VAL F 43 49.03 -35.27 9.59
C VAL F 43 50.54 -35.00 9.71
N SER F 44 50.99 -34.77 10.94
CA SER F 44 52.36 -34.47 11.25
C SER F 44 53.25 -35.65 10.85
N ALA F 45 52.79 -36.87 11.17
CA ALA F 45 53.55 -38.12 10.91
C ALA F 45 53.62 -38.43 9.41
N ARG F 46 52.51 -38.16 8.70
CA ARG F 46 52.38 -38.37 7.24
C ARG F 46 53.19 -37.30 6.48
N ALA F 47 53.39 -36.12 7.10
CA ALA F 47 54.24 -35.03 6.58
C ALA F 47 55.74 -35.38 6.64
N GLY F 48 56.13 -36.29 7.55
CA GLY F 48 57.49 -36.82 7.70
C GLY F 48 58.21 -36.38 8.97
N VAL F 49 57.45 -36.02 10.02
CA VAL F 49 57.94 -35.31 11.25
C VAL F 49 57.99 -36.28 12.46
N GLU F 50 58.99 -36.11 13.33
CA GLU F 50 59.04 -36.83 14.62
C GLU F 50 58.00 -36.26 15.59
N VAL F 51 57.07 -37.10 16.06
CA VAL F 51 55.99 -36.69 16.97
C VAL F 51 56.03 -37.56 18.23
N THR F 52 55.83 -36.92 19.39
CA THR F 52 55.55 -37.58 20.67
C THR F 52 54.20 -37.07 21.16
N VAL F 53 53.28 -37.99 21.43
CA VAL F 53 51.96 -37.68 21.98
C VAL F 53 52.00 -37.98 23.48
N PHE F 54 51.45 -37.06 24.28
CA PHE F 54 51.45 -37.15 25.72
C PHE F 54 50.00 -37.20 26.22
N GLU F 55 49.76 -38.10 27.18
CA GLU F 55 48.51 -38.17 27.97
C GLU F 55 48.87 -38.60 29.38
N PRO F 56 48.21 -38.08 30.45
CA PRO F 56 48.61 -38.38 31.83
C PRO F 56 48.41 -39.85 32.22
N ALA F 57 47.18 -40.36 32.12
CA ALA F 57 46.84 -41.76 32.45
C ALA F 57 47.19 -42.66 31.26
N GLU F 58 47.59 -43.91 31.55
CA GLU F 58 48.05 -44.89 30.54
C GLU F 58 46.85 -45.47 29.75
N ALA F 59 45.62 -45.28 30.28
CA ALA F 59 44.37 -45.69 29.61
C ALA F 59 44.03 -44.76 28.44
N LEU F 60 44.32 -43.47 28.59
CA LEU F 60 44.02 -42.42 27.59
C LEU F 60 44.96 -42.54 26.37
N ILE F 61 46.23 -42.95 26.59
CA ILE F 61 47.25 -43.12 25.51
C ILE F 61 46.74 -44.11 24.46
N THR F 62 46.33 -45.28 24.96
CA THR F 62 45.97 -46.45 24.17
C THR F 62 44.64 -46.21 23.43
N ALA F 63 43.82 -45.27 23.93
CA ALA F 63 42.56 -44.83 23.28
C ALA F 63 42.84 -43.97 22.03
N GLY F 64 43.98 -43.27 22.05
CA GLY F 64 44.44 -42.38 20.96
C GLY F 64 45.09 -43.17 19.82
N ARG F 65 46.13 -43.95 20.18
CA ARG F 65 46.82 -44.89 19.25
C ARG F 65 45.80 -45.64 18.40
N ASN F 66 44.65 -46.02 19.01
CA ASN F 66 43.49 -46.66 18.35
C ASN F 66 42.93 -45.76 17.25
N ARG F 67 42.54 -44.53 17.63
CA ARG F 67 41.96 -43.56 16.69
C ARG F 67 42.87 -43.40 15.47
N ILE F 68 44.19 -43.34 15.73
CA ILE F 68 45.22 -43.07 14.71
C ILE F 68 45.39 -44.31 13.82
N VAL F 69 45.44 -45.50 14.43
CA VAL F 69 45.61 -46.78 13.69
C VAL F 69 44.32 -47.09 12.91
N LYS F 70 43.13 -46.80 13.49
CA LYS F 70 41.82 -47.12 12.85
C LYS F 70 41.61 -46.22 11.62
N SER F 71 42.24 -45.03 11.66
CA SER F 71 42.10 -43.96 10.64
C SER F 71 43.18 -44.05 9.55
N LEU F 72 44.27 -44.78 9.81
CA LEU F 72 45.26 -45.10 8.76
C LEU F 72 44.83 -46.37 8.01
N GLU F 73 44.01 -47.23 8.67
CA GLU F 73 43.41 -48.46 8.05
C GLU F 73 42.20 -48.10 7.17
N ARG F 74 41.47 -47.01 7.49
CA ARG F 74 40.43 -46.44 6.59
C ARG F 74 41.08 -45.73 5.38
N ALA F 75 42.27 -45.15 5.59
CA ALA F 75 43.03 -44.45 4.55
C ALA F 75 43.80 -45.44 3.66
N VAL F 76 43.85 -46.72 4.05
CA VAL F 76 44.32 -47.83 3.18
C VAL F 76 43.12 -48.48 2.47
N SER F 77 42.02 -48.71 3.21
CA SER F 77 40.75 -49.32 2.72
C SER F 77 40.08 -48.43 1.65
N ALA F 78 40.12 -47.10 1.82
CA ALA F 78 39.64 -46.13 0.82
C ALA F 78 40.74 -45.80 -0.21
N GLY F 79 41.94 -46.38 -0.06
CA GLY F 79 43.01 -46.32 -1.07
C GLY F 79 43.88 -45.07 -0.97
N LYS F 80 43.70 -44.27 0.08
CA LYS F 80 44.34 -42.94 0.25
C LYS F 80 45.87 -43.09 0.34
N VAL F 81 46.37 -43.81 1.37
CA VAL F 81 47.81 -43.94 1.64
C VAL F 81 48.25 -45.36 1.27
N THR F 82 49.46 -45.49 0.73
CA THR F 82 50.10 -46.80 0.48
C THR F 82 50.43 -47.46 1.84
N GLU F 83 50.77 -48.76 1.83
CA GLU F 83 51.04 -49.53 3.06
C GLU F 83 52.50 -49.33 3.50
N ARG F 84 53.38 -48.98 2.56
CA ARG F 84 54.74 -48.52 2.88
C ARG F 84 54.64 -47.26 3.76
N GLU F 85 53.77 -46.32 3.35
CA GLU F 85 53.66 -44.99 3.97
C GLU F 85 53.02 -45.13 5.37
N ARG F 86 52.00 -45.99 5.50
CA ARG F 86 51.24 -46.20 6.77
C ARG F 86 52.18 -46.67 7.91
N ASP F 87 53.14 -47.55 7.60
CA ASP F 87 54.11 -48.06 8.58
C ASP F 87 55.23 -47.03 8.86
N ARG F 88 55.59 -46.21 7.86
CA ARG F 88 56.59 -45.10 8.03
C ARG F 88 56.01 -44.01 8.93
N ALA F 89 54.68 -43.89 8.92
CA ALA F 89 53.91 -42.94 9.75
C ALA F 89 53.81 -43.45 11.20
N LEU F 90 53.54 -44.75 11.38
CA LEU F 90 53.40 -45.35 12.74
C LEU F 90 54.80 -45.55 13.37
N GLY F 91 55.85 -45.54 12.55
CA GLY F 91 57.24 -45.61 13.04
C GLY F 91 57.71 -44.29 13.64
N LEU F 92 57.12 -43.17 13.19
CA LEU F 92 57.50 -41.82 13.63
C LEU F 92 56.67 -41.36 14.85
N LEU F 93 55.61 -42.12 15.22
CA LEU F 93 54.73 -41.80 16.38
C LEU F 93 55.26 -42.42 17.67
N THR F 94 55.97 -41.62 18.47
CA THR F 94 56.28 -41.96 19.85
C THR F 94 55.06 -41.65 20.73
N PHE F 95 54.93 -42.35 21.86
CA PHE F 95 53.92 -42.08 22.90
C PHE F 95 54.64 -41.97 24.25
N THR F 96 53.96 -41.40 25.26
CA THR F 96 54.54 -41.27 26.60
C THR F 96 53.49 -40.72 27.57
N THR F 97 53.63 -41.03 28.86
CA THR F 97 52.86 -40.38 29.94
C THR F 97 53.77 -39.44 30.74
N ASP F 98 54.99 -39.23 30.24
CA ASP F 98 56.03 -38.49 30.91
C ASP F 98 56.27 -37.17 30.15
N LEU F 99 55.88 -36.05 30.77
CA LEU F 99 55.92 -34.72 30.15
C LEU F 99 57.35 -34.35 29.74
N ASN F 100 58.33 -34.71 30.60
CA ASN F 100 59.74 -34.35 30.42
C ASN F 100 60.26 -34.86 29.07
N ASP F 101 59.54 -35.82 28.48
CA ASP F 101 59.91 -36.42 27.20
C ASP F 101 59.84 -35.34 26.10
N LEU F 102 59.12 -34.25 26.37
CA LEU F 102 58.89 -33.21 25.40
C LEU F 102 59.96 -32.09 25.48
N SER F 103 61.07 -32.36 26.18
CA SER F 103 62.08 -31.32 26.50
C SER F 103 62.76 -30.76 25.23
N ASP F 104 62.94 -31.61 24.23
CA ASP F 104 63.79 -31.30 23.08
C ASP F 104 62.95 -30.80 21.89
N ARG F 105 61.62 -30.79 22.06
CA ARG F 105 60.67 -30.42 20.97
C ARG F 105 60.97 -29.00 20.48
N GLN F 106 60.56 -28.71 19.23
CA GLN F 106 60.69 -27.36 18.62
C GLN F 106 59.33 -26.67 18.51
N LEU F 107 58.23 -27.44 18.50
CA LEU F 107 56.87 -26.92 18.48
C LEU F 107 55.94 -27.88 19.20
N VAL F 108 55.30 -27.42 20.27
CA VAL F 108 54.27 -28.21 20.94
C VAL F 108 52.90 -27.56 20.65
N ILE F 109 51.88 -28.43 20.49
CA ILE F 109 50.55 -28.06 20.09
C ILE F 109 49.57 -28.74 21.06
N GLU F 110 48.82 -27.91 21.80
CA GLU F 110 47.95 -28.40 22.89
C GLU F 110 46.54 -28.57 22.33
N ALA F 111 45.84 -29.64 22.76
CA ALA F 111 44.50 -29.99 22.29
C ALA F 111 43.77 -30.86 23.33
N VAL F 112 43.56 -30.29 24.52
CA VAL F 112 42.77 -30.91 25.59
C VAL F 112 41.40 -30.20 25.67
N VAL F 113 40.68 -30.54 26.75
CA VAL F 113 39.37 -29.98 27.18
C VAL F 113 39.47 -28.46 27.31
N GLU F 114 38.32 -27.77 27.11
CA GLU F 114 38.22 -26.32 27.15
C GLU F 114 38.00 -25.87 28.59
N ASP F 115 39.11 -25.72 29.31
CA ASP F 115 39.11 -25.27 30.70
C ASP F 115 40.24 -24.24 30.84
N GLU F 116 39.87 -22.96 31.01
CA GLU F 116 40.82 -21.88 31.33
C GLU F 116 41.84 -22.42 32.34
N ALA F 117 41.34 -23.13 33.36
CA ALA F 117 42.12 -23.59 34.52
C ALA F 117 43.07 -24.75 34.18
N VAL F 118 42.73 -25.59 33.19
CA VAL F 118 43.53 -26.81 32.87
C VAL F 118 44.67 -26.45 31.91
N LYS F 119 44.39 -25.62 30.88
CA LYS F 119 45.40 -25.21 29.89
C LYS F 119 46.48 -24.33 30.53
N SER F 120 46.11 -23.58 31.57
CA SER F 120 47.09 -22.83 32.39
C SER F 120 48.07 -23.80 33.09
N GLU F 121 47.51 -24.85 33.73
CA GLU F 121 48.27 -25.87 34.49
C GLU F 121 49.28 -26.57 33.57
N ILE F 122 48.90 -26.71 32.28
CA ILE F 122 49.67 -27.38 31.22
C ILE F 122 50.72 -26.42 30.63
N PHE F 123 50.30 -25.22 30.24
CA PHE F 123 51.21 -24.28 29.57
C PHE F 123 52.32 -23.83 30.53
N ALA F 124 52.03 -23.76 31.84
CA ALA F 124 53.06 -23.48 32.89
C ALA F 124 54.18 -24.52 32.83
N GLU F 125 53.77 -25.80 32.74
CA GLU F 125 54.69 -26.93 32.83
C GLU F 125 55.41 -27.14 31.49
N LEU F 126 54.72 -26.88 30.37
CA LEU F 126 55.38 -26.88 29.05
C LEU F 126 56.51 -25.85 29.03
N ASP F 127 56.27 -24.71 29.67
CA ASP F 127 57.16 -23.57 29.65
C ASP F 127 58.47 -23.89 30.39
N ARG F 128 58.38 -24.66 31.47
CA ARG F 128 59.52 -25.02 32.33
C ARG F 128 60.34 -26.17 31.69
N VAL F 129 59.66 -26.99 30.89
CA VAL F 129 60.18 -28.25 30.37
C VAL F 129 60.93 -28.01 29.04
N VAL F 130 60.30 -27.26 28.12
CA VAL F 130 60.94 -26.90 26.86
C VAL F 130 61.90 -25.75 27.14
N THR F 131 63.20 -25.96 26.99
CA THR F 131 64.21 -24.96 27.34
C THR F 131 64.68 -24.17 26.13
N ASP F 132 64.40 -24.68 24.93
CA ASP F 132 64.81 -24.08 23.64
C ASP F 132 64.21 -22.66 23.52
N PRO F 133 65.04 -21.60 23.32
CA PRO F 133 64.53 -20.22 23.27
C PRO F 133 63.82 -19.79 21.98
N ASP F 134 64.00 -20.57 20.91
CA ASP F 134 63.36 -20.38 19.60
C ASP F 134 62.21 -21.35 19.41
N ALA F 135 61.92 -22.15 20.44
CA ALA F 135 60.77 -23.04 20.43
C ALA F 135 59.46 -22.23 20.42
N VAL F 136 58.36 -22.93 20.14
CA VAL F 136 57.02 -22.37 19.96
C VAL F 136 56.03 -23.29 20.67
N LEU F 137 55.15 -22.71 21.49
CA LEU F 137 54.11 -23.42 22.22
C LEU F 137 52.74 -22.90 21.76
N ALA F 138 51.98 -23.78 21.07
CA ALA F 138 50.77 -23.41 20.37
C ALA F 138 49.54 -24.01 21.06
N SER F 139 48.43 -23.25 21.03
CA SER F 139 47.14 -23.67 21.54
C SER F 139 46.17 -23.89 20.36
N ASN F 140 45.43 -25.00 20.42
CA ASN F 140 44.36 -25.36 19.46
C ASN F 140 42.97 -24.93 19.99
N THR F 141 42.93 -24.17 21.09
CA THR F 141 41.65 -23.70 21.69
C THR F 141 40.85 -22.84 20.70
N SER F 142 39.51 -22.96 20.82
CA SER F 142 38.47 -22.12 20.13
C SER F 142 38.14 -20.85 20.93
N SER F 143 38.03 -21.07 22.25
CA SER F 143 37.12 -20.36 23.17
C SER F 143 37.89 -19.61 24.28
N ILE F 144 39.08 -20.11 24.68
CA ILE F 144 39.93 -19.44 25.69
C ILE F 144 40.87 -18.50 24.94
N PRO F 145 40.99 -17.22 25.37
CA PRO F 145 41.90 -16.26 24.71
C PRO F 145 43.38 -16.68 24.75
N ILE F 146 44.06 -16.63 23.60
CA ILE F 146 45.51 -17.00 23.53
C ILE F 146 46.28 -16.28 24.65
N MET F 147 46.07 -14.97 24.82
CA MET F 147 46.89 -14.14 25.72
C MET F 147 46.78 -14.63 27.17
N LYS F 148 45.65 -15.26 27.54
CA LYS F 148 45.46 -15.84 28.92
C LYS F 148 46.36 -17.08 29.12
N VAL F 149 46.41 -17.97 28.12
CA VAL F 149 47.25 -19.16 28.28
C VAL F 149 48.72 -18.71 28.35
N ALA F 150 49.14 -17.81 27.45
CA ALA F 150 50.52 -17.28 27.43
C ALA F 150 50.87 -16.64 28.79
N ALA F 151 49.89 -15.98 29.43
CA ALA F 151 50.10 -15.29 30.73
C ALA F 151 50.43 -16.29 31.87
N ALA F 152 50.23 -17.59 31.62
CA ALA F 152 50.54 -18.62 32.59
C ALA F 152 52.00 -19.08 32.47
N THR F 153 52.68 -18.72 31.36
CA THR F 153 54.10 -19.05 31.14
C THR F 153 54.99 -17.94 31.69
N LYS F 154 56.30 -18.21 31.79
CA LYS F 154 57.32 -17.23 32.16
C LYS F 154 58.07 -16.67 30.94
N GLN F 155 57.78 -17.21 29.74
CA GLN F 155 58.27 -16.67 28.43
C GLN F 155 57.06 -16.56 27.48
N PRO F 156 56.19 -15.53 27.63
CA PRO F 156 54.99 -15.40 26.81
C PRO F 156 55.21 -15.18 25.31
N GLN F 157 56.39 -14.65 24.93
CA GLN F 157 56.75 -14.29 23.54
C GLN F 157 56.88 -15.55 22.66
N ARG F 158 56.94 -16.72 23.31
CA ARG F 158 57.05 -18.03 22.65
C ARG F 158 55.69 -18.55 22.16
N VAL F 159 54.58 -17.90 22.55
CA VAL F 159 53.24 -18.50 22.49
C VAL F 159 52.39 -17.87 21.37
N LEU F 160 51.67 -18.74 20.65
CA LEU F 160 50.67 -18.35 19.62
C LEU F 160 49.53 -19.38 19.56
N GLY F 161 48.45 -19.01 18.83
CA GLY F 161 47.36 -19.91 18.49
C GLY F 161 47.64 -20.64 17.19
N LEU F 162 47.43 -21.97 17.20
CA LEU F 162 47.36 -22.74 15.97
C LEU F 162 46.12 -23.65 16.00
N HIS F 163 45.06 -23.10 15.38
CA HIS F 163 43.68 -23.59 15.39
C HIS F 163 43.43 -24.39 14.10
N PHE F 164 43.26 -25.71 14.26
CA PHE F 164 43.01 -26.73 13.21
C PHE F 164 41.49 -27.01 13.11
N PHE F 165 41.09 -27.77 12.09
CA PHE F 165 39.67 -28.05 11.78
C PHE F 165 39.49 -29.54 11.41
N ASN F 166 38.59 -30.22 12.14
CA ASN F 166 38.27 -31.63 11.98
C ASN F 166 37.52 -31.84 10.66
N PRO F 167 37.81 -32.94 9.92
CA PRO F 167 38.90 -33.88 10.14
C PRO F 167 40.25 -33.33 9.70
N VAL F 168 41.25 -33.39 10.58
CA VAL F 168 42.50 -32.62 10.44
C VAL F 168 43.35 -33.12 9.26
N PRO F 169 43.44 -34.44 8.99
CA PRO F 169 44.23 -34.93 7.85
C PRO F 169 43.73 -34.42 6.49
N VAL F 170 42.44 -34.06 6.40
CA VAL F 170 41.75 -33.58 5.17
C VAL F 170 41.90 -32.05 5.04
N LEU F 171 41.08 -31.33 5.80
CA LEU F 171 40.82 -29.90 5.70
C LEU F 171 42.11 -29.07 5.69
N PRO F 172 42.43 -28.39 4.56
CA PRO F 172 43.74 -27.77 4.38
C PRO F 172 43.80 -26.34 4.95
N LEU F 173 43.38 -26.17 6.22
CA LEU F 173 43.37 -24.87 6.91
C LEU F 173 43.88 -25.00 8.37
N VAL F 174 44.69 -24.00 8.77
CA VAL F 174 44.94 -23.55 10.18
C VAL F 174 44.78 -22.02 10.30
N GLU F 175 44.28 -21.58 11.45
CA GLU F 175 44.34 -20.15 11.82
C GLU F 175 45.59 -19.93 12.69
N LEU F 176 46.41 -18.94 12.31
CA LEU F 176 47.60 -18.49 13.08
C LEU F 176 47.31 -17.15 13.77
N VAL F 177 47.22 -17.16 15.11
CA VAL F 177 46.89 -15.97 15.93
C VAL F 177 48.13 -15.46 16.72
N ARG F 178 48.62 -14.25 16.39
CA ARG F 178 49.56 -13.51 17.23
C ARG F 178 48.81 -12.83 18.41
N THR F 179 49.42 -12.86 19.61
CA THR F 179 49.02 -12.05 20.78
C THR F 179 49.61 -10.65 20.64
N LEU F 180 49.47 -9.82 21.69
CA LEU F 180 50.18 -8.50 21.84
C LEU F 180 51.71 -8.63 21.88
N VAL F 181 52.26 -9.80 22.24
CA VAL F 181 53.72 -9.92 22.54
C VAL F 181 54.41 -11.04 21.71
N THR F 182 53.66 -11.95 21.08
CA THR F 182 54.26 -13.04 20.27
C THR F 182 55.46 -12.52 19.47
N ASP F 183 56.59 -13.24 19.54
CA ASP F 183 57.78 -12.85 18.78
C ASP F 183 57.54 -13.10 17.28
N GLU F 184 57.90 -12.12 16.43
CA GLU F 184 57.71 -12.17 14.95
C GLU F 184 58.38 -13.42 14.35
N ALA F 185 59.62 -13.73 14.79
CA ALA F 185 60.38 -14.88 14.29
C ALA F 185 59.66 -16.22 14.56
N ALA F 186 59.00 -16.32 15.73
CA ALA F 186 58.37 -17.57 16.16
C ALA F 186 57.02 -17.81 15.44
N ALA F 187 56.34 -16.73 15.03
CA ALA F 187 55.17 -16.83 14.15
C ALA F 187 55.63 -17.19 12.72
N ALA F 188 56.68 -16.52 12.23
CA ALA F 188 57.31 -16.83 10.92
C ALA F 188 57.48 -18.35 10.77
N ARG F 189 58.31 -18.92 11.66
CA ARG F 189 58.68 -20.34 11.64
C ARG F 189 57.42 -21.19 11.75
N THR F 190 56.49 -20.80 12.64
CA THR F 190 55.25 -21.57 12.85
C THR F 190 54.41 -21.56 11.55
N GLU F 191 54.40 -20.45 10.83
CA GLU F 191 53.74 -20.32 9.49
C GLU F 191 54.41 -21.21 8.42
N GLU F 192 55.74 -21.15 8.33
CA GLU F 192 56.46 -21.90 7.30
C GLU F 192 56.14 -23.40 7.44
N PHE F 193 56.10 -23.92 8.68
CA PHE F 193 55.86 -25.35 8.97
C PHE F 193 54.46 -25.82 8.51
N ALA F 194 53.43 -24.99 8.71
CA ALA F 194 52.04 -25.35 8.35
C ALA F 194 51.81 -25.32 6.82
N SER F 195 52.43 -24.35 6.13
CA SER F 195 52.54 -24.29 4.62
C SER F 195 53.38 -25.46 4.08
N THR F 196 54.69 -25.36 4.31
CA THR F 196 55.68 -26.28 3.78
C THR F 196 55.27 -27.71 4.11
N VAL F 197 55.41 -28.10 5.39
CA VAL F 197 55.51 -29.51 5.82
C VAL F 197 54.14 -30.18 5.91
N LEU F 198 53.07 -29.43 6.26
CA LEU F 198 51.74 -30.03 6.45
C LEU F 198 50.82 -29.76 5.24
N GLY F 199 51.22 -28.84 4.35
CA GLY F 199 50.48 -28.53 3.10
C GLY F 199 49.12 -27.89 3.36
N LYS F 200 49.04 -26.98 4.33
CA LYS F 200 47.79 -26.32 4.74
C LYS F 200 47.89 -24.80 4.49
N GLN F 201 46.76 -24.20 4.08
CA GLN F 201 46.61 -22.76 4.00
C GLN F 201 46.65 -22.17 5.43
N VAL F 202 47.21 -20.98 5.56
CA VAL F 202 47.36 -20.34 6.85
C VAL F 202 46.71 -18.95 6.77
N VAL F 203 45.81 -18.69 7.71
CA VAL F 203 45.08 -17.42 7.79
C VAL F 203 45.49 -16.68 9.06
N ARG F 204 45.77 -15.36 8.93
CA ARG F 204 46.13 -14.44 10.05
C ARG F 204 44.96 -13.55 10.50
N CYS F 205 44.89 -13.35 11.83
CA CYS F 205 43.93 -12.45 12.47
C CYS F 205 44.39 -12.11 13.89
N SER F 206 43.64 -11.20 14.56
CA SER F 206 43.93 -10.72 15.92
C SER F 206 43.38 -11.75 16.93
N ASP F 207 43.87 -11.67 18.16
CA ASP F 207 43.42 -12.47 19.29
C ASP F 207 42.02 -11.96 19.75
N ARG F 208 40.99 -12.35 19.00
CA ARG F 208 39.58 -12.06 19.33
C ARG F 208 38.79 -13.37 19.35
N SER F 209 37.76 -13.44 20.19
CA SER F 209 36.93 -14.61 20.33
C SER F 209 36.27 -15.05 18.99
N GLY F 210 36.42 -16.34 18.66
CA GLY F 210 35.98 -16.96 17.40
C GLY F 210 36.93 -16.74 16.21
N PHE F 211 37.99 -15.95 16.35
CA PHE F 211 38.94 -15.64 15.25
C PHE F 211 38.17 -15.20 14.00
N VAL F 212 38.41 -15.87 12.86
CA VAL F 212 37.68 -15.57 11.57
C VAL F 212 36.51 -16.56 11.36
N VAL F 213 36.83 -17.84 11.25
CA VAL F 213 35.88 -18.85 10.76
C VAL F 213 34.72 -19.01 11.75
N ASN F 214 35.01 -19.30 13.02
CA ASN F 214 33.94 -19.48 14.01
C ASN F 214 33.14 -18.18 14.23
N ALA F 215 33.78 -16.99 14.21
CA ALA F 215 33.06 -15.71 14.44
C ALA F 215 32.05 -15.40 13.32
N LEU F 216 32.24 -15.98 12.12
CA LEU F 216 31.27 -15.93 10.99
C LEU F 216 30.27 -17.09 11.06
N LEU F 217 30.78 -18.32 11.29
CA LEU F 217 29.95 -19.57 11.31
C LEU F 217 28.92 -19.52 12.44
N VAL F 218 29.36 -19.24 13.67
CA VAL F 218 28.50 -19.50 14.81
C VAL F 218 27.27 -18.59 14.79
N PRO F 219 27.34 -17.24 14.65
CA PRO F 219 26.14 -16.41 14.60
C PRO F 219 25.14 -16.79 13.49
N TYR F 220 25.65 -17.32 12.37
CA TYR F 220 24.83 -17.79 11.25
C TYR F 220 24.08 -19.04 11.71
N LEU F 221 24.76 -19.98 12.36
CA LEU F 221 24.07 -21.17 12.87
C LEU F 221 22.99 -20.73 13.86
N LEU F 222 23.29 -19.79 14.78
CA LEU F 222 22.27 -19.44 15.82
C LEU F 222 21.05 -18.80 15.15
N SER F 223 21.28 -18.08 14.05
CA SER F 223 20.22 -17.42 13.34
C SER F 223 19.26 -18.41 12.65
N ALA F 224 19.79 -19.51 12.09
CA ALA F 224 18.97 -20.63 11.60
C ALA F 224 18.14 -21.27 12.72
N ILE F 225 18.73 -21.47 13.88
CA ILE F 225 18.06 -22.06 15.04
C ILE F 225 16.89 -21.17 15.48
N ARG F 226 17.10 -19.84 15.55
CA ARG F 226 15.99 -18.91 15.94
C ARG F 226 14.82 -18.98 14.93
N MET F 227 15.13 -19.13 13.64
CA MET F 227 14.13 -19.26 12.62
C MET F 227 13.26 -20.53 12.85
N VAL F 228 13.91 -21.67 13.21
CA VAL F 228 13.17 -22.91 13.51
C VAL F 228 12.33 -22.71 14.79
N GLU F 229 12.92 -22.10 15.81
CA GLU F 229 12.29 -21.89 17.13
C GLU F 229 11.00 -21.08 16.97
N ALA F 230 11.01 -20.06 16.08
CA ALA F 230 9.86 -19.13 15.89
C ALA F 230 8.78 -19.69 14.92
N GLY F 231 8.91 -20.95 14.50
CA GLY F 231 8.03 -21.61 13.51
C GLY F 231 8.00 -20.92 12.14
N PHE F 232 9.02 -20.12 11.78
CA PHE F 232 9.04 -19.41 10.50
C PHE F 232 9.29 -20.37 9.30
N ALA F 233 10.05 -21.44 9.53
CA ALA F 233 10.27 -22.52 8.60
C ALA F 233 10.76 -23.78 9.35
N THR F 234 10.58 -24.97 8.77
CA THR F 234 10.96 -26.23 9.43
C THR F 234 12.47 -26.47 9.27
N VAL F 235 12.99 -27.42 10.06
CA VAL F 235 14.39 -27.85 10.02
C VAL F 235 14.75 -28.20 8.57
N GLU F 236 13.93 -29.04 7.96
CA GLU F 236 14.22 -29.61 6.67
C GLU F 236 14.20 -28.52 5.60
N ASP F 237 13.25 -27.58 5.70
CA ASP F 237 13.09 -26.52 4.67
C ASP F 237 14.25 -25.50 4.72
N VAL F 238 14.73 -25.18 5.92
CA VAL F 238 15.89 -24.24 6.04
C VAL F 238 17.13 -24.90 5.40
N ASP F 239 17.41 -26.18 5.74
CA ASP F 239 18.58 -26.90 5.21
C ASP F 239 18.46 -26.99 3.68
N LYS F 240 17.26 -27.28 3.20
CA LYS F 240 16.99 -27.45 1.78
C LYS F 240 17.25 -26.13 1.03
N ALA F 241 16.77 -25.03 1.62
CA ALA F 241 16.95 -23.69 1.03
C ALA F 241 18.44 -23.34 0.91
N VAL F 242 19.21 -23.64 1.96
CA VAL F 242 20.60 -23.23 1.97
C VAL F 242 21.45 -24.06 1.00
N VAL F 243 21.22 -25.39 0.93
CA VAL F 243 21.95 -26.25 0.00
C VAL F 243 21.62 -25.86 -1.46
N ALA F 244 20.32 -25.75 -1.80
CA ALA F 244 19.94 -25.46 -3.19
C ALA F 244 20.31 -24.01 -3.58
N GLY F 245 20.08 -23.07 -2.66
CA GLY F 245 20.19 -21.63 -2.90
C GLY F 245 21.60 -21.08 -2.80
N LEU F 246 22.39 -21.55 -1.82
CA LEU F 246 23.77 -21.08 -1.61
C LEU F 246 24.82 -22.14 -1.99
N SER F 247 24.42 -23.38 -2.32
CA SER F 247 25.37 -24.45 -2.74
C SER F 247 26.37 -24.80 -1.62
N HIS F 248 25.97 -24.66 -0.36
CA HIS F 248 26.76 -25.23 0.71
C HIS F 248 26.59 -26.75 0.64
N PRO F 249 27.60 -27.55 1.06
CA PRO F 249 27.46 -29.00 1.10
C PRO F 249 26.42 -29.47 2.14
N MET F 250 26.17 -28.67 3.19
CA MET F 250 25.33 -29.05 4.29
C MET F 250 24.60 -27.81 4.82
N GLY F 251 23.30 -27.96 5.10
CA GLY F 251 22.51 -26.91 5.71
C GLY F 251 22.88 -26.68 7.17
N PRO F 252 22.47 -25.54 7.75
CA PRO F 252 22.92 -25.12 9.07
C PRO F 252 22.45 -25.97 10.27
N LEU F 253 21.30 -26.64 10.16
CA LEU F 253 20.82 -27.48 11.29
C LEU F 253 21.55 -28.83 11.25
N ARG F 254 21.75 -29.39 10.06
CA ARG F 254 22.61 -30.57 9.90
C ARG F 254 24.03 -30.26 10.42
N LEU F 255 24.59 -29.12 10.03
CA LEU F 255 25.96 -28.73 10.44
C LEU F 255 26.05 -28.55 11.97
N SER F 256 25.06 -27.88 12.58
CA SER F 256 24.99 -27.74 14.04
C SER F 256 25.09 -29.11 14.74
N ASP F 257 24.34 -30.11 14.25
CA ASP F 257 24.37 -31.49 14.80
C ASP F 257 25.82 -32.05 14.75
N LEU F 258 26.58 -31.70 13.69
CA LEU F 258 27.93 -32.23 13.41
C LEU F 258 28.96 -31.50 14.29
N VAL F 259 28.83 -30.18 14.43
CA VAL F 259 29.66 -29.42 15.35
C VAL F 259 29.46 -29.93 16.79
N GLY F 260 28.24 -30.39 17.09
CA GLY F 260 27.84 -30.72 18.44
C GLY F 260 27.18 -29.53 19.11
N LEU F 261 26.00 -29.77 19.75
CA LEU F 261 25.19 -28.65 20.26
C LEU F 261 25.75 -28.10 21.57
N ASP F 262 26.40 -28.93 22.38
CA ASP F 262 27.16 -28.47 23.55
C ASP F 262 28.34 -27.58 23.12
N THR F 263 29.11 -28.06 22.15
CA THR F 263 30.22 -27.26 21.58
C THR F 263 29.71 -25.89 21.12
N LEU F 264 28.61 -25.87 20.36
CA LEU F 264 28.03 -24.63 19.78
C LEU F 264 27.55 -23.68 20.89
N LYS F 265 26.90 -24.23 21.93
CA LYS F 265 26.48 -23.42 23.06
C LYS F 265 27.70 -22.78 23.74
N LEU F 266 28.78 -23.54 23.95
CA LEU F 266 29.97 -23.01 24.64
C LEU F 266 30.62 -21.83 23.89
N ILE F 267 30.76 -21.94 22.55
CA ILE F 267 31.35 -20.87 21.72
C ILE F 267 30.46 -19.60 21.73
N ALA F 268 29.14 -19.80 21.62
CA ALA F 268 28.20 -18.74 21.70
C ALA F 268 28.33 -18.02 23.03
N ASP F 269 28.41 -18.76 24.13
CA ASP F 269 28.52 -18.09 25.45
C ASP F 269 29.79 -17.23 25.48
N LYS F 270 30.92 -17.75 24.97
CA LYS F 270 32.20 -17.01 25.00
C LYS F 270 32.11 -15.73 24.16
N MET F 271 31.50 -15.81 22.96
CA MET F 271 31.34 -14.66 22.08
C MET F 271 30.45 -13.59 22.75
N PHE F 272 29.34 -14.02 23.39
CA PHE F 272 28.47 -13.08 24.11
C PHE F 272 29.28 -12.35 25.20
N GLU F 273 30.05 -13.09 26.01
CA GLU F 273 30.83 -12.48 27.10
C GLU F 273 31.81 -11.42 26.55
N GLU F 274 32.44 -11.68 25.40
CA GLU F 274 33.42 -10.72 24.78
C GLU F 274 32.74 -9.50 24.16
N PHE F 275 31.72 -9.70 23.32
CA PHE F 275 31.18 -8.67 22.43
C PHE F 275 29.88 -8.05 22.99
N LYS F 276 29.10 -8.78 23.80
CA LYS F 276 27.93 -8.29 24.57
C LYS F 276 26.67 -8.09 23.72
N GLU F 277 26.69 -8.51 22.44
CA GLU F 277 25.54 -8.30 21.53
C GLU F 277 24.62 -9.51 21.57
N PRO F 278 23.29 -9.30 21.72
CA PRO F 278 22.35 -10.40 21.95
C PRO F 278 22.31 -11.53 20.92
N HIS F 279 22.58 -11.23 19.64
CA HIS F 279 22.55 -12.20 18.50
C HIS F 279 23.68 -13.26 18.62
N TYR F 280 24.66 -12.99 19.50
CA TYR F 280 25.77 -13.90 19.79
C TYR F 280 25.34 -14.93 20.84
N GLY F 281 24.36 -14.60 21.69
CA GLY F 281 23.96 -15.45 22.79
C GLY F 281 23.16 -16.67 22.33
N PRO F 282 23.26 -17.81 23.05
CA PRO F 282 22.56 -19.03 22.65
C PRO F 282 21.06 -18.87 22.77
N PRO F 283 20.28 -19.20 21.73
CA PRO F 283 18.83 -19.09 21.81
C PRO F 283 18.21 -20.15 22.73
N PRO F 284 17.03 -19.82 23.30
CA PRO F 284 16.36 -20.74 24.24
C PRO F 284 16.20 -22.19 23.75
N LEU F 285 15.93 -22.44 22.47
CA LEU F 285 15.77 -23.84 21.94
C LEU F 285 17.10 -24.63 22.01
N LEU F 286 18.23 -23.95 21.78
CA LEU F 286 19.55 -24.54 21.91
C LEU F 286 19.82 -24.93 23.37
N LEU F 287 19.51 -24.01 24.30
CA LEU F 287 19.62 -24.29 25.75
C LEU F 287 18.80 -25.54 26.14
N ARG F 288 17.52 -25.63 25.76
CA ARG F 288 16.69 -26.76 26.20
C ARG F 288 17.28 -28.07 25.66
N MET F 289 17.68 -28.06 24.39
CA MET F 289 18.19 -29.25 23.74
C MET F 289 19.43 -29.76 24.48
N VAL F 290 20.35 -28.86 24.85
CA VAL F 290 21.58 -29.24 25.56
C VAL F 290 21.20 -29.79 26.95
N GLU F 291 20.29 -29.11 27.62
CA GLU F 291 19.81 -29.56 28.96
C GLU F 291 19.22 -30.97 28.89
N ALA F 292 18.57 -31.33 27.77
CA ALA F 292 17.96 -32.65 27.58
C ALA F 292 18.99 -33.70 27.11
N GLY F 293 20.26 -33.32 26.92
CA GLY F 293 21.28 -34.22 26.35
C GLY F 293 21.09 -34.51 24.86
N GLN F 294 20.39 -33.64 24.13
CA GLN F 294 20.28 -33.77 22.68
C GLN F 294 21.46 -32.99 22.05
N LEU F 295 22.59 -33.67 21.82
CA LEU F 295 23.85 -32.97 21.53
C LEU F 295 24.20 -33.05 20.03
N GLY F 296 23.35 -33.71 19.22
CA GLY F 296 23.57 -33.85 17.78
C GLY F 296 24.02 -35.25 17.43
N LYS F 297 24.87 -35.41 16.39
CA LYS F 297 25.28 -36.72 15.89
C LYS F 297 25.91 -37.54 17.03
N LYS F 298 26.80 -36.93 17.82
CA LYS F 298 27.53 -37.70 18.83
C LYS F 298 26.61 -38.28 19.92
N SER F 299 25.36 -37.80 20.09
CA SER F 299 24.46 -38.38 21.14
C SER F 299 23.30 -39.22 20.54
N GLY F 300 23.16 -39.21 19.22
CA GLY F 300 22.09 -39.93 18.57
C GLY F 300 20.91 -39.03 18.22
N ARG F 301 20.88 -37.79 18.74
CA ARG F 301 19.87 -36.84 18.28
C ARG F 301 20.21 -35.38 18.65
N GLY F 302 19.88 -34.54 17.67
CA GLY F 302 19.79 -33.11 17.78
C GLY F 302 18.60 -32.62 16.97
N PHE F 303 18.84 -31.83 15.93
CA PHE F 303 17.78 -31.41 15.04
C PHE F 303 17.31 -32.62 14.24
N TYR F 304 18.17 -33.63 14.03
CA TYR F 304 17.81 -34.88 13.34
C TYR F 304 18.13 -36.05 14.29
N THR F 305 17.69 -37.27 13.89
CA THR F 305 17.98 -38.56 14.55
C THR F 305 19.11 -39.27 13.80
N TYR F 306 19.99 -39.97 14.55
CA TYR F 306 21.16 -40.67 13.96
C TYR F 306 21.17 -42.12 14.46
N ALA F 307 21.24 -43.08 13.53
CA ALA F 307 21.00 -44.54 13.76
C ALA F 307 22.30 -45.31 13.60
#